data_6FVQ
#
_entry.id   6FVQ
#
_cell.length_a   216.237
_cell.length_b   112.475
_cell.length_c   144.461
_cell.angle_alpha   90.00
_cell.angle_beta   113.80
_cell.angle_gamma   90.00
#
_symmetry.space_group_name_H-M   'C 1 2 1'
#
loop_
_entity.id
_entity.type
_entity.pdbx_description
1 polymer 'Cys-loop ligand-gated ion channel'
2 non-polymer 'TETRAETHYLENE GLYCOL'
3 non-polymer 'nonyl beta-D-glucopyranoside'
#
_entity_poly.entity_id   1
_entity_poly.type   'polypeptide(L)'
_entity_poly.pdbx_seq_one_letter_code
;MASLAAEPSDVFIGLKIDQITGINQKEENFSVVGSLRIDWRQPLLAFEHAPGEPKHRTYTLATFLKLLEEKQIRWPAFTY
HNQQGAMDFQNRLISLSEDGTVMYLERFTSTFQAPAFDFRLFPFDNQLFFIHVDSIFPQHLFRFQEMQGFSGLGDQLGEE
EWIVTEVNTHLTTHNEFTKGDASRFVLEFHAERHLNYYLMRILIPVLLIITVSWFTFFLQDYTKRIDLAGGNLLLFIAFN
FTISSDLPRLGYITLMDAFLVGTFIITALVVLGNVWLRRLENHGKQALARKLDIYAITSYPLAYLLGALTLWLLFFWRSY
;
_entity_poly.pdbx_strand_id   A,B,C,D,E
#
loop_
_chem_comp.id
_chem_comp.type
_chem_comp.name
_chem_comp.formula
BNG D-saccharide 'nonyl beta-D-glucopyranoside' 'C15 H30 O6'
PG4 non-polymer 'TETRAETHYLENE GLYCOL' 'C8 H18 O5'
#
# COMPACT_ATOMS: atom_id res chain seq x y z
N GLU A 7 -16.17 -4.15 48.85
CA GLU A 7 -15.20 -5.18 48.47
C GLU A 7 -15.07 -5.27 46.95
N PRO A 8 -13.93 -5.81 46.41
CA PRO A 8 -13.80 -5.88 44.92
C PRO A 8 -14.45 -7.09 44.25
N SER A 9 -15.10 -6.86 43.07
CA SER A 9 -15.76 -7.92 42.31
C SER A 9 -14.83 -8.59 41.30
N ASP A 10 -14.82 -9.94 41.29
CA ASP A 10 -14.00 -10.76 40.40
C ASP A 10 -14.53 -10.70 38.96
N VAL A 11 -13.64 -10.32 38.04
CA VAL A 11 -13.92 -10.20 36.62
C VAL A 11 -13.09 -11.30 35.95
N PHE A 12 -13.76 -12.29 35.36
CA PHE A 12 -13.09 -13.42 34.72
C PHE A 12 -12.75 -13.19 33.26
N ILE A 13 -11.44 -12.99 32.97
CA ILE A 13 -10.89 -12.70 31.64
C ILE A 13 -10.38 -13.96 30.95
N GLY A 14 -10.80 -14.11 29.70
CA GLY A 14 -10.40 -15.19 28.82
C GLY A 14 -10.07 -14.64 27.44
N LEU A 15 -8.91 -14.97 26.90
CA LEU A 15 -8.54 -14.49 25.58
C LEU A 15 -8.01 -15.62 24.74
N LYS A 16 -8.57 -15.80 23.55
CA LYS A 16 -8.15 -16.88 22.65
C LYS A 16 -7.83 -16.31 21.27
N ILE A 17 -6.60 -16.55 20.78
CA ILE A 17 -6.16 -16.10 19.45
C ILE A 17 -6.52 -17.18 18.46
N ASP A 18 -7.46 -16.92 17.53
CA ASP A 18 -7.91 -17.90 16.53
C ASP A 18 -6.99 -17.92 15.33
N GLN A 19 -6.48 -16.73 14.96
CA GLN A 19 -5.65 -16.54 13.77
C GLN A 19 -4.55 -15.58 14.05
N ILE A 20 -3.42 -15.78 13.35
CA ILE A 20 -2.27 -14.88 13.28
C ILE A 20 -2.33 -14.48 11.80
N THR A 21 -2.93 -13.30 11.55
CA THR A 21 -3.10 -12.76 10.19
C THR A 21 -1.78 -12.26 9.66
N GLY A 22 -0.78 -12.23 10.54
CA GLY A 22 0.56 -11.84 10.17
C GLY A 22 1.40 -11.22 11.28
N ILE A 23 2.73 -11.33 11.12
CA ILE A 23 3.73 -10.73 11.99
C ILE A 23 4.50 -9.82 11.09
N ASN A 24 4.46 -8.51 11.34
CA ASN A 24 5.18 -7.53 10.52
C ASN A 24 6.41 -7.08 11.32
N GLN A 25 7.58 -7.67 11.01
CA GLN A 25 8.81 -7.41 11.74
C GLN A 25 9.43 -6.07 11.39
N LYS A 26 9.08 -5.47 10.25
CA LYS A 26 9.63 -4.18 9.89
C LYS A 26 9.01 -3.10 10.76
N GLU A 27 7.71 -3.25 11.09
CA GLU A 27 6.93 -2.31 11.91
C GLU A 27 6.81 -2.75 13.40
N GLU A 28 7.33 -3.96 13.72
CA GLU A 28 7.35 -4.60 15.04
C GLU A 28 5.99 -4.60 15.69
N ASN A 29 5.09 -5.29 15.00
CA ASN A 29 3.73 -5.50 15.43
C ASN A 29 3.28 -6.83 14.86
N PHE A 30 2.14 -7.32 15.32
CA PHE A 30 1.53 -8.55 14.84
C PHE A 30 0.01 -8.37 14.76
N SER A 31 -0.65 -9.17 13.95
CA SER A 31 -2.10 -9.05 13.82
C SER A 31 -2.81 -10.37 14.05
N VAL A 32 -3.88 -10.32 14.85
CA VAL A 32 -4.65 -11.49 15.26
C VAL A 32 -6.15 -11.32 15.11
N VAL A 33 -6.84 -12.47 15.03
CA VAL A 33 -8.29 -12.60 15.08
C VAL A 33 -8.45 -13.28 16.43
N GLY A 34 -9.18 -12.66 17.33
CA GLY A 34 -9.33 -13.21 18.67
C GLY A 34 -10.71 -13.04 19.27
N SER A 35 -10.99 -13.86 20.29
CA SER A 35 -12.23 -13.85 21.04
C SER A 35 -11.89 -13.56 22.47
N LEU A 36 -12.50 -12.49 23.00
CA LEU A 36 -12.37 -12.09 24.40
C LEU A 36 -13.63 -12.52 25.11
N ARG A 37 -13.48 -13.22 26.23
CA ARG A 37 -14.59 -13.71 27.01
C ARG A 37 -14.48 -13.25 28.44
N ILE A 38 -15.57 -12.66 28.95
CA ILE A 38 -15.65 -12.15 30.32
C ILE A 38 -16.87 -12.71 31.03
N ASP A 39 -16.67 -13.13 32.28
CA ASP A 39 -17.71 -13.60 33.19
C ASP A 39 -17.61 -12.69 34.41
N TRP A 40 -18.72 -12.03 34.75
CA TRP A 40 -18.75 -11.08 35.86
C TRP A 40 -20.10 -11.12 36.54
N ARG A 41 -20.14 -11.47 37.84
CA ARG A 41 -21.39 -11.48 38.59
C ARG A 41 -21.62 -10.13 39.28
N GLN A 42 -22.69 -9.46 38.89
CA GLN A 42 -23.10 -8.19 39.49
C GLN A 42 -24.48 -8.45 40.08
N PRO A 43 -24.59 -8.63 41.42
CA PRO A 43 -25.88 -8.95 42.02
C PRO A 43 -26.97 -7.91 41.73
N LEU A 44 -26.59 -6.63 41.60
CA LEU A 44 -27.49 -5.52 41.28
C LEU A 44 -28.25 -5.68 39.94
N LEU A 45 -27.64 -6.41 38.97
CA LEU A 45 -28.20 -6.70 37.63
C LEU A 45 -29.18 -7.88 37.60
N ALA A 46 -29.32 -8.59 38.76
CA ALA A 46 -30.21 -9.73 38.94
C ALA A 46 -31.63 -9.31 38.65
N PHE A 47 -32.43 -10.26 38.18
CA PHE A 47 -33.82 -9.98 37.84
C PHE A 47 -34.76 -11.12 38.23
N GLU A 48 -36.04 -10.79 38.40
CA GLU A 48 -37.03 -11.82 38.66
C GLU A 48 -37.75 -12.04 37.33
N HIS A 49 -38.17 -13.29 37.11
CA HIS A 49 -38.88 -13.72 35.91
C HIS A 49 -40.14 -14.52 36.30
N ALA A 50 -41.16 -14.49 35.44
CA ALA A 50 -42.40 -15.24 35.67
C ALA A 50 -42.22 -16.67 35.09
N PRO A 51 -43.06 -17.68 35.50
CA PRO A 51 -42.89 -19.04 34.90
C PRO A 51 -43.09 -18.99 33.38
N GLY A 52 -42.12 -19.54 32.64
CA GLY A 52 -42.18 -19.54 31.18
C GLY A 52 -41.37 -18.42 30.55
N GLU A 53 -41.21 -17.29 31.26
CA GLU A 53 -40.41 -16.15 30.81
C GLU A 53 -38.91 -16.54 30.92
N PRO A 54 -38.03 -16.12 29.97
CA PRO A 54 -36.62 -16.54 30.01
C PRO A 54 -35.80 -16.11 31.23
N LYS A 55 -34.93 -17.06 31.64
CA LYS A 55 -33.99 -16.98 32.76
C LYS A 55 -32.72 -16.29 32.30
N HIS A 56 -32.50 -16.14 30.96
CA HIS A 56 -31.34 -15.47 30.38
C HIS A 56 -31.72 -14.40 29.36
N ARG A 57 -31.30 -13.16 29.62
CA ARG A 57 -31.56 -12.02 28.75
C ARG A 57 -30.34 -11.77 27.85
N THR A 58 -30.57 -11.71 26.53
CA THR A 58 -29.49 -11.49 25.54
C THR A 58 -29.51 -10.04 25.04
N TYR A 59 -28.37 -9.35 25.14
CA TYR A 59 -28.26 -7.94 24.82
C TYR A 59 -27.12 -7.62 23.89
N THR A 60 -27.35 -6.61 23.05
CA THR A 60 -26.34 -6.01 22.19
C THR A 60 -25.60 -5.09 23.20
N LEU A 61 -24.24 -5.06 23.17
CA LEU A 61 -23.45 -4.24 24.10
C LEU A 61 -24.02 -2.82 24.31
N ALA A 62 -24.46 -2.18 23.20
CA ALA A 62 -25.05 -0.84 23.16
C ALA A 62 -26.19 -0.65 24.16
N THR A 63 -27.18 -1.55 24.14
CA THR A 63 -28.32 -1.44 25.06
C THR A 63 -27.94 -1.94 26.47
N PHE A 64 -26.97 -2.89 26.55
CA PHE A 64 -26.52 -3.37 27.86
C PHE A 64 -25.83 -2.27 28.64
N LEU A 65 -24.97 -1.47 27.97
CA LEU A 65 -24.30 -0.35 28.61
C LEU A 65 -25.30 0.74 28.99
N LYS A 66 -26.35 0.93 28.15
CA LYS A 66 -27.45 1.88 28.40
C LYS A 66 -28.27 1.46 29.63
N LEU A 67 -28.35 0.13 29.87
CA LEU A 67 -29.03 -0.48 31.01
C LEU A 67 -28.19 -0.26 32.27
N LEU A 68 -26.85 -0.38 32.16
CA LEU A 68 -25.95 -0.17 33.30
C LEU A 68 -25.98 1.29 33.78
N GLU A 69 -25.98 2.24 32.84
CA GLU A 69 -26.02 3.68 33.13
C GLU A 69 -27.31 4.04 33.84
N GLU A 70 -28.44 3.42 33.41
CA GLU A 70 -29.78 3.58 33.98
C GLU A 70 -29.76 3.12 35.43
N LYS A 71 -29.28 1.87 35.65
CA LYS A 71 -29.18 1.22 36.94
C LYS A 71 -28.03 1.80 37.82
N GLN A 72 -27.30 2.83 37.29
CA GLN A 72 -26.16 3.49 37.94
C GLN A 72 -25.06 2.49 38.40
N ILE A 73 -24.82 1.46 37.56
CA ILE A 73 -23.80 0.44 37.81
C ILE A 73 -22.53 0.75 36.98
N ARG A 74 -21.36 0.50 37.60
CA ARG A 74 -20.05 0.68 37.00
C ARG A 74 -19.60 -0.68 36.46
N TRP A 75 -19.27 -0.72 35.17
CA TRP A 75 -18.81 -1.91 34.48
C TRP A 75 -17.28 -1.99 34.52
N PRO A 76 -16.66 -3.19 34.40
CA PRO A 76 -15.19 -3.27 34.46
C PRO A 76 -14.54 -2.81 33.17
N ALA A 77 -14.51 -1.48 32.96
CA ALA A 77 -13.94 -0.85 31.76
C ALA A 77 -12.50 -1.29 31.60
N PHE A 78 -12.20 -1.87 30.45
CA PHE A 78 -10.86 -2.37 30.15
C PHE A 78 -10.26 -1.80 28.85
N THR A 79 -8.93 -1.91 28.70
CA THR A 79 -8.19 -1.49 27.51
C THR A 79 -7.20 -2.55 27.11
N TYR A 80 -7.01 -2.76 25.78
CA TYR A 80 -5.98 -3.67 25.27
C TYR A 80 -4.77 -2.74 25.21
N HIS A 81 -3.93 -2.75 26.25
CA HIS A 81 -2.83 -1.82 26.39
C HIS A 81 -1.87 -1.70 25.19
N ASN A 82 -1.52 -2.83 24.58
CA ASN A 82 -0.59 -2.83 23.46
C ASN A 82 -1.26 -2.86 22.08
N GLN A 83 -2.56 -2.53 22.00
CA GLN A 83 -3.30 -2.46 20.73
C GLN A 83 -2.82 -1.29 19.88
N GLN A 84 -2.91 -1.43 18.56
CA GLN A 84 -2.53 -0.42 17.56
C GLN A 84 -3.63 -0.30 16.51
N GLY A 85 -3.98 0.95 16.19
CA GLY A 85 -4.97 1.28 15.19
C GLY A 85 -6.38 0.86 15.52
N ALA A 86 -7.14 0.48 14.48
CA ALA A 86 -8.53 0.08 14.59
C ALA A 86 -8.68 -1.38 14.90
N MET A 87 -9.60 -1.65 15.84
CA MET A 87 -9.96 -2.99 16.21
C MET A 87 -11.29 -3.20 15.52
N ASP A 88 -11.31 -4.03 14.46
CA ASP A 88 -12.52 -4.36 13.72
C ASP A 88 -13.25 -5.44 14.52
N PHE A 89 -14.52 -5.17 14.94
CA PHE A 89 -15.30 -6.11 15.74
C PHE A 89 -16.24 -6.96 14.90
N GLN A 90 -16.44 -8.20 15.30
CA GLN A 90 -17.32 -9.15 14.65
C GLN A 90 -18.55 -9.37 15.52
N ASN A 91 -18.33 -9.57 16.84
CA ASN A 91 -19.40 -9.80 17.80
C ASN A 91 -19.09 -9.11 19.11
N ARG A 92 -20.12 -8.50 19.72
CA ARG A 92 -20.07 -7.82 21.02
C ARG A 92 -21.44 -8.12 21.62
N LEU A 93 -21.52 -9.28 22.27
CA LEU A 93 -22.75 -9.84 22.80
C LEU A 93 -22.69 -10.09 24.29
N ILE A 94 -23.81 -9.80 25.01
CA ILE A 94 -23.97 -9.98 26.46
C ILE A 94 -25.12 -10.95 26.72
N SER A 95 -24.93 -11.90 27.65
CA SER A 95 -25.98 -12.79 28.12
C SER A 95 -26.00 -12.62 29.62
N LEU A 96 -27.14 -12.10 30.13
CA LEU A 96 -27.38 -11.81 31.54
C LEU A 96 -28.33 -12.82 32.14
N SER A 97 -27.84 -13.55 33.15
CA SER A 97 -28.62 -14.56 33.87
C SER A 97 -29.44 -13.91 34.97
N GLU A 98 -30.49 -14.59 35.43
CA GLU A 98 -31.37 -14.19 36.54
C GLU A 98 -30.53 -13.76 37.77
N ASP A 99 -29.37 -14.43 38.00
CA ASP A 99 -28.38 -14.25 39.07
C ASP A 99 -27.68 -12.89 39.02
N GLY A 100 -27.46 -12.39 37.82
CA GLY A 100 -26.75 -11.16 37.57
C GLY A 100 -25.38 -11.46 36.98
N THR A 101 -25.18 -12.70 36.45
CA THR A 101 -23.93 -13.12 35.82
C THR A 101 -23.95 -12.65 34.37
N VAL A 102 -23.04 -11.71 34.10
CA VAL A 102 -22.82 -11.11 32.80
C VAL A 102 -21.83 -12.01 32.10
N MET A 103 -22.18 -12.43 30.89
CA MET A 103 -21.32 -13.24 30.00
C MET A 103 -21.10 -12.46 28.73
N TYR A 104 -19.88 -12.00 28.55
CA TYR A 104 -19.51 -11.17 27.42
C TYR A 104 -18.56 -11.86 26.47
N LEU A 105 -18.81 -11.68 25.16
CA LEU A 105 -18.00 -12.22 24.07
C LEU A 105 -17.66 -11.09 23.11
N GLU A 106 -16.36 -10.89 22.84
CA GLU A 106 -15.84 -9.85 21.95
C GLU A 106 -14.96 -10.52 20.90
N ARG A 107 -15.47 -10.63 19.68
CA ARG A 107 -14.71 -11.19 18.56
C ARG A 107 -14.15 -10.04 17.74
N PHE A 108 -12.84 -10.00 17.56
CA PHE A 108 -12.19 -8.88 16.85
C PHE A 108 -10.99 -9.29 15.99
N THR A 109 -10.59 -8.38 15.10
CA THR A 109 -9.36 -8.46 14.31
C THR A 109 -8.56 -7.21 14.73
N SER A 110 -7.29 -7.37 15.17
CA SER A 110 -6.51 -6.20 15.58
C SER A 110 -5.02 -6.38 15.52
N THR A 111 -4.30 -5.26 15.31
CA THR A 111 -2.83 -5.24 15.32
C THR A 111 -2.39 -4.86 16.73
N PHE A 112 -1.30 -5.48 17.18
CA PHE A 112 -0.77 -5.23 18.51
C PHE A 112 0.71 -4.99 18.41
N GLN A 113 1.21 -4.08 19.25
CA GLN A 113 2.61 -3.76 19.35
C GLN A 113 3.39 -4.98 19.81
N ALA A 114 4.54 -5.22 19.16
CA ALA A 114 5.46 -6.30 19.51
C ALA A 114 6.78 -5.58 19.92
N PRO A 115 6.84 -5.05 21.17
CA PRO A 115 8.03 -4.29 21.58
C PRO A 115 9.16 -5.17 22.14
N ALA A 116 8.94 -6.50 22.18
CA ALA A 116 9.92 -7.47 22.66
C ALA A 116 10.90 -7.97 21.56
N PHE A 117 10.82 -7.35 20.36
CA PHE A 117 11.60 -7.72 19.20
C PHE A 117 13.13 -7.52 19.38
N ASP A 118 13.87 -8.65 19.36
CA ASP A 118 15.32 -8.72 19.49
C ASP A 118 15.89 -9.39 18.25
N PHE A 119 16.38 -8.59 17.29
CA PHE A 119 16.90 -9.11 16.03
C PHE A 119 18.39 -9.49 16.05
N ARG A 120 19.05 -9.35 17.22
CA ARG A 120 20.49 -9.63 17.39
C ARG A 120 20.94 -10.98 16.78
N LEU A 121 20.10 -12.05 16.87
CA LEU A 121 20.47 -13.35 16.30
C LEU A 121 19.69 -13.74 15.03
N PHE A 122 19.00 -12.77 14.38
CA PHE A 122 18.23 -12.97 13.15
C PHE A 122 19.14 -13.58 12.07
N PRO A 123 18.70 -14.62 11.31
CA PRO A 123 17.37 -15.26 11.29
C PRO A 123 17.15 -16.43 12.25
N PHE A 124 18.11 -16.68 13.18
CA PHE A 124 18.03 -17.76 14.17
C PHE A 124 17.42 -17.29 15.50
N ASP A 125 16.56 -16.27 15.42
CA ASP A 125 15.92 -15.60 16.56
C ASP A 125 14.61 -16.25 17.00
N ASN A 126 14.32 -16.12 18.31
CA ASN A 126 13.05 -16.52 18.94
C ASN A 126 12.45 -15.22 19.54
N GLN A 127 11.17 -14.91 19.22
CA GLN A 127 10.53 -13.69 19.71
C GLN A 127 9.35 -13.90 20.65
N LEU A 128 9.10 -12.90 21.52
CA LEU A 128 7.98 -12.89 22.46
C LEU A 128 6.90 -11.96 21.97
N PHE A 129 5.68 -12.48 21.91
CA PHE A 129 4.51 -11.71 21.49
C PHE A 129 3.49 -11.78 22.61
N PHE A 130 2.87 -10.66 22.94
CA PHE A 130 1.88 -10.67 24.01
C PHE A 130 0.69 -9.76 23.75
N ILE A 131 -0.39 -9.94 24.50
CA ILE A 131 -1.56 -9.09 24.48
C ILE A 131 -1.83 -8.72 25.95
N HIS A 132 -1.93 -7.42 26.23
CA HIS A 132 -2.17 -6.87 27.56
C HIS A 132 -3.59 -6.35 27.61
N VAL A 133 -4.39 -6.87 28.56
CA VAL A 133 -5.79 -6.50 28.81
C VAL A 133 -5.77 -5.86 30.20
N ASP A 134 -5.96 -4.54 30.27
CA ASP A 134 -5.89 -3.77 31.52
C ASP A 134 -7.23 -3.30 32.03
N SER A 135 -7.43 -3.33 33.34
CA SER A 135 -8.62 -2.78 33.95
C SER A 135 -8.34 -1.27 34.11
N ILE A 136 -9.26 -0.42 33.64
CA ILE A 136 -9.16 1.03 33.81
C ILE A 136 -9.34 1.35 35.31
N PHE A 137 -10.30 0.65 35.99
CA PHE A 137 -10.53 0.83 37.42
C PHE A 137 -9.53 -0.01 38.29
N PRO A 138 -9.09 0.52 39.46
CA PRO A 138 -8.12 -0.22 40.31
C PRO A 138 -8.66 -1.50 40.96
N GLN A 139 -7.73 -2.23 41.60
CA GLN A 139 -7.96 -3.51 42.27
C GLN A 139 -8.93 -3.45 43.47
N HIS A 140 -9.21 -2.25 44.03
CA HIS A 140 -10.15 -2.15 45.14
C HIS A 140 -11.61 -2.26 44.67
N LEU A 141 -11.85 -1.95 43.38
CA LEU A 141 -13.15 -1.99 42.72
C LEU A 141 -13.33 -3.31 41.97
N PHE A 142 -12.38 -3.63 41.03
CA PHE A 142 -12.39 -4.84 40.22
C PHE A 142 -11.06 -5.59 40.26
N ARG A 143 -11.13 -6.92 40.36
CA ARG A 143 -9.96 -7.78 40.33
C ARG A 143 -10.08 -8.80 39.21
N PHE A 144 -9.11 -8.81 38.27
CA PHE A 144 -9.12 -9.75 37.15
C PHE A 144 -8.74 -11.13 37.64
N GLN A 145 -9.48 -12.12 37.17
CA GLN A 145 -9.23 -13.53 37.47
C GLN A 145 -9.12 -14.26 36.15
N GLU A 146 -8.44 -15.41 36.17
CA GLU A 146 -8.25 -16.17 34.94
C GLU A 146 -9.43 -17.05 34.66
N MET A 147 -10.14 -16.76 33.55
CA MET A 147 -11.24 -17.58 33.09
C MET A 147 -10.60 -18.90 32.62
N GLN A 148 -10.91 -19.98 33.36
CA GLN A 148 -10.36 -21.30 33.12
C GLN A 148 -10.98 -22.00 31.90
N GLY A 149 -10.15 -22.75 31.18
CA GLY A 149 -10.50 -23.55 30.01
C GLY A 149 -10.97 -22.80 28.78
N PHE A 150 -10.37 -21.62 28.49
CA PHE A 150 -10.72 -20.84 27.29
C PHE A 150 -9.53 -20.21 26.62
N SER A 151 -8.70 -19.51 27.42
CA SER A 151 -7.52 -18.77 26.97
C SER A 151 -6.48 -19.63 26.23
N GLY A 152 -5.77 -19.01 25.28
CA GLY A 152 -4.74 -19.68 24.50
C GLY A 152 -4.72 -19.30 23.03
N LEU A 153 -4.20 -20.23 22.20
CA LEU A 153 -4.06 -20.07 20.75
C LEU A 153 -4.74 -21.25 20.05
N GLY A 154 -5.51 -20.96 18.99
CA GLY A 154 -6.25 -21.92 18.19
C GLY A 154 -5.40 -22.90 17.41
N ASP A 155 -6.06 -23.77 16.61
CA ASP A 155 -5.37 -24.84 15.85
C ASP A 155 -5.27 -24.59 14.34
N GLN A 156 -5.71 -23.40 13.90
CA GLN A 156 -5.64 -22.98 12.51
C GLN A 156 -5.18 -21.53 12.44
N LEU A 157 -4.04 -21.21 13.12
CA LEU A 157 -3.48 -19.85 13.20
C LEU A 157 -3.13 -19.26 11.86
N GLY A 158 -2.79 -20.14 10.91
CA GLY A 158 -2.48 -19.78 9.53
C GLY A 158 -1.15 -19.08 9.28
N GLU A 159 -0.23 -19.12 10.30
CA GLU A 159 1.10 -18.52 10.16
C GLU A 159 2.06 -19.58 9.61
N GLU A 160 2.77 -19.23 8.49
CA GLU A 160 3.65 -20.13 7.77
C GLU A 160 5.14 -19.97 8.05
N GLU A 161 5.62 -18.73 8.32
CA GLU A 161 7.05 -18.50 8.59
C GLU A 161 7.39 -18.76 10.04
N TRP A 162 6.49 -18.37 10.92
CA TRP A 162 6.70 -18.52 12.32
C TRP A 162 6.09 -19.80 12.86
N ILE A 163 6.65 -20.29 13.97
CA ILE A 163 6.18 -21.49 14.61
C ILE A 163 6.15 -21.25 16.12
N VAL A 164 4.93 -21.26 16.70
CA VAL A 164 4.68 -21.00 18.13
C VAL A 164 5.23 -22.12 18.99
N THR A 165 6.19 -21.77 19.87
CA THR A 165 6.90 -22.69 20.74
C THR A 165 6.14 -22.95 22.05
N GLU A 166 5.52 -21.90 22.66
CA GLU A 166 4.74 -22.01 23.91
C GLU A 166 3.78 -20.85 24.13
N VAL A 167 2.65 -21.10 24.86
CA VAL A 167 1.65 -20.10 25.23
C VAL A 167 1.48 -20.03 26.77
N ASN A 168 1.34 -18.80 27.32
CA ASN A 168 1.20 -18.58 28.76
C ASN A 168 0.18 -17.51 29.04
N THR A 169 -0.49 -17.63 30.18
CA THR A 169 -1.44 -16.65 30.68
C THR A 169 -1.13 -16.37 32.13
N HIS A 170 -1.11 -15.08 32.47
CA HIS A 170 -0.85 -14.65 33.83
C HIS A 170 -1.50 -13.32 34.15
N LEU A 171 -1.56 -12.96 35.43
CA LEU A 171 -2.16 -11.74 35.89
C LEU A 171 -1.11 -10.90 36.59
N THR A 172 -1.16 -9.59 36.39
CA THR A 172 -0.22 -8.65 36.99
C THR A 172 -0.90 -7.30 37.26
N THR A 173 -0.20 -6.38 37.92
CA THR A 173 -0.71 -5.05 38.22
C THR A 173 -0.13 -4.04 37.23
N HIS A 174 -0.82 -2.91 37.06
CA HIS A 174 -0.38 -1.79 36.24
C HIS A 174 -0.82 -0.52 36.96
N ASN A 175 -0.24 0.63 36.63
CA ASN A 175 -0.61 1.89 37.31
C ASN A 175 -0.78 3.03 36.29
N GLU A 176 -1.31 2.67 35.10
CA GLU A 176 -1.50 3.55 33.94
C GLU A 176 -2.29 4.83 34.21
N PHE A 177 -3.50 4.72 34.81
CA PHE A 177 -4.38 5.87 35.04
C PHE A 177 -4.62 6.16 36.49
N THR A 178 -4.33 5.17 37.35
CA THR A 178 -4.54 5.24 38.79
C THR A 178 -3.22 5.31 39.58
N LYS A 179 -3.32 5.77 40.84
CA LYS A 179 -2.16 5.79 41.71
C LYS A 179 -2.02 4.41 42.33
N GLY A 180 -3.15 3.80 42.71
CA GLY A 180 -3.21 2.44 43.23
C GLY A 180 -3.14 1.40 42.12
N ASP A 181 -2.64 0.18 42.42
CA ASP A 181 -2.51 -0.91 41.46
C ASP A 181 -3.84 -1.27 40.80
N ALA A 182 -3.78 -1.64 39.52
CA ALA A 182 -4.94 -2.02 38.72
C ALA A 182 -4.64 -3.33 38.01
N SER A 183 -5.68 -4.18 37.82
CA SER A 183 -5.53 -5.49 37.20
C SER A 183 -5.09 -5.47 35.72
N ARG A 184 -4.25 -6.43 35.32
CA ARG A 184 -3.75 -6.65 33.96
C ARG A 184 -3.67 -8.14 33.64
N PHE A 185 -4.40 -8.58 32.60
CA PHE A 185 -4.40 -9.96 32.10
C PHE A 185 -3.42 -10.02 30.95
N VAL A 186 -2.56 -11.06 30.91
CA VAL A 186 -1.52 -11.20 29.88
C VAL A 186 -1.62 -12.54 29.16
N LEU A 187 -1.65 -12.50 27.82
CA LEU A 187 -1.58 -13.69 26.99
C LEU A 187 -0.26 -13.53 26.27
N GLU A 188 0.70 -14.41 26.56
CA GLU A 188 2.04 -14.39 26.00
C GLU A 188 2.27 -15.63 25.17
N PHE A 189 2.99 -15.47 24.05
CA PHE A 189 3.41 -16.59 23.22
C PHE A 189 4.77 -16.34 22.61
N HIS A 190 5.57 -17.41 22.53
CA HIS A 190 6.88 -17.38 21.93
C HIS A 190 6.84 -18.05 20.58
N ALA A 191 7.53 -17.48 19.60
CA ALA A 191 7.59 -18.03 18.25
C ALA A 191 8.98 -17.93 17.67
N GLU A 192 9.42 -19.01 17.02
CA GLU A 192 10.70 -19.04 16.33
C GLU A 192 10.46 -19.10 14.83
N ARG A 193 11.48 -18.81 14.05
CA ARG A 193 11.38 -18.73 12.62
C ARG A 193 11.73 -20.00 11.84
N HIS A 194 11.04 -20.22 10.70
CA HIS A 194 11.33 -21.32 9.75
C HIS A 194 12.42 -20.77 8.87
N LEU A 195 13.60 -21.43 8.90
CA LEU A 195 14.82 -21.00 8.20
C LEU A 195 14.84 -21.26 6.68
N ASN A 196 13.88 -22.09 6.17
CA ASN A 196 13.77 -22.45 4.75
C ASN A 196 13.91 -21.26 3.81
N TYR A 197 13.17 -20.13 4.04
CA TYR A 197 13.31 -18.97 3.15
C TYR A 197 14.77 -18.46 3.07
N TYR A 198 15.41 -18.30 4.23
CA TYR A 198 16.76 -17.75 4.32
C TYR A 198 17.76 -18.69 3.70
N LEU A 199 17.55 -19.99 3.87
CA LEU A 199 18.41 -21.00 3.28
C LEU A 199 18.36 -20.96 1.72
N MET A 200 17.15 -20.98 1.17
CA MET A 200 16.86 -21.00 -0.26
C MET A 200 17.16 -19.71 -0.97
N ARG A 201 16.87 -18.56 -0.35
CA ARG A 201 17.02 -17.30 -1.06
C ARG A 201 18.26 -16.53 -0.71
N ILE A 202 18.86 -16.76 0.47
CA ILE A 202 20.08 -16.02 0.84
C ILE A 202 21.33 -16.93 0.97
N LEU A 203 21.32 -17.95 1.86
CA LEU A 203 22.52 -18.79 2.04
C LEU A 203 22.97 -19.52 0.77
N ILE A 204 22.13 -20.41 0.19
CA ILE A 204 22.46 -21.13 -1.04
C ILE A 204 22.97 -20.16 -2.14
N PRO A 205 22.24 -19.07 -2.56
CA PRO A 205 22.81 -18.17 -3.60
C PRO A 205 24.18 -17.57 -3.26
N VAL A 206 24.36 -17.02 -2.04
CA VAL A 206 25.63 -16.43 -1.60
C VAL A 206 26.74 -17.49 -1.66
N LEU A 207 26.47 -18.72 -1.14
CA LEU A 207 27.43 -19.82 -1.19
C LEU A 207 27.77 -20.26 -2.61
N LEU A 208 26.77 -20.24 -3.52
CA LEU A 208 26.99 -20.63 -4.90
C LEU A 208 27.87 -19.63 -5.57
N ILE A 209 27.52 -18.32 -5.47
CA ILE A 209 28.33 -17.24 -6.05
C ILE A 209 29.81 -17.41 -5.63
N ILE A 210 30.07 -17.69 -4.32
CA ILE A 210 31.43 -17.86 -3.80
C ILE A 210 32.10 -19.12 -4.35
N THR A 211 31.40 -20.26 -4.33
CA THR A 211 31.96 -21.53 -4.81
C THR A 211 32.23 -21.56 -6.31
N VAL A 212 31.24 -21.17 -7.16
CA VAL A 212 31.44 -21.18 -8.61
C VAL A 212 32.47 -20.11 -9.04
N SER A 213 32.60 -19.04 -8.26
CA SER A 213 33.61 -18.02 -8.55
C SER A 213 34.99 -18.60 -8.31
N TRP A 214 35.12 -19.49 -7.32
CA TRP A 214 36.40 -20.11 -7.03
C TRP A 214 36.82 -21.09 -8.10
N PHE A 215 35.84 -21.73 -8.77
CA PHE A 215 36.09 -22.69 -9.84
C PHE A 215 36.92 -22.05 -10.93
N THR A 216 36.63 -20.77 -11.24
CA THR A 216 37.33 -20.02 -12.29
C THR A 216 38.79 -19.67 -11.97
N PHE A 217 39.24 -19.88 -10.73
CA PHE A 217 40.63 -19.64 -10.39
C PHE A 217 41.52 -20.65 -11.07
N PHE A 218 40.98 -21.84 -11.29
CA PHE A 218 41.68 -22.91 -11.98
C PHE A 218 41.91 -22.61 -13.48
N LEU A 219 41.41 -21.45 -14.01
CA LEU A 219 41.60 -21.00 -15.39
C LEU A 219 42.94 -20.27 -15.56
N GLN A 220 43.49 -19.79 -14.42
CA GLN A 220 44.81 -19.14 -14.34
C GLN A 220 44.91 -17.80 -15.16
N ASP A 221 43.97 -16.85 -14.90
CA ASP A 221 43.93 -15.50 -15.49
C ASP A 221 43.73 -14.50 -14.32
N TYR A 222 44.80 -13.80 -13.83
CA TYR A 222 44.72 -12.86 -12.68
C TYR A 222 43.74 -11.69 -12.88
N THR A 223 43.70 -11.14 -14.10
CA THR A 223 42.80 -10.05 -14.49
C THR A 223 41.34 -10.48 -14.30
N LYS A 224 40.97 -11.67 -14.86
CA LYS A 224 39.63 -12.26 -14.76
C LYS A 224 39.21 -12.46 -13.31
N ARG A 225 40.15 -12.82 -12.43
CA ARG A 225 39.86 -12.99 -11.00
C ARG A 225 39.51 -11.67 -10.31
N ILE A 226 40.30 -10.63 -10.55
CA ILE A 226 40.05 -9.30 -10.00
C ILE A 226 38.66 -8.81 -10.45
N ASP A 227 38.31 -8.96 -11.75
CA ASP A 227 36.99 -8.60 -12.29
C ASP A 227 35.87 -9.42 -11.67
N LEU A 228 36.14 -10.70 -11.37
CA LEU A 228 35.14 -11.55 -10.75
C LEU A 228 34.84 -11.13 -9.32
N ALA A 229 35.90 -10.95 -8.49
CA ALA A 229 35.72 -10.49 -7.10
C ALA A 229 35.08 -9.09 -7.03
N GLY A 230 35.42 -8.19 -7.96
CA GLY A 230 34.85 -6.85 -8.02
C GLY A 230 33.35 -6.86 -8.22
N GLY A 231 32.90 -7.70 -9.16
CA GLY A 231 31.48 -7.87 -9.45
C GLY A 231 30.75 -8.57 -8.33
N ASN A 232 31.42 -9.54 -7.70
CA ASN A 232 30.88 -10.28 -6.55
C ASN A 232 30.59 -9.31 -5.40
N LEU A 233 31.50 -8.33 -5.18
CA LEU A 233 31.35 -7.29 -4.17
C LEU A 233 30.05 -6.50 -4.42
N LEU A 234 29.76 -6.17 -5.68
CA LEU A 234 28.55 -5.46 -6.00
C LEU A 234 27.33 -6.30 -5.73
N LEU A 235 27.39 -7.61 -6.03
CA LEU A 235 26.29 -8.54 -5.77
C LEU A 235 25.96 -8.59 -4.30
N PHE A 236 27.01 -8.61 -3.42
CA PHE A 236 26.80 -8.65 -1.97
C PHE A 236 26.20 -7.35 -1.45
N ILE A 237 26.63 -6.18 -2.02
CA ILE A 237 26.04 -4.87 -1.73
C ILE A 237 24.51 -4.90 -2.05
N ALA A 238 24.16 -5.55 -3.17
CA ALA A 238 22.78 -5.74 -3.55
C ALA A 238 22.01 -6.65 -2.54
N PHE A 239 22.62 -7.77 -2.07
CA PHE A 239 22.00 -8.66 -1.10
C PHE A 239 21.82 -7.96 0.23
N ASN A 240 22.78 -7.05 0.56
CA ASN A 240 22.77 -6.20 1.74
C ASN A 240 21.51 -5.32 1.77
N PHE A 241 21.08 -4.83 0.62
CA PHE A 241 19.85 -4.06 0.54
C PHE A 241 18.64 -4.95 0.65
N THR A 242 18.71 -6.16 0.08
CA THR A 242 17.62 -7.15 0.15
C THR A 242 17.32 -7.51 1.62
N ILE A 243 18.37 -7.68 2.44
CA ILE A 243 18.22 -7.98 3.85
C ILE A 243 17.69 -6.81 4.63
N SER A 244 18.27 -5.61 4.45
CA SER A 244 17.84 -4.39 5.14
C SER A 244 16.34 -4.08 4.99
N SER A 245 15.73 -4.48 3.86
CA SER A 245 14.31 -4.27 3.61
C SER A 245 13.39 -5.12 4.52
N ASP A 246 13.89 -6.24 5.09
CA ASP A 246 13.11 -7.13 5.97
C ASP A 246 12.98 -6.60 7.38
N LEU A 247 13.99 -5.83 7.83
CA LEU A 247 14.06 -5.36 9.20
C LEU A 247 13.88 -3.88 9.39
N PRO A 248 13.61 -3.40 10.64
CA PRO A 248 13.55 -1.95 10.87
C PRO A 248 14.96 -1.37 10.79
N ARG A 249 15.09 -0.03 10.77
CA ARG A 249 16.42 0.59 10.70
C ARG A 249 17.04 0.62 12.09
N LEU A 250 17.32 -0.58 12.61
CA LEU A 250 17.86 -0.84 13.94
C LEU A 250 19.12 -0.02 14.25
N GLY A 251 19.34 0.16 15.54
CA GLY A 251 20.51 0.85 16.06
C GLY A 251 21.62 -0.13 16.42
N TYR A 252 21.37 -1.45 16.20
CA TYR A 252 22.31 -2.52 16.52
C TYR A 252 22.60 -3.46 15.32
N ILE A 253 23.72 -4.22 15.41
CA ILE A 253 24.15 -5.17 14.37
C ILE A 253 23.51 -6.56 14.61
N THR A 254 23.00 -7.10 13.50
CA THR A 254 22.33 -8.38 13.35
C THR A 254 23.38 -9.41 13.02
N LEU A 255 23.06 -10.71 13.24
CA LEU A 255 23.94 -11.80 12.82
C LEU A 255 24.01 -11.77 11.27
N MET A 256 22.88 -11.48 10.62
CA MET A 256 22.80 -11.35 9.17
C MET A 256 23.68 -10.21 8.67
N ASP A 257 23.65 -9.05 9.37
CA ASP A 257 24.45 -7.87 9.04
C ASP A 257 25.92 -8.17 9.08
N ALA A 258 26.34 -8.91 10.14
CA ALA A 258 27.73 -9.32 10.34
C ALA A 258 28.14 -10.25 9.22
N PHE A 259 27.24 -11.17 8.84
CA PHE A 259 27.47 -12.09 7.76
C PHE A 259 27.70 -11.37 6.42
N LEU A 260 26.91 -10.33 6.10
CA LEU A 260 27.10 -9.59 4.85
C LEU A 260 28.33 -8.70 4.86
N VAL A 261 28.59 -8.03 6.00
CA VAL A 261 29.79 -7.20 6.16
C VAL A 261 31.03 -8.10 6.06
N GLY A 262 30.90 -9.33 6.52
CA GLY A 262 31.94 -10.34 6.43
C GLY A 262 32.28 -10.68 5.00
N THR A 263 31.25 -10.95 4.16
CA THR A 263 31.50 -11.24 2.75
C THR A 263 32.11 -10.03 2.02
N PHE A 264 31.78 -8.77 2.45
CA PHE A 264 32.40 -7.56 1.87
C PHE A 264 33.87 -7.54 2.16
N ILE A 265 34.23 -7.70 3.45
CA ILE A 265 35.61 -7.69 3.90
C ILE A 265 36.44 -8.74 3.19
N ILE A 266 35.95 -10.00 3.12
CA ILE A 266 36.73 -11.04 2.42
C ILE A 266 36.88 -10.69 0.93
N THR A 267 35.78 -10.32 0.24
CA THR A 267 35.84 -9.95 -1.18
C THR A 267 36.79 -8.76 -1.43
N ALA A 268 36.77 -7.75 -0.54
CA ALA A 268 37.69 -6.62 -0.62
C ALA A 268 39.14 -7.11 -0.55
N LEU A 269 39.43 -8.06 0.37
CA LEU A 269 40.75 -8.64 0.55
C LEU A 269 41.13 -9.54 -0.60
N VAL A 270 40.17 -10.27 -1.21
CA VAL A 270 40.42 -11.08 -2.42
C VAL A 270 40.92 -10.16 -3.55
N VAL A 271 40.24 -9.01 -3.79
CA VAL A 271 40.68 -8.04 -4.78
C VAL A 271 42.11 -7.56 -4.43
N LEU A 272 42.33 -7.17 -3.15
CA LEU A 272 43.62 -6.70 -2.66
C LEU A 272 44.76 -7.72 -2.85
N GLY A 273 44.50 -8.97 -2.47
CA GLY A 273 45.42 -10.08 -2.60
C GLY A 273 45.80 -10.38 -4.03
N ASN A 274 44.80 -10.52 -4.91
CA ASN A 274 45.06 -10.80 -6.32
C ASN A 274 45.72 -9.64 -7.06
N VAL A 275 45.50 -8.37 -6.61
CA VAL A 275 46.20 -7.22 -7.18
C VAL A 275 47.67 -7.38 -6.75
N TRP A 276 47.89 -7.71 -5.46
CA TRP A 276 49.20 -7.91 -4.87
C TRP A 276 50.00 -9.05 -5.53
N LEU A 277 49.36 -10.21 -5.76
CA LEU A 277 49.97 -11.36 -6.43
C LEU A 277 50.32 -11.05 -7.89
N ARG A 278 49.48 -10.29 -8.60
CA ARG A 278 49.76 -9.88 -9.98
C ARG A 278 50.93 -8.89 -9.94
N ARG A 279 51.02 -8.06 -8.89
CA ARG A 279 52.11 -7.10 -8.74
C ARG A 279 53.38 -7.85 -8.47
N LEU A 280 53.34 -9.00 -7.75
CA LEU A 280 54.53 -9.87 -7.50
C LEU A 280 55.04 -10.55 -8.76
N GLU A 281 54.12 -11.08 -9.62
CA GLU A 281 54.44 -11.66 -10.93
C GLU A 281 55.25 -10.62 -11.70
N ASN A 282 54.71 -9.39 -11.83
CA ASN A 282 55.31 -8.27 -12.55
C ASN A 282 56.66 -7.83 -11.99
N HIS A 283 56.97 -8.15 -10.73
CA HIS A 283 58.22 -7.75 -10.11
C HIS A 283 59.18 -8.91 -9.93
N GLY A 284 59.26 -9.79 -10.92
CA GLY A 284 60.22 -10.86 -10.80
C GLY A 284 59.72 -12.21 -11.21
N GLN A 286 57.70 -18.00 -14.29
CA GLN A 286 57.27 -19.24 -14.93
C GLN A 286 57.01 -20.29 -13.85
N ALA A 287 58.06 -20.75 -13.13
CA ALA A 287 57.89 -21.63 -11.96
C ALA A 287 57.42 -20.75 -10.78
N LEU A 288 57.78 -19.43 -10.79
CA LEU A 288 57.35 -18.44 -9.79
C LEU A 288 55.90 -18.18 -10.02
N ALA A 289 55.55 -17.97 -11.29
CA ALA A 289 54.19 -17.66 -11.72
C ALA A 289 53.23 -18.69 -11.20
N ARG A 290 53.56 -19.97 -11.47
CA ARG A 290 52.76 -21.11 -11.07
C ARG A 290 52.84 -21.38 -9.57
N LYS A 291 53.93 -20.95 -8.89
CA LYS A 291 54.06 -21.05 -7.43
C LYS A 291 53.12 -20.04 -6.77
N LEU A 292 53.07 -18.79 -7.26
CA LEU A 292 52.22 -17.73 -6.71
C LEU A 292 50.78 -18.09 -6.87
N ASP A 293 50.44 -18.70 -8.02
CA ASP A 293 49.10 -19.13 -8.39
C ASP A 293 48.42 -20.02 -7.30
N ILE A 294 49.23 -20.89 -6.66
CA ILE A 294 48.85 -21.81 -5.57
C ILE A 294 48.36 -21.02 -4.40
N TYR A 295 49.04 -19.88 -4.07
CA TYR A 295 48.62 -19.01 -2.98
C TYR A 295 47.30 -18.41 -3.30
N ALA A 296 47.15 -17.84 -4.50
CA ALA A 296 45.90 -17.23 -4.94
C ALA A 296 44.70 -18.17 -4.85
N ILE A 297 44.87 -19.41 -5.34
CA ILE A 297 43.84 -20.45 -5.33
C ILE A 297 43.54 -20.94 -3.93
N THR A 298 44.56 -21.13 -3.07
CA THR A 298 44.27 -21.60 -1.72
C THR A 298 43.90 -20.46 -0.74
N SER A 299 44.20 -19.19 -1.07
CA SER A 299 43.85 -18.03 -0.25
C SER A 299 42.33 -17.93 -0.12
N TYR A 300 41.64 -17.88 -1.28
CA TYR A 300 40.20 -17.76 -1.42
C TYR A 300 39.39 -18.63 -0.44
N PRO A 301 39.52 -20.00 -0.45
CA PRO A 301 38.75 -20.81 0.51
C PRO A 301 39.11 -20.55 1.96
N LEU A 302 40.42 -20.34 2.25
CA LEU A 302 40.89 -20.07 3.61
C LEU A 302 40.36 -18.77 4.17
N ALA A 303 40.23 -17.72 3.32
CA ALA A 303 39.74 -16.41 3.71
C ALA A 303 38.27 -16.49 4.13
N TYR A 304 37.42 -17.19 3.32
CA TYR A 304 36.00 -17.41 3.63
C TYR A 304 35.80 -18.34 4.83
N LEU A 305 36.65 -19.36 4.97
CA LEU A 305 36.58 -20.26 6.11
C LEU A 305 37.05 -19.58 7.39
N LEU A 306 37.95 -18.58 7.29
CA LEU A 306 38.44 -17.79 8.43
C LEU A 306 37.36 -16.78 8.85
N GLY A 307 36.65 -16.22 7.88
CA GLY A 307 35.58 -15.28 8.14
C GLY A 307 34.41 -15.92 8.85
N ALA A 308 34.02 -17.13 8.37
CA ALA A 308 32.94 -17.95 8.92
C ALA A 308 33.24 -18.32 10.37
N LEU A 309 34.51 -18.65 10.70
CA LEU A 309 34.92 -18.96 12.07
C LEU A 309 34.91 -17.73 12.95
N THR A 310 35.13 -16.53 12.39
CA THR A 310 35.12 -15.27 13.12
C THR A 310 33.69 -14.91 13.60
N LEU A 311 32.69 -14.92 12.69
CA LEU A 311 31.28 -14.63 13.04
C LEU A 311 30.74 -15.65 14.02
N TRP A 312 30.93 -16.95 13.71
CA TRP A 312 30.48 -18.05 14.54
C TRP A 312 31.04 -17.95 15.97
N LEU A 313 32.25 -17.36 16.13
CA LEU A 313 32.83 -17.13 17.44
C LEU A 313 32.22 -15.87 18.07
N LEU A 314 32.16 -14.74 17.31
CA LEU A 314 31.59 -13.45 17.74
C LEU A 314 30.09 -13.49 18.16
N PHE A 315 29.31 -14.48 17.65
CA PHE A 315 27.88 -14.62 17.97
C PHE A 315 27.53 -15.88 18.77
N PHE A 316 28.48 -16.84 18.92
CA PHE A 316 28.25 -18.09 19.66
C PHE A 316 29.52 -18.52 20.43
N GLU B 7 -37.38 -26.99 23.23
CA GLU B 7 -36.76 -27.70 22.11
C GLU B 7 -35.99 -26.74 21.17
N PRO B 8 -35.05 -27.21 20.30
CA PRO B 8 -34.28 -26.25 19.47
C PRO B 8 -34.95 -25.77 18.19
N SER B 9 -34.83 -24.46 17.89
CA SER B 9 -35.41 -23.85 16.68
C SER B 9 -34.46 -23.89 15.49
N ASP B 10 -34.99 -24.33 14.33
CA ASP B 10 -34.23 -24.45 13.08
C ASP B 10 -33.95 -23.07 12.49
N VAL B 11 -32.67 -22.81 12.23
CA VAL B 11 -32.18 -21.57 11.66
C VAL B 11 -31.65 -21.95 10.28
N PHE B 12 -32.30 -21.44 9.23
CA PHE B 12 -31.92 -21.77 7.85
C PHE B 12 -30.89 -20.83 7.28
N ILE B 13 -29.63 -21.32 7.13
CA ILE B 13 -28.46 -20.59 6.61
C ILE B 13 -28.25 -20.82 5.12
N GLY B 14 -28.07 -19.72 4.42
CA GLY B 14 -27.78 -19.67 3.00
C GLY B 14 -26.67 -18.69 2.72
N LEU B 15 -25.62 -19.11 2.00
CA LEU B 15 -24.53 -18.20 1.70
C LEU B 15 -24.18 -18.28 0.23
N LYS B 16 -24.15 -17.13 -0.44
CA LYS B 16 -23.85 -17.10 -1.86
C LYS B 16 -22.72 -16.10 -2.12
N ILE B 17 -21.61 -16.56 -2.74
CA ILE B 17 -20.48 -15.71 -3.08
C ILE B 17 -20.74 -15.14 -4.47
N ASP B 18 -20.92 -13.83 -4.58
CA ASP B 18 -21.22 -13.16 -5.86
C ASP B 18 -19.94 -12.84 -6.61
N GLN B 19 -18.88 -12.48 -5.85
CA GLN B 19 -17.61 -12.05 -6.40
C GLN B 19 -16.47 -12.60 -5.60
N ILE B 20 -15.35 -12.85 -6.29
CA ILE B 20 -14.05 -13.20 -5.71
C ILE B 20 -13.23 -11.97 -6.10
N THR B 21 -13.11 -11.02 -5.14
CA THR B 21 -12.38 -9.77 -5.34
C THR B 21 -10.88 -10.04 -5.37
N GLY B 22 -10.51 -11.26 -5.04
CA GLY B 22 -9.12 -11.71 -5.07
C GLY B 22 -8.73 -12.80 -4.11
N ILE B 23 -7.65 -13.50 -4.46
CA ILE B 23 -7.04 -14.54 -3.65
C ILE B 23 -5.62 -14.06 -3.43
N ASN B 24 -5.26 -13.77 -2.18
CA ASN B 24 -3.91 -13.29 -1.87
C ASN B 24 -3.15 -14.45 -1.25
N GLN B 25 -2.30 -15.12 -2.07
CA GLN B 25 -1.57 -16.30 -1.64
C GLN B 25 -0.39 -15.99 -0.76
N LYS B 26 0.11 -14.75 -0.80
CA LYS B 26 1.23 -14.39 0.05
C LYS B 26 0.77 -14.28 1.51
N GLU B 27 -0.47 -13.77 1.73
CA GLU B 27 -1.10 -13.60 3.04
C GLU B 27 -2.08 -14.76 3.43
N GLU B 28 -2.31 -15.71 2.47
CA GLU B 28 -3.16 -16.90 2.61
C GLU B 28 -4.53 -16.55 3.11
N ASN B 29 -5.20 -15.74 2.31
CA ASN B 29 -6.56 -15.30 2.53
C ASN B 29 -7.18 -15.06 1.18
N PHE B 30 -8.48 -14.88 1.15
CA PHE B 30 -9.24 -14.57 -0.06
C PHE B 30 -10.33 -13.55 0.27
N SER B 31 -10.78 -12.82 -0.74
CA SER B 31 -11.78 -11.81 -0.50
C SER B 31 -13.00 -11.98 -1.40
N VAL B 32 -14.20 -11.85 -0.80
CA VAL B 32 -15.46 -12.06 -1.50
C VAL B 32 -16.49 -10.99 -1.24
N VAL B 33 -17.45 -10.88 -2.16
CA VAL B 33 -18.66 -10.10 -2.04
C VAL B 33 -19.72 -11.20 -1.92
N GLY B 34 -20.49 -11.19 -0.84
CA GLY B 34 -21.45 -12.24 -0.62
C GLY B 34 -22.73 -11.81 0.03
N SER B 35 -23.76 -12.66 -0.11
CA SER B 35 -25.09 -12.46 0.46
C SER B 35 -25.36 -13.62 1.38
N LEU B 36 -25.66 -13.30 2.63
CA LEU B 36 -26.03 -14.27 3.65
C LEU B 36 -27.54 -14.16 3.83
N ARG B 37 -28.22 -15.30 3.79
CA ARG B 37 -29.65 -15.36 3.93
C ARG B 37 -30.05 -16.32 5.03
N ILE B 38 -30.93 -15.84 5.94
CA ILE B 38 -31.42 -16.60 7.09
C ILE B 38 -32.92 -16.57 7.15
N ASP B 39 -33.51 -17.74 7.40
CA ASP B 39 -34.94 -17.94 7.61
C ASP B 39 -35.06 -18.58 8.98
N TRP B 40 -35.83 -17.95 9.87
CA TRP B 40 -36.00 -18.43 11.24
C TRP B 40 -37.41 -18.13 11.74
N ARG B 41 -38.18 -19.18 12.10
CA ARG B 41 -39.54 -18.98 12.64
C ARG B 41 -39.50 -18.87 14.16
N GLN B 42 -39.90 -17.70 14.67
CA GLN B 42 -40.02 -17.45 16.09
C GLN B 42 -41.48 -17.14 16.35
N PRO B 43 -42.27 -18.10 16.89
CA PRO B 43 -43.71 -17.88 17.08
C PRO B 43 -44.02 -16.67 17.94
N LEU B 44 -43.15 -16.35 18.92
CA LEU B 44 -43.28 -15.19 19.81
C LEU B 44 -43.34 -13.83 19.07
N LEU B 45 -42.69 -13.76 17.87
CA LEU B 45 -42.64 -12.56 17.02
C LEU B 45 -43.87 -12.37 16.11
N ALA B 46 -44.79 -13.38 16.11
CA ALA B 46 -46.03 -13.38 15.33
C ALA B 46 -46.89 -12.19 15.70
N PHE B 47 -47.71 -11.72 14.74
CA PHE B 47 -48.54 -10.56 14.96
C PHE B 47 -49.90 -10.65 14.27
N GLU B 48 -50.86 -9.87 14.75
CA GLU B 48 -52.14 -9.76 14.09
C GLU B 48 -52.12 -8.43 13.34
N HIS B 49 -52.81 -8.38 12.21
CA HIS B 49 -52.90 -7.19 11.38
C HIS B 49 -54.36 -6.87 11.03
N ALA B 50 -54.66 -5.58 10.83
CA ALA B 50 -55.99 -5.11 10.47
C ALA B 50 -56.11 -5.14 8.93
N PRO B 51 -57.34 -5.13 8.35
CA PRO B 51 -57.44 -5.12 6.87
C PRO B 51 -56.77 -3.87 6.30
N GLY B 52 -55.90 -4.07 5.30
CA GLY B 52 -55.16 -2.97 4.69
C GLY B 52 -53.75 -2.82 5.24
N GLU B 53 -53.56 -3.17 6.53
CA GLU B 53 -52.25 -3.15 7.20
C GLU B 53 -51.39 -4.30 6.65
N PRO B 54 -50.08 -4.10 6.42
CA PRO B 54 -49.26 -5.16 5.80
C PRO B 54 -49.08 -6.44 6.62
N LYS B 55 -49.00 -7.57 5.89
CA LYS B 55 -48.81 -8.92 6.39
C LYS B 55 -47.32 -9.21 6.66
N HIS B 56 -46.44 -8.35 6.10
CA HIS B 56 -44.99 -8.43 6.27
C HIS B 56 -44.39 -7.09 6.73
N ARG B 57 -43.78 -7.10 7.91
CA ARG B 57 -43.16 -5.92 8.49
C ARG B 57 -41.67 -5.90 8.13
N THR B 58 -41.19 -4.78 7.54
CA THR B 58 -39.80 -4.62 7.13
C THR B 58 -39.05 -3.74 8.13
N TYR B 59 -37.89 -4.27 8.61
CA TYR B 59 -37.08 -3.62 9.64
C TYR B 59 -35.62 -3.54 9.28
N THR B 60 -34.99 -2.45 9.74
CA THR B 60 -33.54 -2.24 9.69
C THR B 60 -33.07 -3.11 10.87
N LEU B 61 -31.98 -3.89 10.69
CA LEU B 61 -31.46 -4.78 11.75
C LEU B 61 -31.43 -4.11 13.14
N ALA B 62 -30.98 -2.84 13.20
CA ALA B 62 -30.87 -2.02 14.42
C ALA B 62 -32.16 -1.98 15.22
N THR B 63 -33.31 -1.67 14.57
CA THR B 63 -34.59 -1.61 15.28
C THR B 63 -35.16 -3.01 15.50
N PHE B 64 -34.85 -3.98 14.61
CA PHE B 64 -35.34 -5.34 14.81
C PHE B 64 -34.72 -5.95 16.05
N LEU B 65 -33.40 -5.74 16.27
CA LEU B 65 -32.70 -6.24 17.45
C LEU B 65 -33.23 -5.54 18.70
N LYS B 66 -33.58 -4.24 18.59
CA LYS B 66 -34.15 -3.44 19.68
C LYS B 66 -35.55 -3.97 20.05
N LEU B 67 -36.28 -4.52 19.05
CA LEU B 67 -37.60 -5.12 19.20
C LEU B 67 -37.45 -6.48 19.91
N LEU B 68 -36.40 -7.26 19.58
CA LEU B 68 -36.14 -8.56 20.19
C LEU B 68 -35.80 -8.39 21.67
N GLU B 69 -34.97 -7.38 22.01
CA GLU B 69 -34.55 -7.10 23.38
C GLU B 69 -35.76 -6.72 24.23
N GLU B 70 -36.69 -5.94 23.63
CA GLU B 70 -37.96 -5.49 24.25
C GLU B 70 -38.83 -6.71 24.58
N LYS B 71 -39.05 -7.58 23.57
CA LYS B 71 -39.83 -8.81 23.66
C LYS B 71 -39.05 -9.94 24.44
N GLN B 72 -37.83 -9.64 24.95
CA GLN B 72 -36.97 -10.56 25.69
C GLN B 72 -36.66 -11.87 24.91
N ILE B 73 -36.56 -11.78 23.57
CA ILE B 73 -36.27 -12.90 22.68
C ILE B 73 -34.77 -12.95 22.35
N ARG B 74 -34.23 -14.18 22.28
CA ARG B 74 -32.86 -14.50 21.94
C ARG B 74 -32.82 -14.84 20.48
N TRP B 75 -31.97 -14.12 19.74
CA TRP B 75 -31.76 -14.30 18.33
C TRP B 75 -30.60 -15.27 18.07
N PRO B 76 -30.55 -15.97 16.91
CA PRO B 76 -29.45 -16.91 16.66
C PRO B 76 -28.15 -16.20 16.30
N ALA B 77 -27.48 -15.66 17.33
CA ALA B 77 -26.23 -14.92 17.18
C ALA B 77 -25.21 -15.82 16.52
N PHE B 78 -24.64 -15.35 15.40
CA PHE B 78 -23.64 -16.11 14.64
C PHE B 78 -22.34 -15.33 14.41
N THR B 79 -21.26 -16.06 14.06
CA THR B 79 -19.95 -15.50 13.72
C THR B 79 -19.40 -16.15 12.45
N TYR B 80 -18.73 -15.37 11.58
CA TYR B 80 -18.03 -15.94 10.42
C TYR B 80 -16.68 -16.32 11.02
N HIS B 81 -16.52 -17.58 11.40
CA HIS B 81 -15.35 -18.04 12.12
C HIS B 81 -13.99 -17.71 11.48
N ASN B 82 -13.87 -17.88 10.16
CA ASN B 82 -12.62 -17.64 9.47
C ASN B 82 -12.51 -16.23 8.84
N GLN B 83 -13.35 -15.27 9.28
CA GLN B 83 -13.31 -13.88 8.80
C GLN B 83 -12.05 -13.18 9.29
N GLN B 84 -11.55 -12.21 8.52
CA GLN B 84 -10.38 -11.39 8.82
C GLN B 84 -10.71 -9.91 8.54
N GLY B 85 -10.32 -9.05 9.48
CA GLY B 85 -10.50 -7.60 9.37
C GLY B 85 -11.93 -7.12 9.37
N ALA B 86 -12.18 -6.06 8.62
CA ALA B 86 -13.52 -5.46 8.59
C ALA B 86 -14.39 -6.07 7.53
N MET B 87 -15.63 -6.29 7.89
CA MET B 87 -16.65 -6.77 6.98
C MET B 87 -17.47 -5.54 6.65
N ASP B 88 -17.32 -5.03 5.42
CA ASP B 88 -18.04 -3.85 4.94
C ASP B 88 -19.42 -4.35 4.51
N PHE B 89 -20.51 -3.80 5.14
CA PHE B 89 -21.88 -4.22 4.84
C PHE B 89 -22.55 -3.34 3.83
N GLN B 90 -23.39 -3.93 3.01
CA GLN B 90 -24.18 -3.23 1.99
C GLN B 90 -25.64 -3.17 2.44
N ASN B 91 -26.19 -4.32 2.87
CA ASN B 91 -27.58 -4.46 3.31
C ASN B 91 -27.67 -5.39 4.51
N ARG B 92 -28.51 -5.01 5.48
CA ARG B 92 -28.80 -5.77 6.70
C ARG B 92 -30.30 -5.49 6.95
N LEU B 93 -31.14 -6.30 6.30
CA LEU B 93 -32.57 -6.12 6.25
C LEU B 93 -33.32 -7.33 6.80
N ILE B 94 -34.42 -7.08 7.55
CA ILE B 94 -35.29 -8.09 8.15
C ILE B 94 -36.70 -7.92 7.62
N SER B 95 -37.35 -9.02 7.24
CA SER B 95 -38.75 -9.05 6.84
C SER B 95 -39.42 -10.07 7.73
N LEU B 96 -40.35 -9.60 8.57
CA LEU B 96 -41.08 -10.40 9.55
C LEU B 96 -42.49 -10.62 9.09
N SER B 97 -42.86 -11.89 8.89
CA SER B 97 -44.21 -12.28 8.46
C SER B 97 -45.15 -12.37 9.66
N GLU B 98 -46.46 -12.32 9.39
CA GLU B 98 -47.55 -12.45 10.37
C GLU B 98 -47.32 -13.71 11.29
N ASP B 99 -46.75 -14.78 10.70
CA ASP B 99 -46.39 -16.09 11.27
C ASP B 99 -45.28 -16.01 12.37
N GLY B 100 -44.34 -15.10 12.16
CA GLY B 100 -43.19 -14.93 13.02
C GLY B 100 -41.92 -15.43 12.32
N THR B 101 -41.99 -15.58 10.96
CA THR B 101 -40.87 -16.00 10.14
C THR B 101 -40.02 -14.78 9.83
N VAL B 102 -38.82 -14.80 10.39
CA VAL B 102 -37.79 -13.77 10.21
C VAL B 102 -37.02 -14.15 8.96
N MET B 103 -36.92 -13.20 8.03
CA MET B 103 -36.17 -13.36 6.79
C MET B 103 -35.09 -12.29 6.79
N TYR B 104 -33.85 -12.73 6.89
CA TYR B 104 -32.71 -11.85 6.98
C TYR B 104 -31.80 -11.96 5.77
N LEU B 105 -31.31 -10.81 5.30
CA LEU B 105 -30.38 -10.69 4.21
C LEU B 105 -29.22 -9.81 4.64
N GLU B 106 -27.99 -10.32 4.48
CA GLU B 106 -26.74 -9.65 4.83
C GLU B 106 -25.82 -9.62 3.62
N ARG B 107 -25.69 -8.47 2.99
CA ARG B 107 -24.79 -8.30 1.84
C ARG B 107 -23.51 -7.65 2.33
N PHE B 108 -22.36 -8.29 2.09
CA PHE B 108 -21.07 -7.81 2.58
C PHE B 108 -19.90 -8.04 1.64
N THR B 109 -18.78 -7.35 1.91
CA THR B 109 -17.47 -7.56 1.29
C THR B 109 -16.56 -7.93 2.45
N SER B 110 -15.85 -9.07 2.37
CA SER B 110 -14.94 -9.47 3.45
C SER B 110 -13.81 -10.38 3.04
N THR B 111 -12.69 -10.29 3.79
CA THR B 111 -11.54 -11.17 3.61
C THR B 111 -11.69 -12.35 4.59
N PHE B 112 -11.32 -13.54 4.14
CA PHE B 112 -11.42 -14.74 4.96
C PHE B 112 -10.13 -15.47 4.90
N GLN B 113 -9.75 -16.08 6.02
CA GLN B 113 -8.55 -16.89 6.15
C GLN B 113 -8.67 -18.12 5.24
N ALA B 114 -7.57 -18.42 4.53
CA ALA B 114 -7.43 -19.58 3.66
C ALA B 114 -6.31 -20.43 4.29
N PRO B 115 -6.62 -21.20 5.37
CA PRO B 115 -5.57 -21.96 6.06
C PRO B 115 -5.28 -23.31 5.44
N ALA B 116 -6.03 -23.67 4.38
CA ALA B 116 -5.87 -24.94 3.67
C ALA B 116 -4.79 -24.89 2.55
N PHE B 117 -4.05 -23.74 2.45
CA PHE B 117 -3.01 -23.49 1.46
C PHE B 117 -1.83 -24.45 1.53
N ASP B 118 -1.69 -25.28 0.46
CA ASP B 118 -0.64 -26.28 0.28
C ASP B 118 0.12 -25.96 -1.00
N PHE B 119 1.27 -25.29 -0.87
CA PHE B 119 2.04 -24.88 -2.04
C PHE B 119 3.05 -25.91 -2.53
N ARG B 120 3.08 -27.12 -1.93
CA ARG B 120 4.01 -28.21 -2.27
C ARG B 120 4.11 -28.47 -3.78
N LEU B 121 2.98 -28.39 -4.53
CA LEU B 121 3.03 -28.62 -5.98
C LEU B 121 2.87 -27.35 -6.86
N PHE B 122 3.03 -26.15 -6.25
CA PHE B 122 2.91 -24.86 -6.95
C PHE B 122 3.89 -24.82 -8.14
N PRO B 123 3.49 -24.34 -9.35
CA PRO B 123 2.20 -23.72 -9.73
C PRO B 123 1.09 -24.69 -10.20
N PHE B 124 1.31 -26.03 -10.06
CA PHE B 124 0.35 -27.06 -10.48
C PHE B 124 -0.56 -27.49 -9.33
N ASP B 125 -0.78 -26.58 -8.39
CA ASP B 125 -1.56 -26.79 -7.17
C ASP B 125 -3.06 -26.55 -7.31
N ASN B 126 -3.85 -27.27 -6.48
CA ASN B 126 -5.31 -27.11 -6.34
C ASN B 126 -5.54 -26.76 -4.86
N GLN B 127 -6.28 -25.67 -4.57
CA GLN B 127 -6.51 -25.25 -3.19
C GLN B 127 -7.97 -25.29 -2.75
N LEU B 128 -8.17 -25.46 -1.43
CA LEU B 128 -9.50 -25.45 -0.79
C LEU B 128 -9.74 -24.13 -0.09
N PHE B 129 -10.86 -23.52 -0.40
CA PHE B 129 -11.28 -22.26 0.22
C PHE B 129 -12.62 -22.47 0.86
N PHE B 130 -12.80 -21.97 2.07
CA PHE B 130 -14.09 -22.15 2.73
C PHE B 130 -14.54 -20.92 3.54
N ILE B 131 -15.83 -20.88 3.91
CA ILE B 131 -16.39 -19.88 4.79
C ILE B 131 -17.14 -20.65 5.89
N HIS B 132 -16.81 -20.36 7.15
CA HIS B 132 -17.40 -20.99 8.32
C HIS B 132 -18.33 -20.00 8.99
N VAL B 133 -19.62 -20.37 9.12
CA VAL B 133 -20.67 -19.57 9.76
C VAL B 133 -21.04 -20.37 11.00
N ASP B 134 -20.70 -19.86 12.19
CA ASP B 134 -20.92 -20.55 13.45
C ASP B 134 -22.03 -19.96 14.30
N SER B 135 -22.83 -20.82 14.97
CA SER B 135 -23.83 -20.35 15.92
C SER B 135 -23.09 -20.14 17.23
N ILE B 136 -23.25 -18.95 17.84
CA ILE B 136 -22.66 -18.65 19.16
C ILE B 136 -23.38 -19.52 20.21
N PHE B 137 -24.72 -19.67 20.09
CA PHE B 137 -25.49 -20.53 20.99
C PHE B 137 -25.45 -22.03 20.58
N PRO B 138 -25.45 -22.98 21.57
CA PRO B 138 -25.37 -24.41 21.21
C PRO B 138 -26.62 -24.99 20.52
N GLN B 139 -26.49 -26.26 20.10
CA GLN B 139 -27.50 -27.04 19.38
C GLN B 139 -28.78 -27.31 20.17
N HIS B 140 -28.78 -27.15 21.50
CA HIS B 140 -30.01 -27.36 22.29
C HIS B 140 -30.99 -26.16 22.15
N LEU B 141 -30.44 -24.97 21.79
CA LEU B 141 -31.18 -23.73 21.60
C LEU B 141 -31.50 -23.52 20.14
N PHE B 142 -30.44 -23.52 19.27
CA PHE B 142 -30.55 -23.32 17.82
C PHE B 142 -29.81 -24.39 17.01
N ARG B 143 -30.47 -24.88 15.95
CA ARG B 143 -29.86 -25.85 15.04
C ARG B 143 -29.83 -25.30 13.62
N PHE B 144 -28.63 -25.19 13.02
CA PHE B 144 -28.48 -24.69 11.66
C PHE B 144 -28.96 -25.72 10.66
N GLN B 145 -29.72 -25.27 9.68
CA GLN B 145 -30.21 -26.10 8.60
C GLN B 145 -29.81 -25.43 7.29
N GLU B 146 -29.73 -26.22 6.22
CA GLU B 146 -29.32 -25.72 4.92
C GLU B 146 -30.48 -25.09 4.20
N MET B 147 -30.40 -23.76 4.00
CA MET B 147 -31.41 -23.05 3.23
C MET B 147 -31.22 -23.52 1.78
N GLN B 148 -32.24 -24.21 1.28
CA GLN B 148 -32.27 -24.83 -0.04
C GLN B 148 -32.43 -23.81 -1.18
N GLY B 149 -31.73 -24.06 -2.28
CA GLY B 149 -31.79 -23.26 -3.49
C GLY B 149 -31.26 -21.84 -3.43
N PHE B 150 -30.22 -21.60 -2.62
CA PHE B 150 -29.63 -20.25 -2.52
C PHE B 150 -28.11 -20.28 -2.50
N SER B 151 -27.54 -21.11 -1.62
CA SER B 151 -26.12 -21.25 -1.40
C SER B 151 -25.30 -21.63 -2.64
N GLY B 152 -24.06 -21.16 -2.68
CA GLY B 152 -23.15 -21.42 -3.78
C GLY B 152 -22.27 -20.25 -4.20
N LEU B 153 -21.86 -20.27 -5.47
CA LEU B 153 -21.01 -19.27 -6.09
C LEU B 153 -21.69 -18.75 -7.36
N GLY B 154 -21.68 -17.43 -7.54
CA GLY B 154 -22.28 -16.72 -8.67
C GLY B 154 -21.66 -17.02 -10.01
N ASP B 155 -22.15 -16.34 -11.07
CA ASP B 155 -21.71 -16.55 -12.44
C ASP B 155 -20.83 -15.42 -12.99
N GLN B 156 -20.51 -14.42 -12.13
CA GLN B 156 -19.63 -13.32 -12.50
C GLN B 156 -18.65 -13.04 -11.38
N LEU B 157 -17.91 -14.10 -10.94
CA LEU B 157 -16.97 -14.03 -9.81
C LEU B 157 -15.82 -13.04 -10.03
N GLY B 158 -15.46 -12.84 -11.28
CA GLY B 158 -14.39 -11.92 -11.68
C GLY B 158 -12.96 -12.35 -11.41
N GLU B 159 -12.74 -13.64 -11.09
CA GLU B 159 -11.38 -14.16 -10.83
C GLU B 159 -10.79 -14.69 -12.14
N GLU B 160 -9.58 -14.20 -12.49
CA GLU B 160 -8.90 -14.52 -13.75
C GLU B 160 -7.81 -15.56 -13.68
N GLU B 161 -7.06 -15.64 -12.55
CA GLU B 161 -5.96 -16.60 -12.40
C GLU B 161 -6.48 -17.97 -11.96
N TRP B 162 -7.45 -17.95 -11.07
CA TRP B 162 -8.00 -19.15 -10.52
C TRP B 162 -9.23 -19.60 -11.25
N ILE B 163 -9.52 -20.90 -11.17
CA ILE B 163 -10.69 -21.47 -11.82
C ILE B 163 -11.31 -22.47 -10.87
N VAL B 164 -12.55 -22.16 -10.40
CA VAL B 164 -13.32 -22.97 -9.44
C VAL B 164 -13.75 -24.30 -10.05
N THR B 165 -13.25 -25.40 -9.43
CA THR B 165 -13.46 -26.77 -9.88
C THR B 165 -14.78 -27.36 -9.33
N GLU B 166 -15.13 -27.07 -8.05
CA GLU B 166 -16.38 -27.53 -7.41
C GLU B 166 -16.77 -26.72 -6.17
N VAL B 167 -18.10 -26.65 -5.86
CA VAL B 167 -18.64 -25.98 -4.67
C VAL B 167 -19.47 -26.97 -3.83
N ASN B 168 -19.34 -26.90 -2.48
CA ASN B 168 -20.04 -27.79 -1.55
C ASN B 168 -20.55 -27.03 -0.36
N THR B 169 -21.67 -27.49 0.19
CA THR B 169 -22.24 -26.96 1.42
C THR B 169 -22.56 -28.10 2.34
N HIS B 170 -22.19 -27.94 3.60
CA HIS B 170 -22.46 -28.93 4.62
C HIS B 170 -22.58 -28.31 6.01
N LEU B 171 -23.09 -29.10 6.96
CA LEU B 171 -23.27 -28.66 8.34
C LEU B 171 -22.44 -29.52 9.26
N THR B 172 -21.86 -28.89 10.28
CA THR B 172 -21.02 -29.56 11.26
C THR B 172 -21.13 -28.89 12.63
N THR B 173 -20.51 -29.49 13.65
CA THR B 173 -20.51 -28.96 15.01
C THR B 173 -19.19 -28.25 15.28
N HIS B 174 -19.18 -27.36 16.25
CA HIS B 174 -18.01 -26.65 16.74
C HIS B 174 -18.19 -26.49 18.25
N ASN B 175 -17.10 -26.22 18.97
CA ASN B 175 -17.19 -26.08 20.43
C ASN B 175 -16.38 -24.86 20.91
N GLU B 176 -16.38 -23.79 20.09
CA GLU B 176 -15.65 -22.55 20.30
C GLU B 176 -15.89 -21.85 21.62
N PHE B 177 -17.18 -21.58 21.99
CA PHE B 177 -17.51 -20.85 23.21
C PHE B 177 -18.24 -21.66 24.23
N THR B 178 -18.82 -22.78 23.77
CA THR B 178 -19.63 -23.68 24.60
C THR B 178 -18.94 -25.03 24.86
N LYS B 179 -19.41 -25.74 25.91
CA LYS B 179 -18.89 -27.07 26.17
C LYS B 179 -19.63 -28.05 25.28
N GLY B 180 -20.95 -27.85 25.14
CA GLY B 180 -21.79 -28.65 24.24
C GLY B 180 -21.63 -28.22 22.79
N ASP B 181 -21.88 -29.15 21.84
CA ASP B 181 -21.77 -28.88 20.39
C ASP B 181 -22.64 -27.71 19.96
N ALA B 182 -22.15 -26.94 18.99
CA ALA B 182 -22.84 -25.78 18.44
C ALA B 182 -22.82 -25.88 16.93
N SER B 183 -23.88 -25.42 16.26
CA SER B 183 -24.00 -25.48 14.80
C SER B 183 -22.95 -24.65 14.02
N ARG B 184 -22.48 -25.19 12.87
CA ARG B 184 -21.55 -24.58 11.93
C ARG B 184 -21.93 -24.90 10.48
N PHE B 185 -22.19 -23.86 9.68
CA PHE B 185 -22.52 -23.97 8.26
C PHE B 185 -21.23 -23.74 7.49
N VAL B 186 -20.97 -24.59 6.49
CA VAL B 186 -19.72 -24.54 5.69
C VAL B 186 -20.01 -24.39 4.19
N LEU B 187 -19.39 -23.39 3.56
CA LEU B 187 -19.44 -23.21 2.12
C LEU B 187 -17.99 -23.43 1.73
N GLU B 188 -17.72 -24.51 0.99
CA GLU B 188 -16.40 -24.91 0.53
C GLU B 188 -16.34 -24.84 -0.97
N PHE B 189 -15.18 -24.43 -1.50
CA PHE B 189 -14.92 -24.43 -2.93
C PHE B 189 -13.46 -24.73 -3.23
N HIS B 190 -13.24 -25.51 -4.28
CA HIS B 190 -11.90 -25.86 -4.73
C HIS B 190 -11.58 -25.07 -5.98
N ALA B 191 -10.34 -24.59 -6.08
CA ALA B 191 -9.89 -23.83 -7.22
C ALA B 191 -8.48 -24.21 -7.63
N GLU B 192 -8.26 -24.36 -8.95
CA GLU B 192 -6.94 -24.66 -9.51
C GLU B 192 -6.46 -23.43 -10.28
N ARG B 193 -5.17 -23.39 -10.56
CA ARG B 193 -4.54 -22.25 -11.19
C ARG B 193 -4.42 -22.31 -12.71
N HIS B 194 -4.49 -21.12 -13.38
CA HIS B 194 -4.27 -20.97 -14.81
C HIS B 194 -2.76 -20.80 -14.94
N LEU B 195 -2.11 -21.75 -15.65
CA LEU B 195 -0.65 -21.83 -15.80
C LEU B 195 -0.04 -20.81 -16.77
N ASN B 196 -0.89 -20.14 -17.60
CA ASN B 196 -0.46 -19.16 -18.60
C ASN B 196 0.56 -18.17 -18.10
N TYR B 197 0.34 -17.52 -16.93
CA TYR B 197 1.33 -16.57 -16.42
C TYR B 197 2.72 -17.23 -16.22
N TYR B 198 2.75 -18.40 -15.57
CA TYR B 198 3.98 -19.11 -15.25
C TYR B 198 4.68 -19.57 -16.50
N LEU B 199 3.92 -20.01 -17.50
CA LEU B 199 4.46 -20.44 -18.77
C LEU B 199 5.14 -19.26 -19.53
N MET B 200 4.44 -18.12 -19.65
CA MET B 200 4.88 -16.92 -20.34
C MET B 200 5.97 -16.16 -19.64
N ARG B 201 5.92 -16.06 -18.32
CA ARG B 201 6.89 -15.22 -17.63
C ARG B 201 8.01 -15.98 -16.97
N ILE B 202 7.83 -17.28 -16.65
CA ILE B 202 8.91 -18.04 -16.00
C ILE B 202 9.47 -19.18 -16.88
N LEU B 203 8.63 -20.16 -17.30
CA LEU B 203 9.14 -21.29 -18.09
C LEU B 203 9.78 -20.89 -19.42
N ILE B 204 9.04 -20.25 -20.34
CA ILE B 204 9.59 -19.80 -21.63
C ILE B 204 10.88 -18.99 -21.43
N PRO B 205 10.96 -17.88 -20.62
CA PRO B 205 12.25 -17.18 -20.45
C PRO B 205 13.42 -18.06 -19.96
N VAL B 206 13.20 -18.88 -18.89
CA VAL B 206 14.23 -19.77 -18.35
C VAL B 206 14.69 -20.75 -19.43
N LEU B 207 13.74 -21.34 -20.19
CA LEU B 207 14.08 -22.26 -21.28
C LEU B 207 14.83 -21.58 -22.40
N LEU B 208 14.50 -20.33 -22.70
CA LEU B 208 15.17 -19.57 -23.77
C LEU B 208 16.59 -19.31 -23.37
N ILE B 209 16.79 -18.74 -22.17
CA ILE B 209 18.13 -18.46 -21.64
C ILE B 209 19.00 -19.73 -21.77
N ILE B 210 18.47 -20.93 -21.37
CA ILE B 210 19.22 -22.19 -21.44
C ILE B 210 19.51 -22.62 -22.90
N THR B 211 18.49 -22.58 -23.77
CA THR B 211 18.63 -22.99 -25.17
C THR B 211 19.57 -22.07 -25.99
N VAL B 212 19.34 -20.74 -25.94
CA VAL B 212 20.20 -19.82 -26.70
C VAL B 212 21.63 -19.77 -26.14
N SER B 213 21.78 -20.07 -24.84
CA SER B 213 23.11 -20.14 -24.27
C SER B 213 23.86 -21.35 -24.81
N TRP B 214 23.12 -22.45 -25.07
CA TRP B 214 23.73 -23.64 -25.64
C TRP B 214 24.17 -23.44 -27.07
N PHE B 215 23.47 -22.57 -27.83
CA PHE B 215 23.81 -22.27 -29.22
C PHE B 215 25.22 -21.77 -29.32
N THR B 216 25.66 -20.97 -28.35
CA THR B 216 27.00 -20.39 -28.35
C THR B 216 28.13 -21.39 -28.08
N PHE B 217 27.80 -22.63 -27.69
CA PHE B 217 28.83 -23.65 -27.51
C PHE B 217 29.44 -24.04 -28.84
N PHE B 218 28.64 -23.94 -29.89
CA PHE B 218 29.08 -24.22 -31.24
C PHE B 218 30.12 -23.18 -31.79
N LEU B 219 30.43 -22.12 -31.01
CA LEU B 219 31.42 -21.09 -31.35
C LEU B 219 32.84 -21.53 -30.99
N GLN B 220 32.92 -22.53 -30.08
CA GLN B 220 34.18 -23.17 -29.66
C GLN B 220 35.19 -22.18 -28.95
N ASP B 221 34.70 -21.47 -27.89
CA ASP B 221 35.48 -20.57 -27.03
C ASP B 221 35.17 -20.95 -25.56
N TYR B 222 36.07 -21.73 -24.87
CA TYR B 222 35.85 -22.20 -23.47
C TYR B 222 35.66 -21.08 -22.44
N THR B 223 36.42 -19.97 -22.58
CA THR B 223 36.36 -18.78 -21.73
C THR B 223 34.95 -18.17 -21.81
N LYS B 224 34.45 -17.94 -23.05
CA LYS B 224 33.11 -17.40 -23.31
C LYS B 224 32.01 -18.26 -22.68
N ARG B 225 32.18 -19.59 -22.67
CA ARG B 225 31.21 -20.50 -22.05
C ARG B 225 31.15 -20.33 -20.55
N ILE B 226 32.31 -20.30 -19.90
CA ILE B 226 32.39 -20.09 -18.45
C ILE B 226 31.73 -18.74 -18.05
N ASP B 227 32.00 -17.66 -18.80
CA ASP B 227 31.37 -16.35 -18.56
C ASP B 227 29.88 -16.38 -18.80
N LEU B 228 29.41 -17.18 -19.77
CA LEU B 228 28.01 -17.32 -20.06
C LEU B 228 27.27 -18.04 -18.94
N ALA B 229 27.78 -19.21 -18.51
CA ALA B 229 27.16 -19.96 -17.40
C ALA B 229 27.18 -19.16 -16.08
N GLY B 230 28.23 -18.38 -15.84
CA GLY B 230 28.35 -17.55 -14.65
C GLY B 230 27.26 -16.51 -14.57
N GLY B 231 27.03 -15.84 -15.69
CA GLY B 231 25.97 -14.83 -15.80
C GLY B 231 24.59 -15.44 -15.73
N ASN B 232 24.42 -16.64 -16.32
CA ASN B 232 23.16 -17.39 -16.29
C ASN B 232 22.78 -17.72 -14.86
N LEU B 233 23.78 -18.10 -14.05
CA LEU B 233 23.59 -18.40 -12.64
C LEU B 233 23.01 -17.18 -11.91
N LEU B 234 23.53 -15.97 -12.23
CA LEU B 234 23.02 -14.75 -11.61
C LEU B 234 21.58 -14.49 -12.02
N LEU B 235 21.23 -14.76 -13.29
CA LEU B 235 19.88 -14.61 -13.80
C LEU B 235 18.92 -15.49 -13.06
N PHE B 236 19.31 -16.76 -12.77
CA PHE B 236 18.46 -17.70 -12.04
C PHE B 236 18.27 -17.30 -10.60
N ILE B 237 19.34 -16.75 -9.96
CA ILE B 237 19.28 -16.18 -8.60
C ILE B 237 18.21 -15.04 -8.58
N ALA B 238 18.19 -14.23 -9.67
CA ALA B 238 17.21 -13.17 -9.81
C ALA B 238 15.79 -13.74 -9.98
N PHE B 239 15.59 -14.82 -10.78
CA PHE B 239 14.29 -15.46 -10.95
C PHE B 239 13.79 -16.07 -9.65
N ASN B 240 14.75 -16.56 -8.86
CA ASN B 240 14.54 -17.14 -7.53
C ASN B 240 13.89 -16.11 -6.60
N PHE B 241 14.31 -14.84 -6.71
CA PHE B 241 13.71 -13.78 -5.92
C PHE B 241 12.35 -13.41 -6.46
N THR B 242 12.17 -13.45 -7.78
CA THR B 242 10.88 -13.17 -8.45
C THR B 242 9.81 -14.15 -7.97
N ILE B 243 10.18 -15.43 -7.84
CA ILE B 243 9.26 -16.47 -7.37
C ILE B 243 8.95 -16.30 -5.91
N SER B 244 9.98 -16.13 -5.05
CA SER B 244 9.82 -15.97 -3.61
C SER B 244 8.84 -14.83 -3.20
N SER B 245 8.74 -13.78 -4.04
CA SER B 245 7.84 -12.67 -3.79
C SER B 245 6.34 -13.04 -3.94
N ASP B 246 6.00 -14.13 -4.66
CA ASP B 246 4.61 -14.58 -4.89
C ASP B 246 4.06 -15.36 -3.71
N LEU B 247 4.94 -16.04 -2.97
CA LEU B 247 4.56 -16.94 -1.88
C LEU B 247 4.92 -16.47 -0.50
N PRO B 248 4.32 -17.06 0.57
CA PRO B 248 4.75 -16.72 1.94
C PRO B 248 6.13 -17.34 2.19
N ARG B 249 6.79 -16.98 3.31
CA ARG B 249 8.11 -17.53 3.61
C ARG B 249 7.92 -18.88 4.27
N LEU B 250 7.43 -19.83 3.46
CA LEU B 250 7.11 -21.20 3.85
C LEU B 250 8.29 -21.92 4.54
N GLY B 251 7.94 -22.93 5.31
CA GLY B 251 8.92 -23.75 5.98
C GLY B 251 9.18 -25.02 5.21
N TYR B 252 8.58 -25.14 3.99
CA TYR B 252 8.72 -26.31 3.12
C TYR B 252 9.12 -25.95 1.68
N ILE B 253 9.65 -26.94 0.92
CA ILE B 253 10.10 -26.75 -0.48
C ILE B 253 8.92 -26.98 -1.45
N THR B 254 8.83 -26.05 -2.39
CA THR B 254 7.85 -25.96 -3.47
C THR B 254 8.42 -26.71 -4.66
N LEU B 255 7.56 -27.09 -5.61
CA LEU B 255 8.01 -27.69 -6.88
C LEU B 255 8.78 -26.61 -7.63
N MET B 256 8.34 -25.35 -7.56
CA MET B 256 9.01 -24.22 -8.18
C MET B 256 10.40 -24.01 -7.59
N ASP B 257 10.51 -24.11 -6.24
CA ASP B 257 11.77 -23.96 -5.50
C ASP B 257 12.77 -24.99 -5.94
N ALA B 258 12.31 -26.26 -6.07
CA ALA B 258 13.13 -27.38 -6.52
C ALA B 258 13.60 -27.13 -7.94
N PHE B 259 12.70 -26.61 -8.80
CA PHE B 259 13.01 -26.29 -10.16
C PHE B 259 14.13 -25.25 -10.25
N LEU B 260 14.08 -24.17 -9.44
CA LEU B 260 15.13 -23.14 -9.46
C LEU B 260 16.43 -23.60 -8.86
N VAL B 261 16.37 -24.35 -7.74
CA VAL B 261 17.56 -24.92 -7.10
C VAL B 261 18.24 -25.88 -8.10
N GLY B 262 17.42 -26.56 -8.90
CA GLY B 262 17.88 -27.47 -9.94
C GLY B 262 18.69 -26.74 -10.99
N THR B 263 18.15 -25.60 -11.50
CA THR B 263 18.88 -24.83 -12.50
C THR B 263 20.20 -24.27 -11.94
N PHE B 264 20.25 -23.97 -10.60
CA PHE B 264 21.49 -23.51 -9.95
C PHE B 264 22.51 -24.59 -9.98
N ILE B 265 22.14 -25.79 -9.51
CA ILE B 265 23.03 -26.93 -9.44
C ILE B 265 23.59 -27.28 -10.83
N ILE B 266 22.72 -27.37 -11.87
CA ILE B 266 23.24 -27.67 -13.22
C ILE B 266 24.20 -26.58 -13.71
N THR B 267 23.81 -25.29 -13.59
CA THR B 267 24.67 -24.18 -14.01
C THR B 267 26.01 -24.18 -13.25
N ALA B 268 25.99 -24.47 -11.94
CA ALA B 268 27.20 -24.57 -11.14
C ALA B 268 28.12 -25.65 -11.71
N LEU B 269 27.53 -26.82 -12.08
CA LEU B 269 28.26 -27.93 -12.66
C LEU B 269 28.74 -27.64 -14.07
N VAL B 270 27.98 -26.87 -14.87
CA VAL B 270 28.41 -26.43 -16.21
C VAL B 270 29.71 -25.60 -16.07
N VAL B 271 29.74 -24.62 -15.12
CA VAL B 271 30.95 -23.84 -14.84
C VAL B 271 32.09 -24.81 -14.47
N LEU B 272 31.83 -25.74 -13.51
CA LEU B 272 32.80 -26.72 -13.05
C LEU B 272 33.37 -27.60 -14.17
N GLY B 273 32.49 -28.12 -15.01
CA GLY B 273 32.83 -28.99 -16.14
C GLY B 273 33.68 -28.27 -17.16
N ASN B 274 33.23 -27.07 -17.61
CA ASN B 274 33.99 -26.31 -18.59
C ASN B 274 35.33 -25.79 -18.07
N VAL B 275 35.45 -25.53 -16.72
CA VAL B 275 36.74 -25.16 -16.13
C VAL B 275 37.63 -26.39 -16.24
N TRP B 276 37.08 -27.58 -15.90
CA TRP B 276 37.75 -28.87 -15.94
C TRP B 276 38.22 -29.26 -17.36
N LEU B 277 37.36 -29.11 -18.36
CA LEU B 277 37.70 -29.38 -19.76
C LEU B 277 38.77 -28.44 -20.30
N ARG B 278 38.74 -27.15 -19.90
CA ARG B 278 39.77 -26.19 -20.30
C ARG B 278 41.08 -26.57 -19.61
N ARG B 279 40.98 -27.10 -18.36
CA ARG B 279 42.16 -27.52 -17.61
C ARG B 279 42.75 -28.76 -18.29
N LEU B 280 41.93 -29.64 -18.91
CA LEU B 280 42.40 -30.82 -19.64
C LEU B 280 43.10 -30.44 -20.92
N GLU B 281 42.57 -29.46 -21.68
CA GLU B 281 43.19 -28.91 -22.91
C GLU B 281 44.62 -28.49 -22.54
N ASN B 282 44.74 -27.65 -21.50
CA ASN B 282 46.00 -27.09 -21.01
C ASN B 282 46.99 -28.14 -20.54
N HIS B 283 46.52 -29.36 -20.20
CA HIS B 283 47.39 -30.42 -19.70
C HIS B 283 47.57 -31.54 -20.71
N GLY B 284 47.71 -31.19 -21.97
CA GLY B 284 47.96 -32.24 -22.94
C GLY B 284 47.24 -32.10 -24.24
N GLN B 286 44.78 -30.66 -30.45
CA GLN B 286 44.24 -30.35 -31.76
C GLN B 286 43.08 -31.31 -32.06
N ALA B 287 43.36 -32.63 -32.25
CA ALA B 287 42.29 -33.63 -32.37
C ALA B 287 41.75 -33.93 -30.96
N LEU B 288 42.58 -33.69 -29.90
CA LEU B 288 42.18 -33.81 -28.49
C LEU B 288 41.26 -32.69 -28.19
N ALA B 289 41.67 -31.48 -28.59
CA ALA B 289 40.94 -30.24 -28.36
C ALA B 289 39.51 -30.37 -28.85
N ARG B 290 39.37 -30.81 -30.12
CA ARG B 290 38.11 -30.98 -30.78
C ARG B 290 37.35 -32.21 -30.26
N LYS B 291 38.06 -33.21 -29.70
CA LYS B 291 37.43 -34.39 -29.07
C LYS B 291 36.79 -33.97 -27.75
N LEU B 292 37.51 -33.19 -26.92
CA LEU B 292 36.99 -32.71 -25.63
C LEU B 292 35.79 -31.82 -25.81
N ASP B 293 35.83 -31.00 -26.86
CA ASP B 293 34.77 -30.06 -27.24
C ASP B 293 33.37 -30.73 -27.37
N ILE B 294 33.35 -31.97 -27.89
CA ILE B 294 32.17 -32.82 -28.08
C ILE B 294 31.55 -33.12 -26.74
N TYR B 295 32.39 -33.39 -25.70
CA TYR B 295 31.89 -33.65 -24.36
C TYR B 295 31.24 -32.41 -23.82
N ALA B 296 31.92 -31.25 -23.92
CA ALA B 296 31.40 -29.98 -23.45
C ALA B 296 30.02 -29.62 -24.06
N ILE B 297 29.89 -29.80 -25.38
CA ILE B 297 28.65 -29.51 -26.11
C ILE B 297 27.54 -30.51 -25.78
N THR B 298 27.87 -31.81 -25.66
CA THR B 298 26.81 -32.77 -25.33
C THR B 298 26.52 -32.88 -23.81
N SER B 299 27.43 -32.38 -22.96
CA SER B 299 27.24 -32.38 -21.50
C SER B 299 26.03 -31.53 -21.15
N TYR B 300 26.03 -30.27 -21.61
CA TYR B 300 25.01 -29.26 -21.37
C TYR B 300 23.55 -29.77 -21.49
N PRO B 301 23.11 -30.31 -22.67
CA PRO B 301 21.73 -30.82 -22.75
C PRO B 301 21.46 -32.02 -21.83
N LEU B 302 22.44 -32.92 -21.67
CA LEU B 302 22.30 -34.09 -20.80
C LEU B 302 22.15 -33.73 -19.34
N ALA B 303 22.86 -32.67 -18.89
CA ALA B 303 22.82 -32.19 -17.51
C ALA B 303 21.42 -31.64 -17.17
N TYR B 304 20.83 -30.81 -18.06
CA TYR B 304 19.48 -30.26 -17.89
C TYR B 304 18.40 -31.34 -18.04
N LEU B 305 18.60 -32.31 -18.93
CA LEU B 305 17.67 -33.43 -19.09
C LEU B 305 17.74 -34.40 -17.89
N LEU B 306 18.90 -34.49 -17.21
CA LEU B 306 19.09 -35.31 -16.00
C LEU B 306 18.42 -34.61 -14.81
N GLY B 307 18.51 -33.29 -14.77
CA GLY B 307 17.90 -32.50 -13.71
C GLY B 307 16.38 -32.57 -13.74
N ALA B 308 15.82 -32.42 -14.97
CA ALA B 308 14.38 -32.49 -15.27
C ALA B 308 13.81 -33.85 -14.83
N LEU B 309 14.55 -34.95 -15.08
CA LEU B 309 14.12 -36.28 -14.67
C LEU B 309 14.17 -36.46 -13.17
N THR B 310 15.09 -35.76 -12.48
CA THR B 310 15.23 -35.82 -11.02
C THR B 310 14.03 -35.19 -10.31
N LEU B 311 13.63 -33.94 -10.67
CA LEU B 311 12.47 -33.25 -10.07
C LEU B 311 11.19 -33.98 -10.36
N TRP B 312 10.98 -34.33 -11.65
CA TRP B 312 9.80 -35.04 -12.11
C TRP B 312 9.60 -36.37 -11.36
N LEU B 313 10.71 -37.00 -10.93
CA LEU B 313 10.64 -38.21 -10.12
C LEU B 313 10.35 -37.86 -8.66
N LEU B 314 11.11 -36.90 -8.08
CA LEU B 314 10.97 -36.42 -6.69
C LEU B 314 9.57 -35.83 -6.34
N PHE B 315 8.81 -35.34 -7.34
CA PHE B 315 7.47 -34.74 -7.13
C PHE B 315 6.32 -35.53 -7.75
N PHE B 316 6.61 -36.55 -8.61
CA PHE B 316 5.59 -37.37 -9.28
C PHE B 316 6.05 -38.83 -9.43
N GLU C 7 -51.13 -3.27 -6.12
CA GLU C 7 -50.40 -2.87 -7.32
C GLU C 7 -48.96 -2.40 -7.00
N PRO C 8 -48.00 -2.47 -7.96
CA PRO C 8 -46.62 -2.03 -7.67
C PRO C 8 -46.35 -0.54 -7.81
N SER C 9 -45.56 0.04 -6.86
CA SER C 9 -45.23 1.47 -6.89
C SER C 9 -43.95 1.75 -7.67
N ASP C 10 -44.01 2.76 -8.56
CA ASP C 10 -42.89 3.18 -9.40
C ASP C 10 -41.84 3.91 -8.58
N VAL C 11 -40.61 3.41 -8.66
CA VAL C 11 -39.44 3.95 -7.98
C VAL C 11 -38.55 4.52 -9.07
N PHE C 12 -38.36 5.84 -9.08
CA PHE C 12 -37.57 6.52 -10.10
C PHE C 12 -36.11 6.62 -9.74
N ILE C 13 -35.25 5.80 -10.43
CA ILE C 13 -33.80 5.70 -10.23
C ILE C 13 -33.02 6.58 -11.21
N GLY C 14 -32.09 7.33 -10.65
CA GLY C 14 -31.18 8.21 -11.37
C GLY C 14 -29.78 8.05 -10.82
N LEU C 15 -28.80 7.82 -11.68
CA LEU C 15 -27.43 7.68 -11.22
C LEU C 15 -26.50 8.50 -12.08
N LYS C 16 -25.70 9.34 -11.45
CA LYS C 16 -24.76 10.20 -12.18
C LYS C 16 -23.34 10.03 -11.62
N ILE C 17 -22.36 9.67 -12.47
CA ILE C 17 -20.97 9.51 -12.09
C ILE C 17 -20.28 10.85 -12.25
N ASP C 18 -19.85 11.47 -11.14
CA ASP C 18 -19.19 12.80 -11.17
C ASP C 18 -17.72 12.68 -11.47
N GLN C 19 -17.10 11.61 -10.95
CA GLN C 19 -15.67 11.36 -11.03
C GLN C 19 -15.38 9.91 -11.26
N ILE C 20 -14.28 9.65 -11.97
CA ILE C 20 -13.66 8.33 -12.15
C ILE C 20 -12.35 8.55 -11.41
N THR C 21 -12.31 8.08 -10.14
CA THR C 21 -11.14 8.21 -9.27
C THR C 21 -10.04 7.24 -9.70
N GLY C 22 -10.39 6.36 -10.65
CA GLY C 22 -9.45 5.41 -11.22
C GLY C 22 -10.06 4.11 -11.73
N ILE C 23 -9.31 3.46 -12.63
CA ILE C 23 -9.65 2.15 -13.21
C ILE C 23 -8.46 1.31 -12.89
N ASN C 24 -8.64 0.27 -12.07
CA ASN C 24 -7.54 -0.61 -11.68
C ASN C 24 -7.70 -1.91 -12.46
N GLN C 25 -6.94 -2.05 -13.57
CA GLN C 25 -7.03 -3.20 -14.47
C GLN C 25 -6.40 -4.44 -13.91
N LYS C 26 -5.49 -4.30 -12.95
CA LYS C 26 -4.86 -5.48 -12.35
C LYS C 26 -5.87 -6.24 -11.48
N GLU C 27 -6.75 -5.47 -10.77
CA GLU C 27 -7.78 -5.99 -9.87
C GLU C 27 -9.19 -6.06 -10.54
N GLU C 28 -9.30 -5.55 -11.79
CA GLU C 28 -10.52 -5.52 -12.62
C GLU C 28 -11.68 -4.92 -11.89
N ASN C 29 -11.50 -3.68 -11.52
CA ASN C 29 -12.48 -2.88 -10.82
C ASN C 29 -12.23 -1.43 -11.22
N PHE C 30 -13.17 -0.55 -10.89
CA PHE C 30 -13.07 0.89 -11.13
C PHE C 30 -13.66 1.64 -9.96
N SER C 31 -13.25 2.88 -9.78
CA SER C 31 -13.74 3.66 -8.65
C SER C 31 -14.35 4.98 -9.07
N VAL C 32 -15.54 5.30 -8.52
CA VAL C 32 -16.29 6.50 -8.87
C VAL C 32 -16.80 7.29 -7.67
N VAL C 33 -17.09 8.57 -7.92
CA VAL C 33 -17.79 9.48 -7.02
C VAL C 33 -19.11 9.65 -7.76
N GLY C 34 -20.21 9.32 -7.10
CA GLY C 34 -21.49 9.40 -7.75
C GLY C 34 -22.64 9.86 -6.88
N SER C 35 -23.72 10.30 -7.53
CA SER C 35 -24.93 10.76 -6.86
C SER C 35 -26.04 9.88 -7.35
N LEU C 36 -26.74 9.27 -6.39
CA LEU C 36 -27.91 8.43 -6.65
C LEU C 36 -29.13 9.25 -6.26
N ARG C 37 -30.10 9.32 -7.17
CA ARG C 37 -31.31 10.07 -6.94
C ARG C 37 -32.52 9.19 -7.14
N ILE C 38 -33.44 9.22 -6.15
CA ILE C 38 -34.68 8.44 -6.16
C ILE C 38 -35.87 9.31 -5.88
N ASP C 39 -36.93 9.12 -6.68
CA ASP C 39 -38.23 9.77 -6.54
C ASP C 39 -39.24 8.64 -6.39
N TRP C 40 -40.00 8.67 -5.30
CA TRP C 40 -40.95 7.61 -4.99
C TRP C 40 -42.16 8.19 -4.28
N ARG C 41 -43.37 8.05 -4.88
CA ARG C 41 -44.60 8.52 -4.24
C ARG C 41 -45.23 7.41 -3.40
N GLN C 42 -45.32 7.63 -2.10
CA GLN C 42 -45.96 6.73 -1.18
C GLN C 42 -47.11 7.51 -0.55
N PRO C 43 -48.37 7.28 -1.00
CA PRO C 43 -49.50 8.06 -0.47
C PRO C 43 -49.66 7.98 1.04
N LEU C 44 -49.28 6.84 1.64
CA LEU C 44 -49.32 6.61 3.09
C LEU C 44 -48.46 7.61 3.92
N LEU C 45 -47.37 8.12 3.31
CA LEU C 45 -46.45 9.09 3.91
C LEU C 45 -46.92 10.55 3.85
N ALA C 46 -48.06 10.78 3.14
CA ALA C 46 -48.68 12.10 2.96
C ALA C 46 -49.01 12.69 4.31
N PHE C 47 -49.00 14.01 4.39
CA PHE C 47 -49.30 14.70 5.64
C PHE C 47 -50.12 15.96 5.43
N GLU C 48 -50.79 16.38 6.49
CA GLU C 48 -51.54 17.61 6.44
C GLU C 48 -50.68 18.65 7.19
N HIS C 49 -50.77 19.89 6.72
CA HIS C 49 -50.02 21.02 7.28
C HIS C 49 -50.97 22.20 7.54
N ALA C 50 -50.64 23.03 8.52
CA ALA C 50 -51.43 24.21 8.85
C ALA C 50 -50.92 25.39 7.98
N PRO C 51 -51.70 26.49 7.79
CA PRO C 51 -51.18 27.61 6.97
C PRO C 51 -49.90 28.18 7.58
N GLY C 52 -48.86 28.31 6.77
CA GLY C 52 -47.56 28.80 7.23
C GLY C 52 -46.57 27.71 7.57
N GLU C 53 -47.09 26.53 8.00
CA GLU C 53 -46.27 25.36 8.28
C GLU C 53 -45.73 24.78 6.95
N PRO C 54 -44.49 24.25 6.90
CA PRO C 54 -43.92 23.77 5.63
C PRO C 54 -44.64 22.60 4.94
N LYS C 55 -44.68 22.71 3.60
CA LYS C 55 -45.26 21.76 2.67
C LYS C 55 -44.24 20.65 2.37
N HIS C 56 -42.93 20.86 2.70
CA HIS C 56 -41.86 19.87 2.50
C HIS C 56 -41.04 19.62 3.77
N ARG C 57 -41.02 18.36 4.23
CA ARG C 57 -40.29 17.94 5.41
C ARG C 57 -38.94 17.36 5.01
N THR C 58 -37.86 17.88 5.61
CA THR C 58 -36.49 17.43 5.30
C THR C 58 -35.98 16.53 6.44
N TYR C 59 -35.49 15.32 6.06
CA TYR C 59 -35.05 14.30 6.99
C TYR C 59 -33.70 13.73 6.68
N THR C 60 -32.98 13.37 7.76
CA THR C 60 -31.73 12.62 7.71
C THR C 60 -32.25 11.17 7.50
N LEU C 61 -31.61 10.37 6.60
CA LEU C 61 -32.05 8.99 6.31
C LEU C 61 -32.42 8.18 7.59
N ALA C 62 -31.60 8.32 8.65
CA ALA C 62 -31.76 7.69 9.95
C ALA C 62 -33.13 7.87 10.54
N THR C 63 -33.62 9.12 10.64
CA THR C 63 -34.94 9.38 11.22
C THR C 63 -36.06 9.10 10.21
N PHE C 64 -35.76 9.21 8.89
CA PHE C 64 -36.76 8.89 7.88
C PHE C 64 -37.10 7.41 7.89
N LEU C 65 -36.08 6.53 8.03
CA LEU C 65 -36.28 5.08 8.12
C LEU C 65 -37.01 4.74 9.40
N LYS C 66 -36.71 5.46 10.50
CA LYS C 66 -37.37 5.30 11.80
C LYS C 66 -38.85 5.69 11.71
N LEU C 67 -39.16 6.64 10.82
CA LEU C 67 -40.53 7.11 10.56
C LEU C 67 -41.28 6.05 9.76
N LEU C 68 -40.60 5.40 8.78
CA LEU C 68 -41.22 4.35 7.95
C LEU C 68 -41.57 3.14 8.78
N GLU C 69 -40.67 2.72 9.70
CA GLU C 69 -40.87 1.57 10.59
C GLU C 69 -42.06 1.80 11.50
N GLU C 70 -42.20 3.06 12.00
CA GLU C 70 -43.29 3.53 12.86
C GLU C 70 -44.61 3.40 12.11
N LYS C 71 -44.66 3.97 10.89
CA LYS C 71 -45.81 3.96 10.00
C LYS C 71 -46.06 2.59 9.33
N GLN C 72 -45.22 1.58 9.67
CA GLN C 72 -45.27 0.21 9.12
C GLN C 72 -45.23 0.16 7.56
N ILE C 73 -44.44 1.09 6.96
CA ILE C 73 -44.27 1.18 5.51
C ILE C 73 -42.96 0.50 5.10
N ARG C 74 -43.00 -0.17 3.92
CA ARG C 74 -41.86 -0.84 3.30
C ARG C 74 -41.26 0.10 2.27
N TRP C 75 -39.97 0.34 2.39
CA TRP C 75 -39.20 1.21 1.50
C TRP C 75 -38.57 0.38 0.38
N PRO C 76 -38.27 0.98 -0.80
CA PRO C 76 -37.69 0.18 -1.89
C PRO C 76 -36.22 -0.15 -1.66
N ALA C 77 -35.97 -1.10 -0.76
CA ALA C 77 -34.61 -1.50 -0.39
C ALA C 77 -33.86 -1.94 -1.63
N PHE C 78 -32.72 -1.30 -1.89
CA PHE C 78 -31.91 -1.60 -3.06
C PHE C 78 -30.45 -1.96 -2.70
N THR C 79 -29.74 -2.58 -3.67
CA THR C 79 -28.32 -2.93 -3.55
C THR C 79 -27.59 -2.58 -4.80
N TYR C 80 -26.32 -2.12 -4.67
CA TYR C 80 -25.46 -1.85 -5.83
C TYR C 80 -24.84 -3.21 -6.07
N HIS C 81 -25.42 -4.02 -6.96
CA HIS C 81 -25.02 -5.39 -7.16
C HIS C 81 -23.53 -5.65 -7.38
N ASN C 82 -22.89 -4.79 -8.19
CA ASN C 82 -21.48 -4.97 -8.51
C ASN C 82 -20.51 -4.14 -7.64
N GLN C 83 -20.98 -3.63 -6.49
CA GLN C 83 -20.15 -2.85 -5.55
C GLN C 83 -19.12 -3.75 -4.87
N GLN C 84 -17.96 -3.17 -4.49
CA GLN C 84 -16.85 -3.85 -3.80
C GLN C 84 -16.37 -2.95 -2.64
N GLY C 85 -16.13 -3.58 -1.51
CA GLY C 85 -15.64 -2.90 -0.31
C GLY C 85 -16.60 -1.88 0.31
N ALA C 86 -16.03 -0.84 0.90
CA ALA C 86 -16.78 0.19 1.58
C ALA C 86 -17.24 1.28 0.64
N MET C 87 -18.47 1.70 0.83
CA MET C 87 -19.03 2.82 0.08
C MET C 87 -19.01 3.97 1.07
N ASP C 88 -18.12 4.93 0.87
CA ASP C 88 -17.99 6.11 1.73
C ASP C 88 -19.09 7.09 1.29
N PHE C 89 -19.99 7.48 2.22
CA PHE C 89 -21.09 8.40 1.90
C PHE C 89 -20.78 9.84 2.23
N GLN C 90 -21.29 10.75 1.44
CA GLN C 90 -21.15 12.20 1.62
C GLN C 90 -22.49 12.78 2.09
N ASN C 91 -23.60 12.39 1.43
CA ASN C 91 -24.94 12.85 1.72
C ASN C 91 -25.95 11.73 1.57
N ARG C 92 -26.90 11.67 2.49
CA ARG C 92 -28.02 10.71 2.52
C ARG C 92 -29.16 11.53 3.10
N LEU C 93 -29.85 12.25 2.20
CA LEU C 93 -30.89 13.21 2.53
C LEU C 93 -32.23 12.88 1.88
N ILE C 94 -33.34 13.07 2.63
CA ILE C 94 -34.73 12.83 2.20
C ILE C 94 -35.53 14.13 2.29
N SER C 95 -36.35 14.42 1.26
CA SER C 95 -37.31 15.53 1.25
C SER C 95 -38.64 14.92 0.94
N LEU C 96 -39.57 15.03 1.90
CA LEU C 96 -40.92 14.48 1.81
C LEU C 96 -41.94 15.58 1.63
N SER C 97 -42.68 15.53 0.51
CA SER C 97 -43.72 16.50 0.20
C SER C 97 -45.03 16.10 0.86
N GLU C 98 -45.95 17.07 1.01
CA GLU C 98 -47.30 16.91 1.55
C GLU C 98 -48.01 15.69 0.90
N ASP C 99 -47.74 15.47 -0.41
CA ASP C 99 -48.25 14.41 -1.32
C ASP C 99 -47.83 13.01 -0.89
N GLY C 100 -46.63 12.90 -0.35
CA GLY C 100 -46.00 11.64 0.02
C GLY C 100 -44.88 11.29 -0.96
N THR C 101 -44.39 12.30 -1.74
CA THR C 101 -43.31 12.10 -2.69
C THR C 101 -42.00 12.23 -1.94
N VAL C 102 -41.29 11.10 -1.88
CA VAL C 102 -39.99 10.94 -1.26
C VAL C 102 -38.97 11.28 -2.31
N MET C 103 -38.06 12.20 -1.98
CA MET C 103 -36.96 12.59 -2.83
C MET C 103 -35.67 12.28 -2.08
N TYR C 104 -34.92 11.31 -2.59
CA TYR C 104 -33.71 10.84 -1.96
C TYR C 104 -32.48 11.13 -2.79
N LEU C 105 -31.39 11.55 -2.12
CA LEU C 105 -30.10 11.83 -2.71
C LEU C 105 -29.04 11.09 -1.92
N GLU C 106 -28.21 10.30 -2.62
CA GLU C 106 -27.13 9.50 -2.03
C GLU C 106 -25.83 9.85 -2.76
N ARG C 107 -24.96 10.62 -2.10
CA ARG C 107 -23.64 10.97 -2.67
C ARG C 107 -22.60 10.05 -2.06
N PHE C 108 -21.84 9.33 -2.89
CA PHE C 108 -20.88 8.35 -2.41
C PHE C 108 -19.61 8.25 -3.23
N THR C 109 -18.59 7.60 -2.66
CA THR C 109 -17.36 7.21 -3.35
C THR C 109 -17.32 5.67 -3.20
N SER C 110 -17.17 4.93 -4.32
CA SER C 110 -17.13 3.47 -4.23
C SER C 110 -16.42 2.77 -5.37
N THR C 111 -15.85 1.58 -5.08
CA THR C 111 -15.23 0.71 -6.09
C THR C 111 -16.28 -0.28 -6.57
N PHE C 112 -16.25 -0.59 -7.85
CA PHE C 112 -17.20 -1.50 -8.46
C PHE C 112 -16.46 -2.50 -9.28
N GLN C 113 -16.96 -3.73 -9.30
CA GLN C 113 -16.42 -4.82 -10.09
C GLN C 113 -16.56 -4.49 -11.57
N ALA C 114 -15.49 -4.74 -12.33
CA ALA C 114 -15.43 -4.59 -13.78
C ALA C 114 -15.19 -6.03 -14.34
N PRO C 115 -16.26 -6.88 -14.39
CA PRO C 115 -16.07 -8.26 -14.85
C PRO C 115 -16.09 -8.42 -16.38
N ALA C 116 -16.32 -7.31 -17.12
CA ALA C 116 -16.39 -7.28 -18.57
C ALA C 116 -14.99 -7.11 -19.24
N PHE C 117 -13.90 -7.15 -18.42
CA PHE C 117 -12.53 -6.94 -18.87
C PHE C 117 -12.04 -8.01 -19.84
N ASP C 118 -11.74 -7.59 -21.08
CA ASP C 118 -11.23 -8.41 -22.17
C ASP C 118 -9.89 -7.85 -22.63
N PHE C 119 -8.78 -8.42 -22.14
CA PHE C 119 -7.45 -7.91 -22.48
C PHE C 119 -6.84 -8.48 -23.78
N ARG C 120 -7.60 -9.35 -24.50
CA ARG C 120 -7.15 -10.01 -25.73
C ARG C 120 -6.49 -9.06 -26.73
N LEU C 121 -6.97 -7.80 -26.87
CA LEU C 121 -6.36 -6.85 -27.82
C LEU C 121 -5.57 -5.71 -27.15
N PHE C 122 -5.23 -5.84 -25.84
CA PHE C 122 -4.46 -4.86 -25.07
C PHE C 122 -3.14 -4.56 -25.78
N PRO C 123 -2.69 -3.29 -25.93
CA PRO C 123 -3.28 -2.03 -25.42
C PRO C 123 -4.30 -1.34 -26.31
N PHE C 124 -4.73 -2.00 -27.41
CA PHE C 124 -5.71 -1.45 -28.37
C PHE C 124 -7.15 -1.89 -28.03
N ASP C 125 -7.40 -2.14 -26.75
CA ASP C 125 -8.66 -2.62 -26.21
C ASP C 125 -9.68 -1.53 -25.86
N ASN C 126 -10.97 -1.88 -25.95
CA ASN C 126 -12.11 -1.06 -25.55
C ASN C 126 -12.84 -1.89 -24.47
N GLN C 127 -13.14 -1.29 -23.30
CA GLN C 127 -13.79 -2.01 -22.21
C GLN C 127 -15.15 -1.48 -21.82
N LEU C 128 -16.01 -2.35 -21.26
CA LEU C 128 -17.35 -2.01 -20.76
C LEU C 128 -17.32 -1.94 -19.26
N PHE C 129 -17.81 -0.82 -18.73
CA PHE C 129 -17.91 -0.60 -17.29
C PHE C 129 -19.36 -0.32 -16.95
N PHE C 130 -19.87 -0.93 -15.87
CA PHE C 130 -21.26 -0.69 -15.50
C PHE C 130 -21.50 -0.60 -14.00
N ILE C 131 -22.67 -0.08 -13.60
CA ILE C 131 -23.12 -0.04 -12.21
C ILE C 131 -24.53 -0.63 -12.22
N HIS C 132 -24.76 -1.64 -11.37
CA HIS C 132 -26.03 -2.34 -11.27
C HIS C 132 -26.69 -1.94 -9.96
N VAL C 133 -27.91 -1.40 -10.02
CA VAL C 133 -28.72 -0.96 -8.88
C VAL C 133 -29.92 -1.90 -8.89
N ASP C 134 -30.01 -2.81 -7.91
CA ASP C 134 -31.05 -3.83 -7.84
C ASP C 134 -32.06 -3.58 -6.75
N SER C 135 -33.34 -3.87 -7.01
CA SER C 135 -34.38 -3.80 -6.00
C SER C 135 -34.32 -5.13 -5.26
N ILE C 136 -34.24 -5.10 -3.92
CA ILE C 136 -34.27 -6.31 -3.09
C ILE C 136 -35.67 -6.92 -3.19
N PHE C 137 -36.73 -6.08 -3.17
CA PHE C 137 -38.10 -6.54 -3.32
C PHE C 137 -38.51 -6.76 -4.81
N PRO C 138 -39.34 -7.80 -5.12
CA PRO C 138 -39.72 -8.07 -6.52
C PRO C 138 -40.61 -7.02 -7.18
N GLN C 139 -40.83 -7.19 -8.51
CA GLN C 139 -41.61 -6.32 -9.38
C GLN C 139 -43.09 -6.20 -9.02
N HIS C 140 -43.65 -7.11 -8.19
CA HIS C 140 -45.05 -7.00 -7.79
C HIS C 140 -45.26 -5.92 -6.71
N LEU C 141 -44.18 -5.60 -5.97
CA LEU C 141 -44.16 -4.61 -4.90
C LEU C 141 -43.63 -3.28 -5.42
N PHE C 142 -42.41 -3.28 -6.01
CA PHE C 142 -41.74 -2.11 -6.58
C PHE C 142 -41.23 -2.33 -8.00
N ARG C 143 -41.42 -1.32 -8.86
CA ARG C 143 -40.92 -1.34 -10.23
C ARG C 143 -40.03 -0.14 -10.49
N PHE C 144 -38.77 -0.39 -10.87
CA PHE C 144 -37.83 0.69 -11.16
C PHE C 144 -38.16 1.35 -12.48
N GLN C 145 -38.13 2.68 -12.49
CA GLN C 145 -38.36 3.50 -13.66
C GLN C 145 -37.16 4.43 -13.82
N GLU C 146 -36.94 4.90 -15.05
CA GLU C 146 -35.80 5.76 -15.33
C GLU C 146 -36.11 7.19 -14.99
N MET C 147 -35.42 7.74 -13.97
CA MET C 147 -35.55 9.14 -13.59
C MET C 147 -34.93 9.92 -14.74
N GLN C 148 -35.79 10.67 -15.46
CA GLN C 148 -35.40 11.43 -16.64
C GLN C 148 -34.60 12.70 -16.31
N GLY C 149 -33.62 13.00 -17.16
CA GLY C 149 -32.77 14.17 -17.10
C GLY C 149 -31.83 14.28 -15.92
N PHE C 150 -31.24 13.14 -15.49
CA PHE C 150 -30.28 13.12 -14.38
C PHE C 150 -29.12 12.20 -14.60
N SER C 151 -29.43 10.93 -14.95
CA SER C 151 -28.47 9.85 -15.16
C SER C 151 -27.39 10.13 -16.23
N GLY C 152 -26.20 9.59 -16.01
CA GLY C 152 -25.07 9.75 -16.92
C GLY C 152 -23.71 9.91 -16.25
N LEU C 153 -22.79 10.58 -16.98
CA LEU C 153 -21.42 10.85 -16.56
C LEU C 153 -21.16 12.36 -16.64
N GLY C 154 -20.52 12.92 -15.61
CA GLY C 154 -20.17 14.33 -15.48
C GLY C 154 -19.16 14.82 -16.50
N ASP C 155 -18.77 16.10 -16.41
CA ASP C 155 -17.85 16.71 -17.37
C ASP C 155 -16.43 16.97 -16.81
N GLN C 156 -16.18 16.49 -15.59
CA GLN C 156 -14.88 16.60 -14.94
C GLN C 156 -14.55 15.29 -14.25
N LEU C 157 -14.63 14.16 -15.01
CA LEU C 157 -14.38 12.79 -14.53
C LEU C 157 -12.97 12.58 -13.98
N GLY C 158 -12.02 13.37 -14.50
CA GLY C 158 -10.62 13.36 -14.08
C GLY C 158 -9.79 12.16 -14.50
N GLU C 159 -10.30 11.33 -15.48
CA GLU C 159 -9.58 10.16 -15.98
C GLU C 159 -8.70 10.57 -17.15
N GLU C 160 -7.37 10.23 -17.07
CA GLU C 160 -6.37 10.63 -18.07
C GLU C 160 -5.97 9.56 -19.05
N GLU C 161 -5.95 8.25 -18.64
CA GLU C 161 -5.55 7.16 -19.54
C GLU C 161 -6.71 6.70 -20.40
N TRP C 162 -7.88 6.68 -19.81
CA TRP C 162 -9.05 6.21 -20.49
C TRP C 162 -9.86 7.35 -21.08
N ILE C 163 -10.63 7.04 -22.12
CA ILE C 163 -11.48 8.02 -22.77
C ILE C 163 -12.84 7.37 -23.06
N VAL C 164 -13.90 7.89 -22.39
CA VAL C 164 -15.28 7.39 -22.48
C VAL C 164 -15.86 7.64 -23.86
N THR C 165 -16.23 6.54 -24.55
CA THR C 165 -16.76 6.54 -25.91
C THR C 165 -18.29 6.75 -25.92
N GLU C 166 -19.04 6.12 -24.99
CA GLU C 166 -20.50 6.25 -24.88
C GLU C 166 -21.07 5.86 -23.52
N VAL C 167 -22.23 6.45 -23.13
CA VAL C 167 -22.94 6.15 -21.87
C VAL C 167 -24.39 5.70 -22.18
N ASN C 168 -24.88 4.69 -21.44
CA ASN C 168 -26.23 4.14 -21.62
C ASN C 168 -26.88 3.81 -20.31
N THR C 169 -28.19 3.94 -20.26
CA THR C 169 -29.00 3.59 -19.09
C THR C 169 -30.16 2.75 -19.54
N HIS C 170 -30.39 1.65 -18.83
CA HIS C 170 -31.50 0.74 -19.13
C HIS C 170 -31.99 0.02 -17.91
N LEU C 171 -33.16 -0.60 -18.03
CA LEU C 171 -33.77 -1.34 -16.94
C LEU C 171 -33.90 -2.79 -17.34
N THR C 172 -33.68 -3.69 -16.38
CA THR C 172 -33.78 -5.13 -16.59
C THR C 172 -34.25 -5.84 -15.32
N THR C 173 -34.50 -7.15 -15.42
CA THR C 173 -34.90 -7.96 -14.26
C THR C 173 -33.71 -8.73 -13.72
N HIS C 174 -33.79 -9.14 -12.46
CA HIS C 174 -32.80 -9.97 -11.79
C HIS C 174 -33.57 -10.91 -10.86
N ASN C 175 -32.95 -12.01 -10.43
CA ASN C 175 -33.64 -12.97 -9.55
C ASN C 175 -32.73 -13.40 -8.39
N GLU C 176 -31.91 -12.45 -7.90
CA GLU C 176 -30.91 -12.63 -6.85
C GLU C 176 -31.42 -13.21 -5.54
N PHE C 177 -32.48 -12.63 -4.96
CA PHE C 177 -33.00 -13.07 -3.67
C PHE C 177 -34.40 -13.65 -3.74
N THR C 178 -35.10 -13.35 -4.83
CA THR C 178 -36.48 -13.74 -5.06
C THR C 178 -36.63 -14.79 -6.16
N LYS C 179 -37.78 -15.49 -6.15
CA LYS C 179 -38.06 -16.45 -7.22
C LYS C 179 -38.62 -15.69 -8.40
N GLY C 180 -39.50 -14.71 -8.13
CA GLY C 180 -40.06 -13.83 -9.15
C GLY C 180 -39.08 -12.73 -9.53
N ASP C 181 -39.21 -12.18 -10.76
CA ASP C 181 -38.35 -11.11 -11.28
C ASP C 181 -38.36 -9.88 -10.38
N ALA C 182 -37.21 -9.21 -10.29
CA ALA C 182 -37.03 -8.00 -9.48
C ALA C 182 -36.34 -6.95 -10.34
N SER C 183 -36.66 -5.67 -10.12
CA SER C 183 -36.10 -4.57 -10.90
C SER C 183 -34.58 -4.36 -10.74
N ARG C 184 -33.90 -3.97 -11.85
CA ARG C 184 -32.47 -3.65 -11.92
C ARG C 184 -32.23 -2.48 -12.87
N PHE C 185 -31.64 -1.39 -12.35
CA PHE C 185 -31.25 -0.20 -13.09
C PHE C 185 -29.77 -0.36 -13.47
N VAL C 186 -29.43 -0.05 -14.73
CA VAL C 186 -28.06 -0.22 -15.25
C VAL C 186 -27.52 1.07 -15.84
N LEU C 187 -26.33 1.50 -15.39
CA LEU C 187 -25.61 2.63 -15.97
C LEU C 187 -24.36 2.00 -16.54
N GLU C 188 -24.25 2.01 -17.87
CA GLU C 188 -23.15 1.41 -18.63
C GLU C 188 -22.39 2.47 -19.34
N PHE C 189 -21.06 2.29 -19.42
CA PHE C 189 -20.19 3.17 -20.20
C PHE C 189 -19.02 2.39 -20.81
N HIS C 190 -18.66 2.76 -22.04
CA HIS C 190 -17.55 2.17 -22.76
C HIS C 190 -16.39 3.14 -22.77
N ALA C 191 -15.18 2.62 -22.58
CA ALA C 191 -13.99 3.44 -22.58
C ALA C 191 -12.84 2.74 -23.30
N GLU C 192 -12.12 3.52 -24.11
CA GLU C 192 -10.93 3.04 -24.82
C GLU C 192 -9.69 3.69 -24.23
N ARG C 193 -8.54 3.14 -24.52
CA ARG C 193 -7.28 3.59 -23.95
C ARG C 193 -6.50 4.60 -24.79
N HIS C 194 -5.76 5.51 -24.11
CA HIS C 194 -4.83 6.46 -24.72
C HIS C 194 -3.53 5.70 -24.85
N LEU C 195 -3.09 5.51 -26.11
CA LEU C 195 -1.89 4.72 -26.49
C LEU C 195 -0.53 5.39 -26.18
N ASN C 196 -0.53 6.72 -25.90
CA ASN C 196 0.67 7.51 -25.62
C ASN C 196 1.63 6.84 -24.66
N TYR C 197 1.17 6.34 -23.49
CA TYR C 197 2.08 5.68 -22.56
C TYR C 197 2.80 4.49 -23.21
N TYR C 198 2.04 3.63 -23.90
CA TYR C 198 2.58 2.42 -24.51
C TYR C 198 3.54 2.75 -25.64
N LEU C 199 3.23 3.80 -26.41
CA LEU C 199 4.09 4.25 -27.49
C LEU C 199 5.46 4.75 -26.94
N MET C 200 5.42 5.64 -25.94
CA MET C 200 6.59 6.27 -25.30
C MET C 200 7.41 5.35 -24.47
N ARG C 201 6.79 4.45 -23.71
CA ARG C 201 7.56 3.63 -22.79
C ARG C 201 7.82 2.23 -23.27
N ILE C 202 7.00 1.69 -24.18
CA ILE C 202 7.22 0.32 -24.65
C ILE C 202 7.61 0.24 -26.15
N LEU C 203 6.76 0.73 -27.09
CA LEU C 203 7.07 0.62 -28.51
C LEU C 203 8.36 1.31 -28.94
N ILE C 204 8.49 2.64 -28.75
CA ILE C 204 9.71 3.38 -29.10
C ILE C 204 10.97 2.70 -28.48
N PRO C 205 11.09 2.45 -27.14
CA PRO C 205 12.29 1.77 -26.64
C PRO C 205 12.61 0.41 -27.30
N VAL C 206 11.60 -0.49 -27.42
CA VAL C 206 11.78 -1.81 -28.05
C VAL C 206 12.25 -1.66 -29.49
N LEU C 207 11.64 -0.74 -30.25
CA LEU C 207 12.05 -0.46 -31.62
C LEU C 207 13.44 0.11 -31.72
N LEU C 208 13.83 0.96 -30.76
CA LEU C 208 15.16 1.57 -30.76
C LEU C 208 16.18 0.50 -30.52
N ILE C 209 16.00 -0.30 -29.43
CA ILE C 209 16.91 -1.39 -29.13
C ILE C 209 17.15 -2.27 -30.38
N ILE C 210 16.09 -2.62 -31.13
CA ILE C 210 16.19 -3.44 -32.34
C ILE C 210 16.94 -2.71 -33.48
N THR C 211 16.55 -1.45 -33.75
CA THR C 211 17.16 -0.67 -34.82
C THR C 211 18.65 -0.34 -34.58
N VAL C 212 18.99 0.21 -33.39
CA VAL C 212 20.38 0.57 -33.09
C VAL C 212 21.25 -0.68 -32.98
N SER C 213 20.65 -1.82 -32.61
CA SER C 213 21.41 -3.06 -32.55
C SER C 213 21.78 -3.51 -33.96
N TRP C 214 20.89 -3.24 -34.92
CA TRP C 214 21.16 -3.60 -36.30
C TRP C 214 22.26 -2.76 -36.92
N PHE C 215 22.41 -1.50 -36.46
CA PHE C 215 23.43 -0.59 -36.96
C PHE C 215 24.80 -1.19 -36.77
N THR C 216 25.02 -1.89 -35.65
CA THR C 216 26.31 -2.50 -35.32
C THR C 216 26.67 -3.71 -36.19
N PHE C 217 25.74 -4.22 -37.00
CA PHE C 217 26.05 -5.31 -37.91
C PHE C 217 27.00 -4.84 -39.00
N PHE C 218 26.90 -3.57 -39.35
CA PHE C 218 27.77 -2.95 -40.33
C PHE C 218 29.25 -2.84 -39.85
N LEU C 219 29.56 -3.24 -38.58
CA LEU C 219 30.91 -3.25 -38.01
C LEU C 219 31.67 -4.50 -38.41
N GLN C 220 30.92 -5.55 -38.80
CA GLN C 220 31.44 -6.83 -39.31
C GLN C 220 32.29 -7.64 -38.25
N ASP C 221 31.69 -7.87 -37.05
CA ASP C 221 32.27 -8.66 -35.94
C ASP C 221 31.20 -9.67 -35.49
N TYR C 222 31.27 -10.98 -35.92
CA TYR C 222 30.25 -12.02 -35.58
C TYR C 222 30.06 -12.25 -34.09
N THR C 223 31.17 -12.24 -33.32
CA THR C 223 31.19 -12.42 -31.87
C THR C 223 30.36 -11.31 -31.20
N LYS C 224 30.64 -10.03 -31.55
CA LYS C 224 29.94 -8.85 -31.04
C LYS C 224 28.45 -8.93 -31.31
N ARG C 225 28.04 -9.47 -32.46
CA ARG C 225 26.63 -9.63 -32.79
C ARG C 225 25.92 -10.63 -31.89
N ILE C 226 26.55 -11.79 -31.68
CA ILE C 226 25.99 -12.81 -30.80
C ILE C 226 25.82 -12.24 -29.37
N ASP C 227 26.82 -11.51 -28.85
CA ASP C 227 26.74 -10.86 -27.53
C ASP C 227 25.67 -9.79 -27.48
N LEU C 228 25.45 -9.08 -28.59
CA LEU C 228 24.42 -8.05 -28.64
C LEU C 228 23.03 -8.66 -28.61
N ALA C 229 22.74 -9.67 -29.47
CA ALA C 229 21.45 -10.36 -29.47
C ALA C 229 21.16 -11.06 -28.13
N GLY C 230 22.19 -11.62 -27.49
CA GLY C 230 22.07 -12.27 -26.20
C GLY C 230 21.59 -11.34 -25.11
N GLY C 231 22.18 -10.15 -25.07
CA GLY C 231 21.81 -9.11 -24.11
C GLY C 231 20.45 -8.55 -24.40
N ASN C 232 20.12 -8.41 -25.71
CA ASN C 232 18.81 -7.91 -26.16
C ASN C 232 17.71 -8.83 -25.67
N LEU C 233 17.95 -10.15 -25.73
CA LEU C 233 17.03 -11.17 -25.25
C LEU C 233 16.73 -10.95 -23.76
N LEU C 234 17.77 -10.64 -22.96
CA LEU C 234 17.56 -10.36 -21.55
C LEU C 234 16.73 -9.09 -21.33
N LEU C 235 16.96 -8.05 -22.14
CA LEU C 235 16.19 -6.80 -22.08
C LEU C 235 14.73 -7.06 -22.33
N PHE C 236 14.40 -7.92 -23.32
CA PHE C 236 13.00 -8.23 -23.64
C PHE C 236 12.35 -9.03 -22.53
N ILE C 237 13.12 -9.96 -21.88
CA ILE C 237 12.66 -10.72 -20.72
C ILE C 237 12.28 -9.72 -19.58
N ALA C 238 13.08 -8.66 -19.44
CA ALA C 238 12.81 -7.61 -18.47
C ALA C 238 11.54 -6.81 -18.85
N PHE C 239 11.34 -6.47 -20.15
CA PHE C 239 10.14 -5.75 -20.61
C PHE C 239 8.89 -6.59 -20.42
N ASN C 240 9.07 -7.93 -20.56
CA ASN C 240 8.04 -8.96 -20.35
C ASN C 240 7.52 -8.89 -18.91
N PHE C 241 8.40 -8.64 -17.95
CA PHE C 241 8.00 -8.49 -16.57
C PHE C 241 7.33 -7.14 -16.34
N THR C 242 7.81 -6.09 -17.02
CA THR C 242 7.22 -4.74 -16.95
C THR C 242 5.75 -4.76 -17.40
N ILE C 243 5.46 -5.51 -18.46
CA ILE C 243 4.11 -5.64 -18.98
C ILE C 243 3.24 -6.45 -18.07
N SER C 244 3.71 -7.62 -17.63
CA SER C 244 2.97 -8.52 -16.74
C SER C 244 2.47 -7.85 -15.45
N SER C 245 3.21 -6.84 -14.96
CA SER C 245 2.83 -6.11 -13.76
C SER C 245 1.58 -5.23 -13.94
N ASP C 246 1.21 -4.86 -15.19
CA ASP C 246 0.04 -4.01 -15.49
C ASP C 246 -1.26 -4.79 -15.49
N LEU C 247 -1.19 -6.07 -15.81
CA LEU C 247 -2.37 -6.91 -15.97
C LEU C 247 -2.55 -7.98 -14.92
N PRO C 248 -3.77 -8.59 -14.80
CA PRO C 248 -3.92 -9.74 -13.90
C PRO C 248 -3.21 -10.95 -14.49
N ARG C 249 -3.08 -12.03 -13.70
CA ARG C 249 -2.40 -13.23 -14.20
C ARG C 249 -3.37 -14.05 -15.02
N LEU C 250 -3.79 -13.48 -16.16
CA LEU C 250 -4.74 -14.04 -17.11
C LEU C 250 -4.40 -15.46 -17.55
N GLY C 251 -5.46 -16.14 -17.96
CA GLY C 251 -5.37 -17.50 -18.48
C GLY C 251 -5.31 -17.51 -20.00
N TYR C 252 -5.26 -16.31 -20.62
CA TYR C 252 -5.20 -16.15 -22.08
C TYR C 252 -4.06 -15.21 -22.54
N ILE C 253 -3.72 -15.31 -23.86
CA ILE C 253 -2.66 -14.51 -24.48
C ILE C 253 -3.20 -13.17 -24.99
N THR C 254 -2.45 -12.13 -24.65
CA THR C 254 -2.68 -10.73 -24.97
C THR C 254 -1.97 -10.45 -26.28
N LEU C 255 -2.35 -9.37 -26.98
CA LEU C 255 -1.65 -8.92 -28.17
C LEU C 255 -0.24 -8.48 -27.73
N MET C 256 -0.13 -7.85 -26.56
CA MET C 256 1.14 -7.44 -25.98
C MET C 256 2.05 -8.64 -25.69
N ASP C 257 1.45 -9.72 -25.13
CA ASP C 257 2.15 -10.96 -24.80
C ASP C 257 2.73 -11.59 -26.05
N ALA C 258 1.93 -11.62 -27.14
CA ALA C 258 2.33 -12.18 -28.42
C ALA C 258 3.47 -11.36 -28.98
N PHE C 259 3.38 -10.03 -28.83
CA PHE C 259 4.41 -9.12 -29.29
C PHE C 259 5.75 -9.39 -28.59
N LEU C 260 5.75 -9.59 -27.27
CA LEU C 260 7.00 -9.87 -26.53
C LEU C 260 7.55 -11.25 -26.79
N VAL C 261 6.68 -12.28 -26.85
CA VAL C 261 7.08 -13.64 -27.17
C VAL C 261 7.68 -13.66 -28.59
N GLY C 262 7.14 -12.82 -29.47
CA GLY C 262 7.61 -12.65 -30.83
C GLY C 262 9.03 -12.14 -30.87
N THR C 263 9.32 -11.07 -30.09
CA THR C 263 10.68 -10.52 -30.04
C THR C 263 11.67 -11.55 -29.46
N PHE C 264 11.20 -12.43 -28.52
CA PHE C 264 12.05 -13.50 -27.96
C PHE C 264 12.44 -14.46 -29.04
N ILE C 265 11.43 -14.97 -29.78
CA ILE C 265 11.63 -15.94 -30.83
C ILE C 265 12.58 -15.41 -31.91
N ILE C 266 12.35 -14.17 -32.40
CA ILE C 266 13.26 -13.62 -33.40
C ILE C 266 14.68 -13.47 -32.85
N THR C 267 14.85 -12.89 -31.64
CA THR C 267 16.17 -12.73 -31.03
C THR C 267 16.87 -14.09 -30.82
N ALA C 268 16.12 -15.13 -30.40
CA ALA C 268 16.64 -16.48 -30.25
C ALA C 268 17.20 -16.98 -31.60
N LEU C 269 16.44 -16.73 -32.68
CA LEU C 269 16.82 -17.13 -34.03
C LEU C 269 17.98 -16.30 -34.57
N VAL C 270 18.08 -15.01 -34.20
CA VAL C 270 19.21 -14.15 -34.56
C VAL C 270 20.50 -14.75 -33.94
N VAL C 271 20.47 -15.14 -32.63
CA VAL C 271 21.61 -15.80 -32.00
C VAL C 271 21.95 -17.09 -32.78
N LEU C 272 20.93 -17.94 -33.06
CA LEU C 272 21.06 -19.19 -33.80
C LEU C 272 21.67 -19.00 -35.19
N GLY C 273 21.18 -18.03 -35.94
CA GLY C 273 21.64 -17.69 -37.28
C GLY C 273 23.07 -17.23 -37.31
N ASN C 274 23.42 -16.26 -36.45
CA ASN C 274 24.78 -15.77 -36.37
C ASN C 274 25.80 -16.80 -35.84
N VAL C 275 25.36 -17.77 -34.98
CA VAL C 275 26.23 -18.85 -34.53
C VAL C 275 26.47 -19.73 -35.78
N TRP C 276 25.39 -20.02 -36.53
CA TRP C 276 25.43 -20.82 -37.75
C TRP C 276 26.31 -20.22 -38.85
N LEU C 277 26.19 -18.91 -39.10
CA LEU C 277 27.00 -18.18 -40.08
C LEU C 277 28.48 -18.15 -39.71
N ARG C 278 28.79 -18.02 -38.40
CA ARG C 278 30.17 -18.06 -37.93
C ARG C 278 30.71 -19.48 -38.09
N ARG C 279 29.82 -20.49 -37.90
CA ARG C 279 30.21 -21.89 -38.07
C ARG C 279 30.49 -22.17 -39.55
N LEU C 280 29.77 -21.49 -40.49
CA LEU C 280 30.00 -21.62 -41.93
C LEU C 280 31.33 -21.00 -42.35
N GLU C 281 31.69 -19.80 -41.81
CA GLU C 281 32.98 -19.13 -42.04
C GLU C 281 34.08 -20.14 -41.70
N ASN C 282 34.02 -20.70 -40.48
CA ASN C 282 34.99 -21.66 -39.95
C ASN C 282 35.11 -22.95 -40.76
N HIS C 283 34.08 -23.30 -41.56
CA HIS C 283 34.07 -24.52 -42.35
C HIS C 283 34.24 -24.25 -43.82
N GLY C 284 35.10 -23.33 -44.18
CA GLY C 284 35.32 -23.11 -45.59
C GLY C 284 35.47 -21.68 -46.01
N GLN C 286 37.07 -15.17 -47.52
CA GLN C 286 37.40 -13.80 -47.87
C GLN C 286 36.24 -13.19 -48.67
N ALA C 287 36.01 -13.65 -49.92
CA ALA C 287 34.83 -13.26 -50.70
C ALA C 287 33.62 -14.03 -50.15
N LEU C 288 33.86 -15.23 -49.54
CA LEU C 288 32.84 -16.06 -48.89
C LEU C 288 32.45 -15.36 -47.63
N ALA C 289 33.45 -14.92 -46.86
CA ALA C 289 33.26 -14.24 -45.59
C ALA C 289 32.32 -13.07 -45.74
N ARG C 290 32.65 -12.20 -46.72
CA ARG C 290 31.89 -11.00 -47.03
C ARG C 290 30.55 -11.32 -47.71
N LYS C 291 30.43 -12.50 -48.39
CA LYS C 291 29.17 -12.96 -48.99
C LYS C 291 28.23 -13.38 -47.89
N LEU C 292 28.72 -14.16 -46.89
CA LEU C 292 27.89 -14.62 -45.78
C LEU C 292 27.39 -13.46 -44.95
N ASP C 293 28.25 -12.44 -44.78
CA ASP C 293 27.97 -11.23 -44.03
C ASP C 293 26.67 -10.52 -44.48
N ILE C 294 26.40 -10.52 -45.80
CA ILE C 294 25.21 -9.97 -46.46
C ILE C 294 23.98 -10.67 -45.96
N TYR C 295 24.04 -12.01 -45.77
CA TYR C 295 22.91 -12.77 -45.26
C TYR C 295 22.65 -12.35 -43.85
N ALA C 296 23.70 -12.31 -43.01
CA ALA C 296 23.57 -11.90 -41.61
C ALA C 296 22.93 -10.54 -41.43
N ILE C 297 23.37 -9.55 -42.22
CA ILE C 297 22.87 -8.17 -42.20
C ILE C 297 21.44 -8.08 -42.74
N THR C 298 21.11 -8.80 -43.83
CA THR C 298 19.74 -8.72 -44.34
C THR C 298 18.75 -9.69 -43.63
N SER C 299 19.25 -10.70 -42.89
CA SER C 299 18.43 -11.63 -42.14
C SER C 299 17.66 -10.87 -41.08
N TYR C 300 18.40 -10.13 -40.23
CA TYR C 300 17.91 -9.34 -39.11
C TYR C 300 16.61 -8.55 -39.41
N PRO C 301 16.60 -7.60 -40.41
CA PRO C 301 15.37 -6.86 -40.71
C PRO C 301 14.23 -7.74 -41.22
N LEU C 302 14.56 -8.76 -42.06
CA LEU C 302 13.56 -9.68 -42.60
C LEU C 302 12.87 -10.52 -41.53
N ALA C 303 13.64 -10.94 -40.50
CA ALA C 303 13.13 -11.74 -39.40
C ALA C 303 12.10 -10.95 -38.57
N TYR C 304 12.43 -9.68 -38.21
CA TYR C 304 11.53 -8.79 -37.48
C TYR C 304 10.32 -8.35 -38.31
N LEU C 305 10.53 -8.14 -39.62
CA LEU C 305 9.43 -7.79 -40.52
C LEU C 305 8.50 -8.98 -40.76
N LEU C 306 9.02 -10.22 -40.68
CA LEU C 306 8.24 -11.45 -40.81
C LEU C 306 7.43 -11.69 -39.54
N GLY C 307 8.03 -11.37 -38.39
CA GLY C 307 7.38 -11.52 -37.10
C GLY C 307 6.21 -10.58 -36.94
N ALA C 308 6.42 -9.30 -37.33
CA ALA C 308 5.42 -8.22 -37.30
C ALA C 308 4.20 -8.58 -38.16
N LEU C 309 4.44 -9.19 -39.34
CA LEU C 309 3.37 -9.62 -40.23
C LEU C 309 2.62 -10.81 -39.67
N THR C 310 3.28 -11.66 -38.85
CA THR C 310 2.67 -12.83 -38.22
C THR C 310 1.65 -12.42 -37.15
N LEU C 311 2.02 -11.53 -36.21
CA LEU C 311 1.11 -11.04 -35.15
C LEU C 311 -0.05 -10.28 -35.73
N TRP C 312 0.26 -9.31 -36.63
CA TRP C 312 -0.74 -8.49 -37.28
C TRP C 312 -1.78 -9.34 -38.04
N LEU C 313 -1.38 -10.53 -38.54
CA LEU C 313 -2.30 -11.45 -39.18
C LEU C 313 -3.08 -12.24 -38.11
N LEU C 314 -2.37 -12.82 -37.12
CA LEU C 314 -2.94 -13.61 -36.02
C LEU C 314 -3.97 -12.84 -35.13
N PHE C 315 -3.88 -11.50 -35.07
CA PHE C 315 -4.79 -10.67 -34.27
C PHE C 315 -5.73 -9.77 -35.08
N PHE C 316 -5.51 -9.64 -36.42
CA PHE C 316 -6.33 -8.80 -37.31
C PHE C 316 -6.49 -9.43 -38.70
N GLU D 7 -38.54 34.46 1.11
CA GLU D 7 -37.23 35.00 0.76
C GLU D 7 -36.07 34.04 1.07
N PRO D 8 -34.90 34.13 0.38
CA PRO D 8 -33.78 33.21 0.70
C PRO D 8 -32.88 33.64 1.86
N SER D 9 -32.50 32.67 2.75
CA SER D 9 -31.64 32.94 3.91
C SER D 9 -30.15 32.81 3.59
N ASP D 10 -29.38 33.82 4.01
CA ASP D 10 -27.93 33.89 3.79
C ASP D 10 -27.21 32.88 4.68
N VAL D 11 -26.41 32.04 4.04
CA VAL D 11 -25.61 31.01 4.69
C VAL D 11 -24.14 31.44 4.48
N PHE D 12 -23.46 31.76 5.59
CA PHE D 12 -22.08 32.24 5.53
C PHE D 12 -21.06 31.13 5.61
N ILE D 13 -20.41 30.84 4.45
CA ILE D 13 -19.41 29.79 4.27
C ILE D 13 -17.99 30.30 4.41
N GLY D 14 -17.22 29.59 5.22
CA GLY D 14 -15.82 29.86 5.47
C GLY D 14 -15.04 28.57 5.44
N LEU D 15 -13.96 28.51 4.65
CA LEU D 15 -13.15 27.29 4.57
C LEU D 15 -11.70 27.62 4.71
N LYS D 16 -11.02 26.96 5.64
CA LYS D 16 -9.61 27.20 5.88
C LYS D 16 -8.84 25.88 5.84
N ILE D 17 -7.82 25.77 4.94
CA ILE D 17 -6.97 24.59 4.81
C ILE D 17 -5.81 24.75 5.79
N ASP D 18 -5.73 23.91 6.82
CA ASP D 18 -4.66 23.99 7.83
C ASP D 18 -3.42 23.26 7.38
N GLN D 19 -3.61 22.14 6.67
CA GLN D 19 -2.55 21.26 6.22
C GLN D 19 -2.80 20.76 4.83
N ILE D 20 -1.71 20.52 4.09
CA ILE D 20 -1.68 19.85 2.81
C ILE D 20 -0.92 18.56 3.17
N THR D 21 -1.68 17.47 3.43
CA THR D 21 -1.11 16.17 3.81
C THR D 21 -0.44 15.51 2.62
N GLY D 22 -0.64 16.11 1.43
CA GLY D 22 -0.03 15.64 0.21
C GLY D 22 -0.80 15.92 -1.06
N ILE D 23 -0.05 15.93 -2.18
CA ILE D 23 -0.56 16.11 -3.53
C ILE D 23 -0.12 14.86 -4.24
N ASN D 24 -1.07 14.05 -4.71
CA ASN D 24 -0.75 12.82 -5.41
C ASN D 24 -1.03 13.06 -6.89
N GLN D 25 0.04 13.36 -7.67
CA GLN D 25 -0.07 13.68 -9.09
C GLN D 25 -0.32 12.48 -9.96
N LYS D 26 -0.01 11.27 -9.47
CA LYS D 26 -0.25 10.07 -10.27
C LYS D 26 -1.76 9.78 -10.33
N GLU D 27 -2.48 10.05 -9.22
CA GLU D 27 -3.93 9.85 -9.05
C GLU D 27 -4.75 11.16 -9.26
N GLU D 28 -4.06 12.31 -9.44
CA GLU D 28 -4.62 13.65 -9.66
C GLU D 28 -5.67 14.02 -8.62
N ASN D 29 -5.19 14.06 -7.39
CA ASN D 29 -5.96 14.43 -6.24
C ASN D 29 -4.99 15.04 -5.23
N PHE D 30 -5.53 15.66 -4.20
CA PHE D 30 -4.74 16.24 -3.11
C PHE D 30 -5.47 16.00 -1.77
N SER D 31 -4.73 16.04 -0.67
CA SER D 31 -5.31 15.79 0.63
C SER D 31 -5.05 16.90 1.62
N VAL D 32 -6.10 17.33 2.33
CA VAL D 32 -6.04 18.46 3.28
C VAL D 32 -6.68 18.17 4.61
N VAL D 33 -6.26 18.94 5.61
CA VAL D 33 -6.86 19.01 6.93
C VAL D 33 -7.48 20.41 6.90
N GLY D 34 -8.77 20.51 7.11
CA GLY D 34 -9.46 21.78 7.02
C GLY D 34 -10.58 21.99 8.02
N SER D 35 -10.93 23.26 8.22
CA SER D 35 -12.01 23.70 9.11
C SER D 35 -13.01 24.43 8.26
N LEU D 36 -14.26 23.96 8.30
CA LEU D 36 -15.37 24.57 7.63
C LEU D 36 -16.18 25.30 8.69
N ARG D 37 -16.50 26.56 8.42
CA ARG D 37 -17.24 27.39 9.34
C ARG D 37 -18.45 27.98 8.65
N ILE D 38 -19.62 27.84 9.30
CA ILE D 38 -20.91 28.32 8.81
C ILE D 38 -21.62 29.15 9.85
N ASP D 39 -22.15 30.29 9.41
CA ASP D 39 -22.96 31.19 10.20
C ASP D 39 -24.28 31.31 9.45
N TRP D 40 -25.39 30.99 10.14
CA TRP D 40 -26.71 31.00 9.54
C TRP D 40 -27.75 31.41 10.55
N ARG D 41 -28.46 32.53 10.29
CA ARG D 41 -29.54 32.99 11.18
C ARG D 41 -30.88 32.39 10.77
N GLN D 42 -31.46 31.60 11.66
CA GLN D 42 -32.77 31.00 11.47
C GLN D 42 -33.62 31.52 12.62
N PRO D 43 -34.50 32.53 12.35
CA PRO D 43 -35.29 33.13 13.44
C PRO D 43 -36.14 32.13 14.20
N LEU D 44 -36.63 31.07 13.53
CA LEU D 44 -37.43 29.99 14.11
C LEU D 44 -36.72 29.24 15.26
N LEU D 45 -35.37 29.20 15.23
CA LEU D 45 -34.52 28.54 16.23
C LEU D 45 -34.24 29.40 17.48
N ALA D 46 -34.66 30.68 17.45
CA ALA D 46 -34.50 31.65 18.53
C ALA D 46 -35.16 31.12 19.80
N PHE D 47 -34.62 31.52 20.96
CA PHE D 47 -35.15 31.05 22.22
C PHE D 47 -35.12 32.11 23.30
N GLU D 48 -35.94 31.91 24.32
CA GLU D 48 -35.96 32.79 25.48
C GLU D 48 -35.23 32.04 26.58
N HIS D 49 -34.52 32.80 27.43
CA HIS D 49 -33.75 32.23 28.54
C HIS D 49 -34.05 32.96 29.84
N ALA D 50 -33.93 32.25 30.98
CA ALA D 50 -34.15 32.81 32.30
C ALA D 50 -32.80 33.40 32.81
N PRO D 51 -32.79 34.32 33.81
CA PRO D 51 -31.49 34.84 34.28
C PRO D 51 -30.62 33.71 34.83
N GLY D 52 -29.37 33.66 34.40
CA GLY D 52 -28.45 32.61 34.81
C GLY D 52 -28.35 31.46 33.82
N GLU D 53 -29.46 31.19 33.07
CA GLU D 53 -29.50 30.17 32.01
C GLU D 53 -28.69 30.69 30.81
N PRO D 54 -27.90 29.84 30.11
CA PRO D 54 -27.02 30.37 29.04
C PRO D 54 -27.73 30.98 27.83
N LYS D 55 -27.09 32.03 27.28
CA LYS D 55 -27.52 32.79 26.09
C LYS D 55 -27.11 32.07 24.81
N HIS D 56 -26.16 31.11 24.93
CA HIS D 56 -25.67 30.27 23.83
C HIS D 56 -25.72 28.79 24.16
N ARG D 57 -26.51 28.04 23.38
CA ARG D 57 -26.70 26.61 23.54
C ARG D 57 -25.72 25.86 22.64
N THR D 58 -24.94 24.92 23.24
CA THR D 58 -23.94 24.15 22.50
C THR D 58 -24.47 22.74 22.25
N TYR D 59 -24.44 22.32 20.98
CA TYR D 59 -24.97 21.05 20.53
C TYR D 59 -24.01 20.25 19.69
N THR D 60 -24.09 18.92 19.84
CA THR D 60 -23.40 17.94 19.01
C THR D 60 -24.30 17.93 17.75
N LEU D 61 -23.71 17.94 16.53
CA LEU D 61 -24.49 17.96 15.27
C LEU D 61 -25.69 16.99 15.29
N ALA D 62 -25.48 15.77 15.81
CA ALA D 62 -26.47 14.71 15.94
C ALA D 62 -27.76 15.17 16.59
N THR D 63 -27.67 15.80 17.78
CA THR D 63 -28.87 16.28 18.49
C THR D 63 -29.38 17.59 17.89
N PHE D 64 -28.48 18.42 17.28
CA PHE D 64 -28.94 19.65 16.65
C PHE D 64 -29.82 19.36 15.45
N LEU D 65 -29.43 18.35 14.61
CA LEU D 65 -30.21 17.95 13.46
C LEU D 65 -31.53 17.32 13.91
N LYS D 66 -31.51 16.58 15.05
CA LYS D 66 -32.70 15.97 15.65
C LYS D 66 -33.66 17.06 16.14
N LEU D 67 -33.11 18.23 16.56
CA LEU D 67 -33.86 19.39 17.02
C LEU D 67 -34.51 20.08 15.81
N LEU D 68 -33.78 20.16 14.67
CA LEU D 68 -34.30 20.76 13.44
C LEU D 68 -35.46 19.96 12.87
N GLU D 69 -35.34 18.62 12.87
CA GLU D 69 -36.37 17.70 12.37
C GLU D 69 -37.65 17.84 13.18
N GLU D 70 -37.49 17.99 14.51
CA GLU D 70 -38.56 18.19 15.50
C GLU D 70 -39.30 19.49 15.20
N LYS D 71 -38.54 20.60 15.08
CA LYS D 71 -39.04 21.93 14.79
C LYS D 71 -39.46 22.09 13.30
N GLN D 72 -39.37 20.99 12.49
CA GLN D 72 -39.70 20.95 11.06
C GLN D 72 -38.95 22.03 10.23
N ILE D 73 -37.68 22.33 10.61
CA ILE D 73 -36.85 23.31 9.93
C ILE D 73 -35.89 22.59 8.95
N ARG D 74 -35.66 23.21 7.79
CA ARG D 74 -34.76 22.76 6.72
C ARG D 74 -33.44 23.48 6.90
N TRP D 75 -32.38 22.69 7.01
CA TRP D 75 -31.02 23.16 7.18
C TRP D 75 -30.35 23.31 5.80
N PRO D 76 -29.32 24.17 5.65
CA PRO D 76 -28.67 24.34 4.34
C PRO D 76 -27.76 23.15 4.00
N ALA D 77 -28.36 22.04 3.60
CA ALA D 77 -27.65 20.82 3.26
C ALA D 77 -26.67 21.13 2.15
N PHE D 78 -25.40 20.85 2.40
CA PHE D 78 -24.32 21.08 1.44
C PHE D 78 -23.49 19.82 1.12
N THR D 79 -22.75 19.85 0.01
CA THR D 79 -21.85 18.78 -0.42
C THR D 79 -20.51 19.35 -0.86
N TYR D 80 -19.39 18.65 -0.57
CA TYR D 80 -18.08 19.04 -1.07
C TYR D 80 -18.05 18.36 -2.42
N HIS D 81 -18.39 19.07 -3.48
CA HIS D 81 -18.55 18.51 -4.82
C HIS D 81 -17.37 17.68 -5.35
N ASN D 82 -16.14 18.16 -5.14
CA ASN D 82 -14.95 17.47 -5.64
C ASN D 82 -14.27 16.55 -4.61
N GLN D 83 -14.98 16.19 -3.52
CA GLN D 83 -14.45 15.27 -2.49
C GLN D 83 -14.33 13.86 -3.04
N GLN D 84 -13.35 13.10 -2.51
CA GLN D 84 -13.07 11.71 -2.86
C GLN D 84 -12.89 10.88 -1.60
N GLY D 85 -13.52 9.71 -1.57
CA GLY D 85 -13.41 8.77 -0.45
C GLY D 85 -14.04 9.26 0.84
N ALA D 86 -13.45 8.85 1.96
CA ALA D 86 -13.96 9.17 3.28
C ALA D 86 -13.41 10.45 3.79
N MET D 87 -14.28 11.22 4.41
CA MET D 87 -13.92 12.45 5.06
C MET D 87 -13.91 12.12 6.54
N ASP D 88 -12.71 12.03 7.13
CA ASP D 88 -12.53 11.72 8.54
C ASP D 88 -12.78 13.03 9.30
N PHE D 89 -13.79 13.05 10.22
CA PHE D 89 -14.11 14.26 10.99
C PHE D 89 -13.47 14.28 12.33
N GLN D 90 -13.12 15.48 12.79
CA GLN D 90 -12.50 15.73 14.09
C GLN D 90 -13.53 16.39 15.00
N ASN D 91 -14.20 17.43 14.48
CA ASN D 91 -15.21 18.18 15.23
C ASN D 91 -16.38 18.56 14.34
N ARG D 92 -17.59 18.45 14.90
CA ARG D 92 -18.86 18.80 14.25
C ARG D 92 -19.69 19.37 15.40
N LEU D 93 -19.50 20.66 15.64
CA LEU D 93 -20.06 21.38 16.77
C LEU D 93 -20.95 22.56 16.34
N ILE D 94 -22.09 22.75 17.05
CA ILE D 94 -23.06 23.83 16.80
C ILE D 94 -23.17 24.68 18.05
N SER D 95 -23.17 26.02 17.87
CA SER D 95 -23.44 26.98 18.95
C SER D 95 -24.59 27.84 18.47
N LEU D 96 -25.72 27.73 19.16
CA LEU D 96 -26.96 28.44 18.85
C LEU D 96 -27.20 29.57 19.82
N SER D 97 -27.26 30.80 19.30
CA SER D 97 -27.49 32.00 20.09
C SER D 97 -28.98 32.21 20.31
N GLU D 98 -29.33 33.01 21.33
CA GLU D 98 -30.71 33.42 21.69
C GLU D 98 -31.47 33.94 20.44
N ASP D 99 -30.74 34.62 19.52
CA ASP D 99 -31.16 35.20 18.23
C ASP D 99 -31.64 34.16 17.19
N GLY D 100 -31.00 33.00 17.20
CA GLY D 100 -31.25 31.92 16.26
C GLY D 100 -30.10 31.80 15.28
N THR D 101 -28.94 32.40 15.63
CA THR D 101 -27.72 32.35 14.83
C THR D 101 -26.99 31.05 15.14
N VAL D 102 -26.95 30.18 14.12
CA VAL D 102 -26.31 28.89 14.15
C VAL D 102 -24.88 29.14 13.76
N MET D 103 -23.94 28.65 14.58
CA MET D 103 -22.51 28.73 14.33
C MET D 103 -21.98 27.31 14.28
N TYR D 104 -21.58 26.89 13.09
CA TYR D 104 -21.13 25.54 12.87
C TYR D 104 -19.66 25.47 12.53
N LEU D 105 -18.96 24.48 13.08
CA LEU D 105 -17.55 24.20 12.84
C LEU D 105 -17.40 22.74 12.48
N GLU D 106 -16.74 22.47 11.32
CA GLU D 106 -16.51 21.12 10.79
C GLU D 106 -15.02 20.97 10.53
N ARG D 107 -14.33 20.22 11.40
CA ARG D 107 -12.89 19.95 11.23
C ARG D 107 -12.76 18.57 10.60
N PHE D 108 -12.08 18.48 9.44
CA PHE D 108 -11.94 17.20 8.72
C PHE D 108 -10.59 17.00 8.05
N THR D 109 -10.33 15.75 7.64
CA THR D 109 -9.20 15.35 6.81
C THR D 109 -9.86 14.72 5.57
N SER D 110 -9.52 15.17 4.36
CA SER D 110 -10.12 14.59 3.16
C SER D 110 -9.32 14.76 1.88
N THR D 111 -9.50 13.81 0.95
CA THR D 111 -8.89 13.87 -0.37
C THR D 111 -9.90 14.54 -1.32
N PHE D 112 -9.38 15.34 -2.25
CA PHE D 112 -10.22 16.03 -3.21
C PHE D 112 -9.64 15.84 -4.57
N GLN D 113 -10.52 15.75 -5.57
CA GLN D 113 -10.17 15.64 -6.96
C GLN D 113 -9.45 16.91 -7.42
N ALA D 114 -8.35 16.73 -8.17
CA ALA D 114 -7.56 17.80 -8.77
C ALA D 114 -7.68 17.59 -10.31
N PRO D 115 -8.84 18.00 -10.93
CA PRO D 115 -9.03 17.73 -12.36
C PRO D 115 -8.39 18.78 -13.28
N ALA D 116 -7.80 19.82 -12.68
CA ALA D 116 -7.15 20.92 -13.41
C ALA D 116 -5.65 20.61 -13.79
N PHE D 117 -5.19 19.37 -13.54
CA PHE D 117 -3.83 18.92 -13.78
C PHE D 117 -3.40 18.95 -15.26
N ASP D 118 -2.42 19.82 -15.57
CA ASP D 118 -1.83 20.03 -16.90
C ASP D 118 -0.34 19.76 -16.82
N PHE D 119 0.08 18.56 -17.20
CA PHE D 119 1.48 18.14 -17.14
C PHE D 119 2.34 18.52 -18.37
N ARG D 120 1.75 19.23 -19.36
CA ARG D 120 2.40 19.62 -20.60
C ARG D 120 3.79 20.27 -20.39
N LEU D 121 3.96 21.08 -19.33
CA LEU D 121 5.28 21.70 -19.08
C LEU D 121 6.04 21.13 -17.87
N PHE D 122 5.62 19.93 -17.37
CA PHE D 122 6.27 19.25 -16.25
C PHE D 122 7.77 19.05 -16.54
N PRO D 123 8.69 19.30 -15.59
CA PRO D 123 8.50 19.70 -14.18
C PRO D 123 8.39 21.21 -13.90
N PHE D 124 8.31 22.04 -14.96
CA PHE D 124 8.21 23.51 -14.84
C PHE D 124 6.76 23.99 -14.83
N ASP D 125 5.85 23.14 -14.38
CA ASP D 125 4.41 23.35 -14.36
C ASP D 125 3.89 24.07 -13.12
N ASN D 126 2.76 24.80 -13.29
CA ASN D 126 2.00 25.45 -12.23
C ASN D 126 0.57 24.84 -12.27
N GLN D 127 0.04 24.35 -11.13
CA GLN D 127 -1.27 23.72 -11.10
C GLN D 127 -2.30 24.43 -10.25
N LEU D 128 -3.59 24.24 -10.60
CA LEU D 128 -4.73 24.79 -9.88
C LEU D 128 -5.39 23.71 -9.04
N PHE D 129 -5.58 24.00 -7.76
CA PHE D 129 -6.25 23.09 -6.83
C PHE D 129 -7.43 23.82 -6.23
N PHE D 130 -8.58 23.17 -6.12
CA PHE D 130 -9.74 23.83 -5.55
C PHE D 130 -10.60 22.92 -4.68
N ILE D 131 -11.49 23.51 -3.87
CA ILE D 131 -12.49 22.81 -3.07
C ILE D 131 -13.83 23.47 -3.39
N HIS D 132 -14.82 22.65 -3.81
CA HIS D 132 -16.16 23.10 -4.17
C HIS D 132 -17.13 22.69 -3.09
N VAL D 133 -17.83 23.67 -2.47
CA VAL D 133 -18.84 23.50 -1.41
C VAL D 133 -20.14 23.93 -2.05
N ASP D 134 -21.04 22.98 -2.32
CA ASP D 134 -22.31 23.20 -3.01
C ASP D 134 -23.52 23.13 -2.11
N SER D 135 -24.51 24.01 -2.32
CA SER D 135 -25.77 23.93 -1.60
C SER D 135 -26.63 22.94 -2.37
N ILE D 136 -27.19 21.93 -1.67
CA ILE D 136 -28.10 20.94 -2.27
C ILE D 136 -29.39 21.67 -2.66
N PHE D 137 -29.88 22.59 -1.78
CA PHE D 137 -31.07 23.38 -2.07
C PHE D 137 -30.76 24.62 -2.97
N PRO D 138 -31.68 25.02 -3.90
CA PRO D 138 -31.40 26.16 -4.79
C PRO D 138 -31.34 27.54 -4.11
N GLN D 139 -30.97 28.56 -4.90
CA GLN D 139 -30.79 29.95 -4.50
C GLN D 139 -32.08 30.64 -4.01
N HIS D 140 -33.28 30.09 -4.30
CA HIS D 140 -34.51 30.71 -3.82
C HIS D 140 -34.76 30.42 -2.32
N LEU D 141 -34.14 29.33 -1.82
CA LEU D 141 -34.23 28.86 -0.43
C LEU D 141 -33.03 29.36 0.38
N PHE D 142 -31.80 29.02 -0.10
CA PHE D 142 -30.53 29.41 0.54
C PHE D 142 -29.54 30.04 -0.44
N ARG D 143 -28.89 31.12 0.01
CA ARG D 143 -27.85 31.79 -0.76
C ARG D 143 -26.54 31.84 0.01
N PHE D 144 -25.48 31.26 -0.56
CA PHE D 144 -24.15 31.24 0.07
C PHE D 144 -23.52 32.63 0.01
N GLN D 145 -22.95 33.03 1.14
CA GLN D 145 -22.24 34.30 1.27
C GLN D 145 -20.86 33.99 1.80
N GLU D 146 -19.90 34.89 1.55
CA GLU D 146 -18.54 34.68 1.98
C GLU D 146 -18.35 35.11 3.41
N MET D 147 -18.08 34.13 4.30
CA MET D 147 -17.77 34.40 5.69
C MET D 147 -16.41 35.11 5.68
N GLN D 148 -16.44 36.40 6.07
CA GLN D 148 -15.27 37.27 6.07
C GLN D 148 -14.29 36.98 7.21
N GLY D 149 -13.01 37.10 6.91
CA GLY D 149 -11.91 36.93 7.85
C GLY D 149 -11.66 35.54 8.38
N PHE D 150 -11.90 34.50 7.56
CA PHE D 150 -11.66 33.12 8.01
C PHE D 150 -11.03 32.26 6.92
N SER D 151 -11.62 32.28 5.72
CA SER D 151 -11.23 31.48 4.57
C SER D 151 -9.78 31.69 4.12
N GLY D 152 -9.17 30.63 3.60
CA GLY D 152 -7.80 30.64 3.12
C GLY D 152 -6.99 29.40 3.42
N LEU D 153 -5.67 29.58 3.49
CA LEU D 153 -4.69 28.52 3.75
C LEU D 153 -3.81 28.94 4.95
N GLY D 154 -3.57 28.00 5.87
CA GLY D 154 -2.79 28.17 7.09
C GLY D 154 -1.32 28.47 6.85
N ASP D 155 -0.56 28.59 7.95
CA ASP D 155 0.87 28.96 7.87
C ASP D 155 1.83 27.80 8.14
N GLN D 156 1.29 26.58 8.33
CA GLN D 156 2.06 25.37 8.55
C GLN D 156 1.45 24.23 7.75
N LEU D 157 1.28 24.44 6.42
CA LEU D 157 0.68 23.49 5.49
C LEU D 157 1.43 22.14 5.39
N GLY D 158 2.73 22.18 5.66
CA GLY D 158 3.60 21.02 5.66
C GLY D 158 3.96 20.42 4.32
N GLU D 159 3.69 21.15 3.20
CA GLU D 159 4.03 20.69 1.85
C GLU D 159 5.45 21.14 1.48
N GLU D 160 6.33 20.18 1.08
CA GLU D 160 7.73 20.43 0.77
C GLU D 160 8.08 20.54 -0.71
N GLU D 161 7.38 19.81 -1.60
CA GLU D 161 7.66 19.86 -3.05
C GLU D 161 6.98 21.03 -3.70
N TRP D 162 5.77 21.29 -3.29
CA TRP D 162 4.97 22.33 -3.87
C TRP D 162 5.08 23.62 -3.09
N ILE D 163 4.84 24.73 -3.78
CA ILE D 163 4.88 26.05 -3.16
C ILE D 163 3.69 26.84 -3.66
N VAL D 164 2.75 27.18 -2.73
CA VAL D 164 1.50 27.91 -3.02
C VAL D 164 1.81 29.35 -3.44
N THR D 165 1.41 29.69 -4.66
CA THR D 165 1.63 31.00 -5.28
C THR D 165 0.53 32.00 -4.89
N GLU D 166 -0.76 31.58 -4.85
CA GLU D 166 -1.90 32.44 -4.47
C GLU D 166 -3.14 31.67 -4.05
N VAL D 167 -3.99 32.29 -3.19
CA VAL D 167 -5.27 31.73 -2.72
C VAL D 167 -6.43 32.67 -3.05
N ASN D 168 -7.57 32.11 -3.47
CA ASN D 168 -8.76 32.88 -3.84
C ASN D 168 -10.03 32.22 -3.36
N THR D 169 -11.02 33.03 -3.07
CA THR D 169 -12.35 32.58 -2.69
C THR D 169 -13.37 33.31 -3.50
N HIS D 170 -14.33 32.56 -4.02
CA HIS D 170 -15.41 33.14 -4.81
C HIS D 170 -16.69 32.32 -4.74
N LEU D 171 -17.80 32.91 -5.18
CA LEU D 171 -19.09 32.23 -5.17
C LEU D 171 -19.58 32.10 -6.58
N THR D 172 -20.23 30.98 -6.89
CA THR D 172 -20.80 30.70 -8.21
C THR D 172 -22.05 29.84 -8.09
N THR D 173 -22.74 29.61 -9.22
CA THR D 173 -23.93 28.78 -9.28
C THR D 173 -23.58 27.41 -9.81
N HIS D 174 -24.41 26.41 -9.50
CA HIS D 174 -24.30 25.04 -10.00
C HIS D 174 -25.72 24.54 -10.24
N ASN D 175 -25.90 23.49 -11.03
CA ASN D 175 -27.23 22.98 -11.32
C ASN D 175 -27.25 21.44 -11.22
N GLU D 176 -26.47 20.89 -10.25
CA GLU D 176 -26.27 19.47 -10.00
C GLU D 176 -27.54 18.67 -9.77
N PHE D 177 -28.41 19.10 -8.83
CA PHE D 177 -29.62 18.34 -8.48
C PHE D 177 -30.89 19.07 -8.82
N THR D 178 -30.79 20.38 -9.04
CA THR D 178 -31.93 21.25 -9.33
C THR D 178 -31.93 21.78 -10.79
N LYS D 179 -33.09 22.25 -11.24
CA LYS D 179 -33.15 22.88 -12.56
C LYS D 179 -32.74 24.34 -12.41
N GLY D 180 -33.15 24.98 -11.32
CA GLY D 180 -32.76 26.35 -10.99
C GLY D 180 -31.38 26.40 -10.37
N ASP D 181 -30.67 27.54 -10.50
CA ASP D 181 -29.32 27.73 -9.97
C ASP D 181 -29.25 27.48 -8.46
N ALA D 182 -28.13 26.92 -8.00
CA ALA D 182 -27.88 26.63 -6.60
C ALA D 182 -26.50 27.17 -6.23
N SER D 183 -26.33 27.65 -5.00
CA SER D 183 -25.07 28.24 -4.51
C SER D 183 -23.89 27.27 -4.47
N ARG D 184 -22.68 27.77 -4.78
CA ARG D 184 -21.40 27.04 -4.76
C ARG D 184 -20.26 27.97 -4.27
N PHE D 185 -19.62 27.61 -3.15
CA PHE D 185 -18.49 28.32 -2.57
C PHE D 185 -17.22 27.64 -3.09
N VAL D 186 -16.23 28.44 -3.53
CA VAL D 186 -14.99 27.92 -4.11
C VAL D 186 -13.75 28.45 -3.37
N LEU D 187 -12.86 27.55 -2.94
CA LEU D 187 -11.58 27.92 -2.37
C LEU D 187 -10.59 27.38 -3.39
N GLU D 188 -9.88 28.27 -4.06
CA GLU D 188 -8.91 27.95 -5.09
C GLU D 188 -7.53 28.34 -4.64
N PHE D 189 -6.51 27.54 -5.04
CA PHE D 189 -5.12 27.85 -4.80
C PHE D 189 -4.25 27.32 -5.91
N HIS D 190 -3.23 28.10 -6.26
CA HIS D 190 -2.26 27.76 -7.29
C HIS D 190 -0.96 27.38 -6.62
N ALA D 191 -0.31 26.34 -7.14
CA ALA D 191 0.95 25.88 -6.61
C ALA D 191 1.91 25.50 -7.72
N GLU D 192 3.18 25.90 -7.58
CA GLU D 192 4.23 25.53 -8.52
C GLU D 192 5.20 24.58 -7.82
N ARG D 193 6.01 23.90 -8.59
CA ARG D 193 6.91 22.89 -8.09
C ARG D 193 8.34 23.36 -7.75
N HIS D 194 8.97 22.73 -6.73
CA HIS D 194 10.36 22.94 -6.35
C HIS D 194 11.15 22.02 -7.24
N LEU D 195 12.00 22.60 -8.11
CA LEU D 195 12.79 21.90 -9.13
C LEU D 195 14.00 21.11 -8.59
N ASN D 196 14.42 21.36 -7.32
CA ASN D 196 15.56 20.72 -6.67
C ASN D 196 15.62 19.21 -6.88
N TYR D 197 14.50 18.48 -6.65
CA TYR D 197 14.53 17.02 -6.86
C TYR D 197 14.92 16.66 -8.32
N TYR D 198 14.29 17.31 -9.30
CA TYR D 198 14.50 17.02 -10.71
C TYR D 198 15.91 17.39 -11.13
N LEU D 199 16.44 18.48 -10.57
CA LEU D 199 17.80 18.90 -10.85
C LEU D 199 18.85 17.86 -10.34
N MET D 200 18.71 17.46 -9.07
CA MET D 200 19.60 16.53 -8.37
C MET D 200 19.50 15.09 -8.83
N ARG D 201 18.29 14.61 -9.14
CA ARG D 201 18.13 13.21 -9.46
C ARG D 201 17.99 12.92 -10.91
N ILE D 202 17.56 13.89 -11.75
CA ILE D 202 17.40 13.63 -13.19
C ILE D 202 18.37 14.46 -14.06
N LEU D 203 18.33 15.81 -14.00
CA LEU D 203 19.20 16.63 -14.85
C LEU D 203 20.70 16.38 -14.65
N ILE D 204 21.24 16.63 -13.44
CA ILE D 204 22.65 16.38 -13.13
C ILE D 204 23.08 14.96 -13.56
N PRO D 205 22.44 13.83 -13.14
CA PRO D 205 22.89 12.51 -13.62
C PRO D 205 22.92 12.35 -15.17
N VAL D 206 21.81 12.75 -15.87
CA VAL D 206 21.73 12.65 -17.31
C VAL D 206 22.84 13.47 -17.97
N LEU D 207 23.08 14.70 -17.47
CA LEU D 207 24.16 15.55 -17.99
C LEU D 207 25.54 14.97 -17.75
N LEU D 208 25.73 14.30 -16.59
CA LEU D 208 27.02 13.72 -16.26
C LEU D 208 27.29 12.57 -17.19
N ILE D 209 26.31 11.63 -17.32
CA ILE D 209 26.44 10.49 -18.22
C ILE D 209 26.86 10.97 -19.61
N ILE D 210 26.23 12.04 -20.15
CA ILE D 210 26.55 12.58 -21.48
C ILE D 210 27.97 13.21 -21.52
N THR D 211 28.32 14.04 -20.54
CA THR D 211 29.62 14.72 -20.49
C THR D 211 30.79 13.75 -20.28
N VAL D 212 30.72 12.86 -19.26
CA VAL D 212 31.83 11.92 -19.01
C VAL D 212 31.95 10.89 -20.15
N SER D 213 30.84 10.60 -20.85
CA SER D 213 30.90 9.70 -21.99
C SER D 213 31.65 10.35 -23.13
N TRP D 214 31.52 11.67 -23.25
CA TRP D 214 32.23 12.39 -24.30
C TRP D 214 33.73 12.45 -24.05
N PHE D 215 34.14 12.46 -22.77
CA PHE D 215 35.55 12.49 -22.39
C PHE D 215 36.27 11.32 -23.02
N THR D 216 35.64 10.15 -23.06
CA THR D 216 36.24 8.92 -23.59
C THR D 216 36.44 8.92 -25.11
N PHE D 217 35.89 9.92 -25.82
CA PHE D 217 36.12 10.01 -27.27
C PHE D 217 37.55 10.37 -27.55
N PHE D 218 38.16 11.11 -26.64
CA PHE D 218 39.56 11.50 -26.71
C PHE D 218 40.54 10.29 -26.58
N LEU D 219 40.03 9.05 -26.32
CA LEU D 219 40.82 7.81 -26.21
C LEU D 219 41.10 7.20 -27.57
N GLN D 220 40.27 7.60 -28.56
CA GLN D 220 40.42 7.21 -29.98
C GLN D 220 40.27 5.66 -30.23
N ASP D 221 39.13 5.08 -29.74
CA ASP D 221 38.76 3.68 -29.95
C ASP D 221 37.28 3.67 -30.43
N TYR D 222 37.01 3.49 -31.78
CA TYR D 222 35.63 3.53 -32.36
C TYR D 222 34.68 2.48 -31.76
N THR D 223 35.20 1.25 -31.52
CA THR D 223 34.47 0.12 -30.94
C THR D 223 33.95 0.51 -29.55
N LYS D 224 34.86 1.04 -28.68
CA LYS D 224 34.55 1.49 -27.31
C LYS D 224 33.47 2.56 -27.31
N ARG D 225 33.46 3.46 -28.31
CA ARG D 225 32.44 4.50 -28.42
C ARG D 225 31.07 3.93 -28.71
N ILE D 226 30.98 3.01 -29.69
CA ILE D 226 29.73 2.37 -30.04
C ILE D 226 29.15 1.62 -28.81
N ASP D 227 30.00 0.89 -28.06
CA ASP D 227 29.58 0.20 -26.82
C ASP D 227 29.12 1.17 -25.74
N LEU D 228 29.77 2.35 -25.67
CA LEU D 228 29.41 3.36 -24.69
C LEU D 228 28.04 3.97 -25.00
N ALA D 229 27.82 4.42 -26.26
CA ALA D 229 26.52 4.98 -26.66
C ALA D 229 25.37 3.94 -26.53
N GLY D 230 25.65 2.67 -26.83
CA GLY D 230 24.66 1.61 -26.71
C GLY D 230 24.17 1.43 -25.28
N GLY D 231 25.10 1.42 -24.34
CA GLY D 231 24.80 1.31 -22.92
C GLY D 231 24.12 2.54 -22.39
N ASN D 232 24.52 3.73 -22.88
CA ASN D 232 23.92 5.01 -22.50
C ASN D 232 22.44 5.02 -22.89
N LEU D 233 22.11 4.47 -24.07
CA LEU D 233 20.75 4.35 -24.57
C LEU D 233 19.91 3.53 -23.57
N LEU D 234 20.48 2.44 -23.02
CA LEU D 234 19.77 1.62 -22.06
C LEU D 234 19.53 2.37 -20.77
N LEU D 235 20.52 3.19 -20.33
CA LEU D 235 20.38 4.02 -19.13
C LEU D 235 19.25 5.00 -19.28
N PHE D 236 19.11 5.64 -20.47
CA PHE D 236 18.03 6.60 -20.72
C PHE D 236 16.67 5.93 -20.74
N ILE D 237 16.59 4.69 -21.31
CA ILE D 237 15.38 3.86 -21.29
C ILE D 237 14.96 3.61 -19.80
N ALA D 238 15.95 3.37 -18.93
CA ALA D 238 15.72 3.20 -17.51
C ALA D 238 15.22 4.50 -16.87
N PHE D 239 15.79 5.67 -17.20
CA PHE D 239 15.35 6.97 -16.67
C PHE D 239 13.93 7.28 -17.13
N ASN D 240 13.61 6.84 -18.37
CA ASN D 240 12.29 6.96 -19.00
C ASN D 240 11.23 6.25 -18.15
N PHE D 241 11.57 5.10 -17.56
CA PHE D 241 10.67 4.40 -16.68
C PHE D 241 10.57 5.09 -15.34
N THR D 242 11.67 5.65 -14.84
CA THR D 242 11.72 6.40 -13.58
C THR D 242 10.76 7.59 -13.63
N ILE D 243 10.75 8.30 -14.78
CA ILE D 243 9.87 9.45 -14.97
C ILE D 243 8.43 9.03 -15.08
N SER D 244 8.12 8.03 -15.93
CA SER D 244 6.75 7.52 -16.15
C SER D 244 6.02 7.10 -14.86
N SER D 245 6.77 6.64 -13.84
CA SER D 245 6.22 6.25 -12.55
C SER D 245 5.67 7.43 -11.73
N ASP D 246 6.12 8.69 -12.00
CA ASP D 246 5.68 9.91 -11.27
C ASP D 246 4.35 10.43 -11.77
N LEU D 247 4.04 10.18 -13.03
CA LEU D 247 2.85 10.72 -13.67
C LEU D 247 1.78 9.72 -14.01
N PRO D 248 0.52 10.16 -14.31
CA PRO D 248 -0.49 9.21 -14.81
C PRO D 248 -0.12 8.79 -16.24
N ARG D 249 -0.82 7.79 -16.78
CA ARG D 249 -0.53 7.33 -18.14
C ARG D 249 -1.27 8.22 -19.12
N LEU D 250 -0.84 9.49 -19.15
CA LEU D 250 -1.37 10.58 -19.98
C LEU D 250 -1.54 10.23 -21.44
N GLY D 251 -2.44 10.95 -22.08
CA GLY D 251 -2.69 10.81 -23.50
C GLY D 251 -1.92 11.84 -24.30
N TYR D 252 -1.11 12.69 -23.61
CA TYR D 252 -0.32 13.75 -24.23
C TYR D 252 1.18 13.71 -23.83
N ILE D 253 2.04 14.40 -24.64
CA ILE D 253 3.49 14.44 -24.39
C ILE D 253 3.86 15.59 -23.44
N THR D 254 4.72 15.25 -22.49
CA THR D 254 5.26 16.10 -21.43
C THR D 254 6.54 16.72 -21.96
N LEU D 255 6.99 17.82 -21.34
CA LEU D 255 8.29 18.42 -21.66
C LEU D 255 9.39 17.40 -21.27
N MET D 256 9.19 16.70 -20.14
CA MET D 256 10.09 15.66 -19.68
C MET D 256 10.17 14.52 -20.68
N ASP D 257 9.01 14.10 -21.23
CA ASP D 257 8.90 13.02 -22.22
C ASP D 257 9.68 13.35 -23.46
N ALA D 258 9.53 14.60 -23.93
CA ALA D 258 10.23 15.10 -25.11
C ALA D 258 11.74 15.10 -24.85
N PHE D 259 12.14 15.53 -23.64
CA PHE D 259 13.53 15.54 -23.23
C PHE D 259 14.15 14.13 -23.28
N LEU D 260 13.43 13.09 -22.77
CA LEU D 260 13.97 11.73 -22.80
C LEU D 260 13.98 11.12 -24.17
N VAL D 261 12.92 11.36 -24.97
CA VAL D 261 12.85 10.89 -26.35
C VAL D 261 13.97 11.54 -27.16
N GLY D 262 14.29 12.78 -26.80
CA GLY D 262 15.37 13.53 -27.41
C GLY D 262 16.72 12.86 -27.18
N THR D 263 17.00 12.48 -25.91
CA THR D 263 18.26 11.81 -25.60
C THR D 263 18.36 10.44 -26.32
N PHE D 264 17.20 9.75 -26.55
CA PHE D 264 17.17 8.49 -27.29
C PHE D 264 17.59 8.73 -28.71
N ILE D 265 16.93 9.69 -29.38
CA ILE D 265 17.20 10.01 -30.77
C ILE D 265 18.67 10.40 -30.98
N ILE D 266 19.22 11.30 -30.14
CA ILE D 266 20.64 11.66 -30.30
C ILE D 266 21.56 10.45 -30.09
N THR D 267 21.35 9.66 -29.00
CA THR D 267 22.17 8.48 -28.74
C THR D 267 22.07 7.46 -29.89
N ALA D 268 20.86 7.27 -30.46
CA ALA D 268 20.67 6.39 -31.60
C ALA D 268 21.52 6.85 -32.79
N LEU D 269 21.53 8.17 -33.02
CA LEU D 269 22.31 8.77 -34.11
C LEU D 269 23.82 8.72 -33.83
N VAL D 270 24.24 8.83 -32.54
CA VAL D 270 25.65 8.71 -32.16
C VAL D 270 26.12 7.30 -32.54
N VAL D 271 25.33 6.24 -32.21
CA VAL D 271 25.66 4.85 -32.60
C VAL D 271 25.75 4.77 -34.14
N LEU D 272 24.74 5.33 -34.87
CA LEU D 272 24.70 5.36 -36.33
C LEU D 272 25.90 6.05 -36.97
N GLY D 273 26.24 7.23 -36.46
CA GLY D 273 27.37 8.04 -36.92
C GLY D 273 28.70 7.34 -36.72
N ASN D 274 28.95 6.83 -35.51
CA ASN D 274 30.20 6.15 -35.23
C ASN D 274 30.35 4.81 -35.97
N VAL D 275 29.22 4.11 -36.28
CA VAL D 275 29.27 2.90 -37.09
C VAL D 275 29.68 3.36 -38.51
N TRP D 276 29.07 4.46 -39.00
CA TRP D 276 29.33 5.04 -40.31
C TRP D 276 30.79 5.52 -40.48
N LEU D 277 31.33 6.22 -39.47
CA LEU D 277 32.72 6.67 -39.46
C LEU D 277 33.72 5.52 -39.42
N ARG D 278 33.41 4.44 -38.69
CA ARG D 278 34.27 3.26 -38.66
C ARG D 278 34.19 2.56 -40.02
N ARG D 279 32.99 2.62 -40.66
CA ARG D 279 32.81 2.03 -41.99
C ARG D 279 33.61 2.83 -43.01
N LEU D 280 33.76 4.15 -42.82
CA LEU D 280 34.58 5.02 -43.71
C LEU D 280 36.06 4.74 -43.58
N GLU D 281 36.57 4.54 -42.33
CA GLU D 281 37.96 4.16 -42.04
C GLU D 281 38.27 2.91 -42.87
N ASN D 282 37.42 1.86 -42.72
CA ASN D 282 37.55 0.57 -43.38
C ASN D 282 37.49 0.65 -44.90
N HIS D 283 36.91 1.73 -45.47
CA HIS D 283 36.76 1.87 -46.92
C HIS D 283 37.69 2.93 -47.48
N GLY D 284 38.91 2.99 -47.00
CA GLY D 284 39.82 3.95 -47.59
C GLY D 284 40.69 4.68 -46.60
N GLN D 286 45.35 6.96 -41.99
CA GLN D 286 46.32 7.48 -41.03
C GLN D 286 46.05 8.97 -40.81
N ALA D 287 46.25 9.82 -41.84
CA ALA D 287 45.86 11.23 -41.78
C ALA D 287 44.33 11.32 -41.96
N LEU D 288 43.74 10.31 -42.68
CA LEU D 288 42.29 10.18 -42.89
C LEU D 288 41.69 9.77 -41.59
N ALA D 289 42.32 8.77 -40.96
CA ALA D 289 41.85 8.20 -39.70
C ALA D 289 41.65 9.28 -38.66
N ARG D 290 42.71 10.11 -38.49
CA ARG D 290 42.74 11.18 -37.53
C ARG D 290 41.87 12.37 -37.97
N LYS D 291 41.63 12.53 -39.30
CA LYS D 291 40.73 13.56 -39.83
C LYS D 291 39.29 13.19 -39.49
N LEU D 292 38.90 11.91 -39.70
CA LEU D 292 37.54 11.44 -39.42
C LEU D 292 37.23 11.53 -37.95
N ASP D 293 38.22 11.24 -37.11
CA ASP D 293 38.15 11.28 -35.65
C ASP D 293 37.62 12.63 -35.10
N ILE D 294 38.01 13.75 -35.75
CA ILE D 294 37.62 15.14 -35.46
C ILE D 294 36.14 15.28 -35.63
N TYR D 295 35.56 14.67 -36.69
CA TYR D 295 34.12 14.71 -36.92
C TYR D 295 33.41 13.98 -35.80
N ALA D 296 33.86 12.75 -35.47
CA ALA D 296 33.28 11.95 -34.41
C ALA D 296 33.24 12.67 -33.06
N ILE D 297 34.36 13.31 -32.69
CA ILE D 297 34.50 14.05 -31.44
C ILE D 297 33.66 15.33 -31.43
N THR D 298 33.62 16.08 -32.55
CA THR D 298 32.82 17.31 -32.57
C THR D 298 31.32 17.06 -32.88
N SER D 299 30.97 15.88 -33.43
CA SER D 299 29.58 15.50 -33.72
C SER D 299 28.77 15.47 -32.45
N TYR D 300 29.25 14.67 -31.47
CA TYR D 300 28.65 14.43 -30.17
C TYR D 300 28.11 15.72 -29.48
N PRO D 301 28.94 16.75 -29.18
CA PRO D 301 28.39 17.97 -28.54
C PRO D 301 27.40 18.72 -29.42
N LEU D 302 27.63 18.76 -30.76
CA LEU D 302 26.73 19.45 -31.68
C LEU D 302 25.37 18.79 -31.77
N ALA D 303 25.32 17.44 -31.68
CA ALA D 303 24.09 16.68 -31.74
C ALA D 303 23.21 16.96 -30.53
N TYR D 304 23.79 16.97 -29.31
CA TYR D 304 23.08 17.29 -28.06
C TYR D 304 22.69 18.78 -28.00
N LEU D 305 23.54 19.69 -28.53
CA LEU D 305 23.23 21.12 -28.60
C LEU D 305 22.15 21.40 -29.63
N LEU D 306 22.03 20.58 -30.70
CA LEU D 306 20.97 20.69 -31.71
C LEU D 306 19.65 20.16 -31.14
N GLY D 307 19.72 19.11 -30.34
CA GLY D 307 18.55 18.52 -29.71
C GLY D 307 17.92 19.45 -28.69
N ALA D 308 18.78 20.07 -27.85
CA ALA D 308 18.42 21.04 -26.82
C ALA D 308 17.71 22.23 -27.43
N LEU D 309 18.20 22.73 -28.59
CA LEU D 309 17.57 23.83 -29.29
C LEU D 309 16.23 23.44 -29.89
N THR D 310 16.04 22.17 -30.26
CA THR D 310 14.80 21.65 -30.83
C THR D 310 13.67 21.65 -29.79
N LEU D 311 13.89 21.05 -28.59
CA LEU D 311 12.88 21.01 -27.52
C LEU D 311 12.55 22.39 -27.03
N TRP D 312 13.60 23.18 -26.73
CA TRP D 312 13.46 24.54 -26.22
C TRP D 312 12.64 25.41 -27.18
N LEU D 313 12.69 25.11 -28.50
CA LEU D 313 11.88 25.81 -29.48
C LEU D 313 10.44 25.25 -29.48
N LEU D 314 10.31 23.90 -29.55
CA LEU D 314 9.03 23.18 -29.55
C LEU D 314 8.13 23.44 -28.30
N PHE D 315 8.72 23.81 -27.15
CA PHE D 315 7.99 24.07 -25.89
C PHE D 315 8.01 25.53 -25.43
N PHE D 316 8.86 26.40 -26.04
CA PHE D 316 8.98 27.82 -25.68
C PHE D 316 9.22 28.69 -26.92
N GLU E 7 -16.71 33.92 35.35
CA GLU E 7 -15.31 33.54 35.47
C GLU E 7 -14.96 32.29 34.63
N PRO E 8 -13.68 32.11 34.18
CA PRO E 8 -13.34 30.90 33.41
C PRO E 8 -13.01 29.65 34.24
N SER E 9 -13.53 28.47 33.81
CA SER E 9 -13.28 27.21 34.52
C SER E 9 -12.01 26.50 34.03
N ASP E 10 -11.16 26.05 34.99
CA ASP E 10 -9.91 25.36 34.73
C ASP E 10 -10.17 23.94 34.22
N VAL E 11 -9.59 23.65 33.07
CA VAL E 11 -9.69 22.36 32.40
C VAL E 11 -8.28 21.75 32.45
N PHE E 12 -8.12 20.65 33.18
CA PHE E 12 -6.83 20.01 33.38
C PHE E 12 -6.52 18.97 32.31
N ILE E 13 -5.59 19.33 31.39
CA ILE E 13 -5.14 18.51 30.26
C ILE E 13 -3.87 17.72 30.57
N GLY E 14 -3.93 16.44 30.27
CA GLY E 14 -2.86 15.48 30.41
C GLY E 14 -2.75 14.62 29.17
N LEU E 15 -1.57 14.52 28.58
CA LEU E 15 -1.42 13.68 27.39
C LEU E 15 -0.20 12.79 27.53
N LYS E 16 -0.39 11.49 27.36
CA LYS E 16 0.71 10.54 27.49
C LYS E 16 0.80 9.66 26.25
N ILE E 17 1.97 9.64 25.58
CA ILE E 17 2.22 8.83 24.39
C ILE E 17 2.73 7.47 24.86
N ASP E 18 1.97 6.40 24.65
CA ASP E 18 2.35 5.05 25.08
C ASP E 18 3.23 4.38 24.05
N GLN E 19 2.97 4.65 22.78
CA GLN E 19 3.65 4.05 21.65
C GLN E 19 3.91 5.05 20.55
N ILE E 20 5.00 4.83 19.82
CA ILE E 20 5.37 5.53 18.59
C ILE E 20 5.26 4.38 17.58
N THR E 21 4.10 4.30 16.89
CA THR E 21 3.81 3.27 15.89
C THR E 21 4.62 3.52 14.61
N GLY E 22 5.29 4.68 14.57
CA GLY E 22 6.16 5.04 13.46
C GLY E 22 6.31 6.51 13.20
N ILE E 23 7.43 6.86 12.54
CA ILE E 23 7.76 8.20 12.07
C ILE E 23 7.96 8.05 10.58
N ASN E 24 7.09 8.67 9.78
CA ASN E 24 7.18 8.58 8.33
C ASN E 24 7.75 9.90 7.82
N GLN E 25 9.07 9.91 7.53
CA GLN E 25 9.79 11.12 7.11
C GLN E 25 9.50 11.52 5.68
N LYS E 26 9.03 10.58 4.84
CA LYS E 26 8.72 10.92 3.46
C LYS E 26 7.45 11.77 3.41
N GLU E 27 6.48 11.47 4.30
CA GLU E 27 5.19 12.17 4.43
C GLU E 27 5.17 13.24 5.55
N GLU E 28 6.27 13.33 6.34
CA GLU E 28 6.49 14.27 7.45
C GLU E 28 5.34 14.27 8.43
N ASN E 29 5.14 13.11 9.01
CA ASN E 29 4.14 12.84 10.01
C ASN E 29 4.66 11.74 10.91
N PHE E 30 4.00 11.53 12.03
CA PHE E 30 4.33 10.48 12.97
C PHE E 30 3.04 9.88 13.56
N SER E 31 3.11 8.65 14.04
CA SER E 31 1.93 8.01 14.57
C SER E 31 2.13 7.49 15.98
N VAL E 32 1.13 7.75 16.85
CA VAL E 32 1.18 7.39 18.27
C VAL E 32 -0.07 6.72 18.78
N VAL E 33 0.10 5.99 19.89
CA VAL E 33 -0.95 5.40 20.68
C VAL E 33 -0.86 6.26 21.94
N GLY E 34 -1.94 6.92 22.30
CA GLY E 34 -1.90 7.81 23.43
C GLY E 34 -3.17 7.86 24.25
N SER E 35 -3.02 8.34 25.48
CA SER E 35 -4.11 8.50 26.44
C SER E 35 -4.19 9.97 26.79
N LEU E 36 -5.38 10.54 26.58
CA LEU E 36 -5.68 11.92 26.92
C LEU E 36 -6.51 11.88 28.18
N ARG E 37 -6.13 12.68 29.16
CA ARG E 37 -6.80 12.74 30.44
C ARG E 37 -7.18 14.15 30.78
N ILE E 38 -8.47 14.34 31.15
CA ILE E 38 -9.04 15.64 31.50
C ILE E 38 -9.74 15.57 32.83
N ASP E 39 -9.49 16.58 33.67
CA ASP E 39 -10.13 16.80 34.97
C ASP E 39 -10.77 18.18 34.89
N TRP E 40 -12.08 18.25 35.11
CA TRP E 40 -12.82 19.48 35.00
C TRP E 40 -13.96 19.49 36.00
N ARG E 41 -13.95 20.46 36.93
CA ARG E 41 -15.03 20.59 37.92
C ARG E 41 -16.12 21.52 37.39
N GLN E 42 -17.32 20.96 37.22
CA GLN E 42 -18.49 21.71 36.82
C GLN E 42 -19.48 21.57 37.97
N PRO E 43 -19.62 22.62 38.82
CA PRO E 43 -20.52 22.50 39.98
C PRO E 43 -21.94 22.15 39.62
N LEU E 44 -22.43 22.60 38.45
CA LEU E 44 -23.77 22.32 37.93
C LEU E 44 -24.07 20.82 37.76
N LEU E 45 -23.03 20.01 37.51
CA LEU E 45 -23.11 18.54 37.33
C LEU E 45 -23.14 17.74 38.63
N ALA E 46 -22.94 18.44 39.78
CA ALA E 46 -22.97 17.86 41.14
C ALA E 46 -24.29 17.17 41.39
N PHE E 47 -24.27 16.14 42.23
CA PHE E 47 -25.49 15.39 42.51
C PHE E 47 -25.57 14.92 43.96
N GLU E 48 -26.79 14.62 44.40
CA GLU E 48 -26.99 14.04 45.70
C GLU E 48 -27.26 12.55 45.49
N HIS E 49 -26.81 11.73 46.44
CA HIS E 49 -26.96 10.28 46.38
C HIS E 49 -27.56 9.74 47.68
N ALA E 50 -28.29 8.62 47.59
CA ALA E 50 -28.89 7.97 48.74
C ALA E 50 -27.86 6.99 49.34
N PRO E 51 -28.00 6.54 50.63
CA PRO E 51 -27.02 5.57 51.17
C PRO E 51 -27.02 4.27 50.34
N GLY E 52 -25.84 3.82 49.95
CA GLY E 52 -25.72 2.62 49.11
C GLY E 52 -25.57 2.93 47.64
N GLU E 53 -26.19 4.04 47.16
CA GLU E 53 -26.09 4.51 45.78
C GLU E 53 -24.67 5.08 45.56
N PRO E 54 -24.03 4.83 44.39
CA PRO E 54 -22.63 5.27 44.20
C PRO E 54 -22.37 6.78 44.23
N LYS E 55 -21.19 7.14 44.77
CA LYS E 55 -20.68 8.51 44.89
C LYS E 55 -20.03 8.96 43.58
N HIS E 56 -19.73 7.99 42.67
CA HIS E 56 -19.14 8.23 41.36
C HIS E 56 -19.95 7.56 40.23
N ARG E 57 -20.48 8.37 39.31
CA ARG E 57 -21.28 7.90 38.20
C ARG E 57 -20.38 7.72 36.98
N THR E 58 -20.44 6.52 36.37
CA THR E 58 -19.62 6.21 35.20
C THR E 58 -20.48 6.25 33.93
N TYR E 59 -20.01 7.03 32.93
CA TYR E 59 -20.73 7.26 31.69
C TYR E 59 -19.90 7.03 30.46
N THR E 60 -20.58 6.56 29.41
CA THR E 60 -20.03 6.42 28.06
C THR E 60 -20.14 7.87 27.56
N LEU E 61 -19.09 8.41 26.88
CA LEU E 61 -19.08 9.79 26.39
C LEU E 61 -20.42 10.20 25.75
N ALA E 62 -21.01 9.31 24.91
CA ALA E 62 -22.27 9.48 24.19
C ALA E 62 -23.41 9.93 25.10
N THR E 63 -23.64 9.21 26.22
CA THR E 63 -24.72 9.58 27.13
C THR E 63 -24.30 10.75 28.03
N PHE E 64 -22.97 10.91 28.31
CA PHE E 64 -22.53 12.04 29.11
C PHE E 64 -22.76 13.35 28.40
N LEU E 65 -22.48 13.39 27.07
CA LEU E 65 -22.72 14.58 26.25
C LEU E 65 -24.22 14.86 26.14
N LYS E 66 -25.03 13.79 26.08
CA LYS E 66 -26.50 13.87 26.03
C LYS E 66 -27.05 14.44 27.35
N LEU E 67 -26.33 14.15 28.46
CA LEU E 67 -26.66 14.66 29.80
C LEU E 67 -26.31 16.15 29.89
N LEU E 68 -25.18 16.57 29.30
CA LEU E 68 -24.76 17.97 29.28
C LEU E 68 -25.72 18.84 28.50
N GLU E 69 -26.19 18.35 27.32
CA GLU E 69 -27.13 19.06 26.46
C GLU E 69 -28.45 19.28 27.18
N GLU E 70 -28.89 18.25 27.94
CA GLU E 70 -30.11 18.23 28.75
C GLU E 70 -30.02 19.31 29.83
N LYS E 71 -28.91 19.28 30.60
CA LYS E 71 -28.59 20.22 31.68
C LYS E 71 -28.17 21.61 31.15
N GLN E 72 -28.18 21.81 29.81
CA GLN E 72 -27.80 23.06 29.12
C GLN E 72 -26.38 23.56 29.52
N ILE E 73 -25.44 22.61 29.73
CA ILE E 73 -24.05 22.89 30.09
C ILE E 73 -23.15 22.78 28.85
N ARG E 74 -22.17 23.69 28.78
CA ARG E 74 -21.17 23.75 27.72
C ARG E 74 -19.92 23.03 28.21
N TRP E 75 -19.46 22.06 27.42
CA TRP E 75 -18.28 21.26 27.71
C TRP E 75 -17.05 21.89 27.05
N PRO E 76 -15.82 21.64 27.57
CA PRO E 76 -14.63 22.25 26.96
C PRO E 76 -14.24 21.56 25.65
N ALA E 77 -14.98 21.86 24.58
CA ALA E 77 -14.76 21.27 23.25
C ALA E 77 -13.35 21.56 22.81
N PHE E 78 -12.60 20.51 22.50
CA PHE E 78 -11.20 20.63 22.08
C PHE E 78 -10.92 19.95 20.72
N THR E 79 -9.78 20.31 20.09
CA THR E 79 -9.30 19.72 18.85
C THR E 79 -7.83 19.42 18.92
N TYR E 80 -7.39 18.29 18.32
CA TYR E 80 -5.96 17.96 18.21
C TYR E 80 -5.55 18.71 16.94
N HIS E 81 -5.03 19.93 17.09
CA HIS E 81 -4.76 20.80 15.96
C HIS E 81 -3.93 20.20 14.82
N ASN E 82 -2.86 19.46 15.15
CA ASN E 82 -1.97 18.89 14.15
C ASN E 82 -2.31 17.43 13.78
N GLN E 83 -3.51 16.96 14.10
CA GLN E 83 -3.95 15.59 13.77
C GLN E 83 -4.14 15.44 12.27
N GLN E 84 -3.95 14.22 11.75
CA GLN E 84 -4.13 13.86 10.36
C GLN E 84 -4.94 12.54 10.27
N GLY E 85 -5.91 12.52 9.36
CA GLY E 85 -6.75 11.36 9.10
C GLY E 85 -7.66 10.96 10.24
N ALA E 86 -7.88 9.64 10.36
CA ALA E 86 -8.78 9.07 11.36
C ALA E 86 -8.07 8.81 12.65
N MET E 87 -8.75 9.15 13.74
CA MET E 87 -8.27 8.86 15.07
C MET E 87 -9.09 7.67 15.53
N ASP E 88 -8.45 6.49 15.59
CA ASP E 88 -9.11 5.25 16.02
C ASP E 88 -9.13 5.28 17.55
N PHE E 89 -10.35 5.22 18.16
CA PHE E 89 -10.49 5.26 19.62
C PHE E 89 -10.58 3.89 20.26
N GLN E 90 -10.04 3.75 21.46
CA GLN E 90 -10.07 2.52 22.24
C GLN E 90 -11.04 2.70 23.41
N ASN E 91 -10.92 3.85 24.13
CA ASN E 91 -11.73 4.18 25.29
C ASN E 91 -12.07 5.66 25.31
N ARG E 92 -13.33 5.96 25.65
CA ARG E 92 -13.88 7.31 25.79
C ARG E 92 -14.85 7.18 26.96
N LEU E 93 -14.29 7.33 28.16
CA LEU E 93 -14.98 7.10 29.43
C LEU E 93 -14.98 8.33 30.34
N ILE E 94 -16.13 8.58 31.02
CA ILE E 94 -16.34 9.70 31.95
C ILE E 94 -16.68 9.13 33.32
N SER E 95 -16.07 9.69 34.37
CA SER E 95 -16.40 9.38 35.77
C SER E 95 -16.71 10.71 36.42
N LEU E 96 -17.97 10.85 36.85
CA LEU E 96 -18.52 12.05 37.47
C LEU E 96 -18.71 11.85 38.96
N SER E 97 -18.01 12.66 39.77
CA SER E 97 -18.09 12.60 41.23
C SER E 97 -19.27 13.41 41.72
N GLU E 98 -19.72 13.13 42.97
CA GLU E 98 -20.80 13.83 43.68
C GLU E 98 -20.59 15.38 43.59
N ASP E 99 -19.31 15.82 43.63
CA ASP E 99 -18.77 17.19 43.56
C ASP E 99 -19.07 17.91 42.21
N GLY E 100 -19.05 17.13 41.14
CA GLY E 100 -19.21 17.62 39.77
C GLY E 100 -17.90 17.59 39.02
N THR E 101 -16.93 16.82 39.54
CA THR E 101 -15.62 16.65 38.92
C THR E 101 -15.73 15.58 37.86
N VAL E 102 -15.56 16.02 36.60
CA VAL E 102 -15.57 15.19 35.41
C VAL E 102 -14.16 14.69 35.22
N MET E 103 -14.02 13.38 35.09
CA MET E 103 -12.75 12.73 34.83
C MET E 103 -12.89 11.98 33.51
N TYR E 104 -12.18 12.47 32.50
CA TYR E 104 -12.27 11.94 31.16
C TYR E 104 -10.98 11.28 30.72
N LEU E 105 -11.11 10.12 30.05
CA LEU E 105 -10.00 9.35 29.49
C LEU E 105 -10.31 9.04 28.04
N GLU E 106 -9.37 9.38 27.16
CA GLU E 106 -9.47 9.18 25.73
C GLU E 106 -8.24 8.39 25.24
N ARG E 107 -8.41 7.10 24.95
CA ARG E 107 -7.33 6.25 24.43
C ARG E 107 -7.48 6.16 22.93
N PHE E 108 -6.44 6.53 22.17
CA PHE E 108 -6.51 6.56 20.71
C PHE E 108 -5.22 6.17 20.02
N THR E 109 -5.32 5.89 18.72
CA THR E 109 -4.20 5.71 17.80
C THR E 109 -4.40 6.80 16.74
N SER E 110 -3.37 7.62 16.47
CA SER E 110 -3.51 8.66 15.46
C SER E 110 -2.23 9.15 14.85
N THR E 111 -2.31 9.62 13.58
CA THR E 111 -1.18 10.23 12.89
C THR E 111 -1.23 11.74 13.11
N PHE E 112 -0.07 12.36 13.26
CA PHE E 112 0.01 13.79 13.49
C PHE E 112 1.05 14.37 12.56
N GLN E 113 0.78 15.58 12.09
CA GLN E 113 1.67 16.34 11.24
C GLN E 113 2.96 16.65 12.00
N ALA E 114 4.09 16.47 11.31
CA ALA E 114 5.43 16.79 11.80
C ALA E 114 5.96 17.90 10.85
N PRO E 115 5.50 19.18 11.06
CA PRO E 115 5.92 20.26 10.16
C PRO E 115 7.29 20.88 10.52
N ALA E 116 7.91 20.42 11.61
CA ALA E 116 9.20 20.90 12.09
C ALA E 116 10.42 20.18 11.43
N PHE E 117 10.15 19.32 10.43
CA PHE E 117 11.15 18.52 9.72
C PHE E 117 12.20 19.35 8.95
N ASP E 118 13.46 19.26 9.41
CA ASP E 118 14.63 19.93 8.84
C ASP E 118 15.65 18.88 8.43
N PHE E 119 15.68 18.52 7.15
CA PHE E 119 16.58 17.49 6.65
C PHE E 119 17.98 17.98 6.24
N ARG E 120 18.26 19.28 6.41
CA ARG E 120 19.53 19.92 6.03
C ARG E 120 20.78 19.15 6.51
N LEU E 121 20.75 18.52 7.73
CA LEU E 121 21.91 17.76 8.20
C LEU E 121 21.71 16.23 8.21
N PHE E 122 20.68 15.73 7.48
CA PHE E 122 20.37 14.30 7.36
C PHE E 122 21.59 13.54 6.84
N PRO E 123 21.97 12.38 7.42
CA PRO E 123 21.31 11.60 8.49
C PRO E 123 21.71 11.95 9.92
N PHE E 124 22.49 13.04 10.13
CA PHE E 124 22.95 13.48 11.44
C PHE E 124 22.00 14.54 12.06
N ASP E 125 20.73 14.46 11.69
CA ASP E 125 19.67 15.38 12.08
C ASP E 125 18.96 15.02 13.40
N ASN E 126 18.47 16.07 14.08
CA ASN E 126 17.64 15.98 15.30
C ASN E 126 16.31 16.68 14.95
N GLN E 127 15.16 16.01 15.18
CA GLN E 127 13.87 16.59 14.84
C GLN E 127 12.94 16.85 16.01
N LEU E 128 12.04 17.84 15.85
CA LEU E 128 11.02 18.20 16.85
C LEU E 128 9.67 17.65 16.44
N PHE E 129 9.03 16.93 17.36
CA PHE E 129 7.70 16.37 17.14
C PHE E 129 6.80 16.89 18.24
N PHE E 130 5.59 17.30 17.87
CA PHE E 130 4.66 17.81 18.89
C PHE E 130 3.21 17.39 18.68
N ILE E 131 2.36 17.53 19.71
CA ILE E 131 0.93 17.33 19.64
C ILE E 131 0.30 18.59 20.23
N HIS E 132 -0.61 19.20 19.46
CA HIS E 132 -1.32 20.42 19.84
C HIS E 132 -2.76 20.06 20.18
N VAL E 133 -3.20 20.38 21.41
CA VAL E 133 -4.55 20.16 21.94
C VAL E 133 -5.10 21.56 22.16
N ASP E 134 -6.07 21.98 21.34
CA ASP E 134 -6.66 23.33 21.38
C ASP E 134 -8.07 23.38 21.95
N SER E 135 -8.38 24.41 22.74
CA SER E 135 -9.73 24.65 23.21
C SER E 135 -10.46 25.39 22.09
N ILE E 136 -11.62 24.89 21.66
CA ILE E 136 -12.45 25.56 20.65
C ILE E 136 -13.00 26.86 21.26
N PHE E 137 -13.41 26.83 22.55
CA PHE E 137 -13.88 28.02 23.25
C PHE E 137 -12.72 28.89 23.83
N PRO E 138 -12.85 30.26 23.81
CA PRO E 138 -11.75 31.11 24.30
C PRO E 138 -11.47 31.04 25.80
N GLN E 139 -10.39 31.73 26.21
CA GLN E 139 -9.87 31.78 27.58
C GLN E 139 -10.81 32.44 28.60
N HIS E 140 -11.84 33.20 28.16
CA HIS E 140 -12.79 33.81 29.09
C HIS E 140 -13.80 32.78 29.63
N LEU E 141 -14.01 31.68 28.87
CA LEU E 141 -14.90 30.58 29.19
C LEU E 141 -14.15 29.42 29.85
N PHE E 142 -13.10 28.91 29.17
CA PHE E 142 -12.25 27.81 29.63
C PHE E 142 -10.75 28.13 29.54
N ARG E 143 -10.01 27.75 30.59
CA ARG E 143 -8.57 27.91 30.63
C ARG E 143 -7.89 26.58 30.87
N PHE E 144 -7.01 26.15 29.93
CA PHE E 144 -6.29 24.89 30.06
C PHE E 144 -5.21 25.00 31.12
N GLN E 145 -5.13 23.97 31.95
CA GLN E 145 -4.12 23.88 32.99
C GLN E 145 -3.41 22.54 32.82
N GLU E 146 -2.18 22.45 33.33
CA GLU E 146 -1.40 21.24 33.17
C GLU E 146 -1.77 20.23 34.25
N MET E 147 -2.35 19.10 33.81
CA MET E 147 -2.68 17.99 34.72
C MET E 147 -1.32 17.43 35.14
N GLN E 148 -1.01 17.57 36.43
CA GLN E 148 0.25 17.15 37.02
C GLN E 148 0.37 15.63 37.20
N GLY E 149 1.58 15.12 36.94
CA GLY E 149 1.97 13.73 37.09
C GLY E 149 1.32 12.73 36.16
N PHE E 150 1.10 13.12 34.90
CA PHE E 150 0.51 12.22 33.90
C PHE E 150 1.16 12.32 32.52
N SER E 151 1.27 13.57 32.02
CA SER E 151 1.80 13.90 30.71
C SER E 151 3.24 13.40 30.47
N GLY E 152 3.52 13.05 29.21
CA GLY E 152 4.83 12.57 28.80
C GLY E 152 4.83 11.45 27.78
N LEU E 153 5.90 10.63 27.80
CA LEU E 153 6.11 9.51 26.90
C LEU E 153 6.39 8.25 27.74
N GLY E 154 5.77 7.13 27.36
CA GLY E 154 5.86 5.83 28.00
C GLY E 154 7.22 5.18 27.95
N ASP E 155 7.34 3.96 28.48
CA ASP E 155 8.62 3.25 28.58
C ASP E 155 8.78 2.08 27.58
N GLN E 156 7.79 1.90 26.69
CA GLN E 156 7.80 0.87 25.66
C GLN E 156 7.26 1.45 24.36
N LEU E 157 7.86 2.59 23.91
CA LEU E 157 7.43 3.33 22.71
C LEU E 157 7.51 2.50 21.42
N GLY E 158 8.43 1.52 21.40
CA GLY E 158 8.64 0.60 20.28
C GLY E 158 9.31 1.16 19.03
N GLU E 159 9.92 2.37 19.14
CA GLU E 159 10.62 2.97 18.00
C GLU E 159 12.08 2.55 18.02
N GLU E 160 12.58 2.00 16.88
CA GLU E 160 13.94 1.46 16.76
C GLU E 160 14.96 2.34 16.06
N GLU E 161 14.53 3.19 15.07
CA GLU E 161 15.47 4.06 14.35
C GLU E 161 15.71 5.34 15.12
N TRP E 162 14.66 5.87 15.71
CA TRP E 162 14.75 7.11 16.42
C TRP E 162 14.97 6.90 17.91
N ILE E 163 15.57 7.90 18.55
CA ILE E 163 15.83 7.86 19.97
C ILE E 163 15.47 9.23 20.57
N VAL E 164 14.42 9.23 21.44
CA VAL E 164 13.89 10.44 22.09
C VAL E 164 14.89 11.02 23.08
N THR E 165 15.30 12.27 22.82
CA THR E 165 16.30 13.00 23.59
C THR E 165 15.67 13.73 24.79
N GLU E 166 14.48 14.35 24.63
CA GLU E 166 13.77 15.07 25.70
C GLU E 166 12.29 15.27 25.42
N VAL E 167 11.47 15.37 26.50
CA VAL E 167 10.01 15.62 26.41
C VAL E 167 9.65 16.89 27.22
N ASN E 168 8.74 17.72 26.68
CA ASN E 168 8.31 18.97 27.32
C ASN E 168 6.82 19.18 27.17
N THR E 169 6.22 19.84 28.16
CA THR E 169 4.81 20.21 28.15
C THR E 169 4.68 21.66 28.53
N HIS E 170 3.87 22.38 27.76
CA HIS E 170 3.62 23.80 28.01
C HIS E 170 2.26 24.23 27.52
N LEU E 171 1.83 25.42 27.94
CA LEU E 171 0.54 25.96 27.55
C LEU E 171 0.75 27.25 26.81
N THR E 172 -0.05 27.47 25.76
CA THR E 172 0.02 28.68 24.93
C THR E 172 -1.37 29.07 24.42
N THR E 173 -1.46 30.23 23.76
CA THR E 173 -2.72 30.72 23.20
C THR E 173 -2.75 30.44 21.70
N HIS E 174 -3.95 30.39 21.13
CA HIS E 174 -4.20 30.24 19.70
C HIS E 174 -5.41 31.09 19.37
N ASN E 175 -5.60 31.42 18.09
CA ASN E 175 -6.73 32.25 17.69
C ASN E 175 -7.41 31.69 16.43
N GLU E 176 -7.46 30.35 16.34
CA GLU E 176 -8.00 29.57 15.23
C GLU E 176 -9.43 29.89 14.83
N PHE E 177 -10.38 29.86 15.80
CA PHE E 177 -11.80 30.09 15.51
C PHE E 177 -12.35 31.34 16.15
N THR E 178 -11.63 31.86 17.14
CA THR E 178 -12.03 33.03 17.90
C THR E 178 -11.18 34.25 17.64
N LYS E 179 -11.72 35.44 17.97
CA LYS E 179 -10.94 36.67 17.85
C LYS E 179 -10.06 36.81 19.08
N GLY E 180 -10.62 36.48 20.25
CA GLY E 180 -9.88 36.47 21.52
C GLY E 180 -9.06 35.21 21.68
N ASP E 181 -7.98 35.27 22.48
CA ASP E 181 -7.08 34.13 22.72
C ASP E 181 -7.82 32.92 23.27
N ALA E 182 -7.37 31.72 22.86
CA ALA E 182 -7.95 30.45 23.28
C ALA E 182 -6.82 29.53 23.74
N SER E 183 -7.09 28.68 24.75
CA SER E 183 -6.08 27.77 25.31
C SER E 183 -5.55 26.69 24.33
N ARG E 184 -4.25 26.36 24.44
CA ARG E 184 -3.56 25.33 23.66
C ARG E 184 -2.52 24.60 24.54
N PHE E 185 -2.67 23.29 24.68
CA PHE E 185 -1.78 22.40 25.42
C PHE E 185 -0.81 21.80 24.41
N VAL E 186 0.49 21.79 24.74
CA VAL E 186 1.54 21.29 23.84
C VAL E 186 2.38 20.19 24.49
N LEU E 187 2.50 19.05 23.81
CA LEU E 187 3.39 17.97 24.23
C LEU E 187 4.40 17.93 23.11
N GLU E 188 5.65 18.28 23.43
CA GLU E 188 6.77 18.33 22.50
C GLU E 188 7.82 17.31 22.86
N PHE E 189 8.44 16.69 21.86
CA PHE E 189 9.55 15.77 22.06
C PHE E 189 10.56 15.86 20.93
N HIS E 190 11.84 15.76 21.28
CA HIS E 190 12.94 15.79 20.32
C HIS E 190 13.48 14.40 20.16
N ALA E 191 13.81 14.03 18.93
CA ALA E 191 14.36 12.71 18.64
C ALA E 191 15.48 12.80 17.61
N GLU E 192 16.57 12.06 17.87
CA GLU E 192 17.70 11.97 16.94
C GLU E 192 17.73 10.57 16.33
N ARG E 193 18.48 10.41 15.26
CA ARG E 193 18.52 9.17 14.53
C ARG E 193 19.65 8.22 14.90
N HIS E 194 19.40 6.88 14.78
CA HIS E 194 20.40 5.83 14.95
C HIS E 194 21.05 5.69 13.59
N LEU E 195 22.36 5.98 13.53
CA LEU E 195 23.17 6.03 12.30
C LEU E 195 23.55 4.66 11.73
N ASN E 196 23.37 3.57 12.52
CA ASN E 196 23.68 2.19 12.12
C ASN E 196 23.22 1.83 10.72
N TYR E 197 21.95 2.09 10.35
CA TYR E 197 21.48 1.77 8.99
C TYR E 197 22.32 2.48 7.92
N TYR E 198 22.55 3.79 8.08
CA TYR E 198 23.27 4.59 7.10
C TYR E 198 24.73 4.16 7.01
N LEU E 199 25.34 3.80 8.14
CA LEU E 199 26.69 3.31 8.18
C LEU E 199 26.85 1.98 7.39
N MET E 200 25.99 1.01 7.70
CA MET E 200 25.98 -0.34 7.12
C MET E 200 25.55 -0.40 5.69
N ARG E 201 24.55 0.38 5.30
CA ARG E 201 24.02 0.26 3.95
C ARG E 201 24.49 1.31 2.99
N ILE E 202 24.92 2.50 3.47
CA ILE E 202 25.36 3.55 2.55
C ILE E 202 26.86 3.87 2.69
N LEU E 203 27.34 4.30 3.88
CA LEU E 203 28.75 4.68 4.03
C LEU E 203 29.74 3.55 3.71
N ILE E 204 29.70 2.42 4.45
CA ILE E 204 30.58 1.28 4.20
C ILE E 204 30.56 0.86 2.71
N PRO E 205 29.40 0.56 2.04
CA PRO E 205 29.45 0.21 0.60
C PRO E 205 30.12 1.25 -0.29
N VAL E 206 29.73 2.56 -0.16
CA VAL E 206 30.32 3.64 -0.96
C VAL E 206 31.84 3.71 -0.74
N LEU E 207 32.29 3.62 0.52
CA LEU E 207 33.71 3.62 0.85
C LEU E 207 34.45 2.41 0.30
N LEU E 208 33.79 1.24 0.31
CA LEU E 208 34.40 0.01 -0.22
C LEU E 208 34.59 0.14 -1.70
N ILE E 209 33.51 0.50 -2.44
CA ILE E 209 33.57 0.71 -3.87
C ILE E 209 34.76 1.61 -4.23
N ILE E 210 34.95 2.73 -3.49
CA ILE E 210 36.05 3.68 -3.75
C ILE E 210 37.42 3.07 -3.44
N THR E 211 37.55 2.42 -2.27
CA THR E 211 38.83 1.83 -1.85
C THR E 211 39.27 0.65 -2.73
N VAL E 212 38.38 -0.34 -2.96
CA VAL E 212 38.75 -1.50 -3.78
C VAL E 212 38.95 -1.11 -5.26
N SER E 213 38.31 -0.02 -5.70
CA SER E 213 38.51 0.47 -7.06
C SER E 213 39.90 1.04 -7.18
N TRP E 214 40.40 1.66 -6.09
CA TRP E 214 41.74 2.21 -6.10
C TRP E 214 42.82 1.14 -6.13
N PHE E 215 42.54 -0.04 -5.53
CA PHE E 215 43.47 -1.16 -5.51
C PHE E 215 43.87 -1.54 -6.90
N THR E 216 42.91 -1.49 -7.84
CA THR E 216 43.14 -1.88 -9.24
C THR E 216 44.02 -0.90 -10.03
N PHE E 217 44.33 0.27 -9.47
CA PHE E 217 45.23 1.20 -10.14
C PHE E 217 46.64 0.65 -10.18
N PHE E 218 46.98 -0.15 -9.18
CA PHE E 218 48.25 -0.83 -9.08
C PHE E 218 48.47 -1.92 -10.16
N LEU E 219 47.45 -2.19 -11.01
CA LEU E 219 47.51 -3.15 -12.12
C LEU E 219 48.14 -2.51 -13.36
N GLN E 220 48.13 -1.17 -13.40
CA GLN E 220 48.76 -0.36 -14.47
C GLN E 220 48.13 -0.60 -15.89
N ASP E 221 46.78 -0.45 -15.98
CA ASP E 221 46.00 -0.55 -17.23
C ASP E 221 45.08 0.68 -17.29
N TYR E 222 45.43 1.76 -18.08
CA TYR E 222 44.62 3.02 -18.17
C TYR E 222 43.18 2.82 -18.65
N THR E 223 42.98 1.93 -19.63
CA THR E 223 41.68 1.59 -20.20
C THR E 223 40.78 1.03 -19.09
N LYS E 224 41.29 0.02 -18.33
CA LYS E 224 40.58 -0.61 -17.21
C LYS E 224 40.15 0.40 -16.17
N ARG E 225 40.99 1.42 -15.90
CA ARG E 225 40.67 2.45 -14.93
C ARG E 225 39.51 3.31 -15.37
N ILE E 226 39.53 3.76 -16.64
CA ILE E 226 38.44 4.56 -17.20
C ILE E 226 37.10 3.79 -17.13
N ASP E 227 37.11 2.49 -17.50
CA ASP E 227 35.93 1.62 -17.42
C ASP E 227 35.47 1.42 -15.98
N LEU E 228 36.41 1.37 -15.03
CA LEU E 228 36.07 1.22 -13.62
C LEU E 228 35.40 2.47 -13.06
N ALA E 229 36.00 3.66 -13.27
CA ALA E 229 35.41 4.91 -12.81
C ALA E 229 34.02 5.19 -13.48
N GLY E 230 33.87 4.81 -14.75
CA GLY E 230 32.62 4.97 -15.49
C GLY E 230 31.49 4.19 -14.88
N GLY E 231 31.77 2.94 -14.53
CA GLY E 231 30.81 2.06 -13.86
C GLY E 231 30.50 2.50 -12.45
N ASN E 232 31.53 3.02 -11.73
CA ASN E 232 31.40 3.54 -10.36
C ASN E 232 30.43 4.71 -10.36
N LEU E 233 30.52 5.58 -11.37
CA LEU E 233 29.64 6.73 -11.54
C LEU E 233 28.19 6.25 -11.64
N LEU E 234 27.94 5.15 -12.39
CA LEU E 234 26.59 4.62 -12.49
C LEU E 234 26.10 4.09 -11.16
N LEU E 235 27.00 3.44 -10.37
CA LEU E 235 26.66 2.93 -9.05
C LEU E 235 26.22 4.04 -8.13
N PHE E 236 26.93 5.20 -8.17
CA PHE E 236 26.59 6.34 -7.33
C PHE E 236 25.26 6.96 -7.73
N ILE E 237 24.97 7.02 -9.06
CA ILE E 237 23.68 7.46 -9.59
C ILE E 237 22.54 6.56 -9.01
N ALA E 238 22.82 5.26 -8.91
CA ALA E 238 21.89 4.31 -8.32
C ALA E 238 21.71 4.56 -6.81
N PHE E 239 22.80 4.85 -6.05
CA PHE E 239 22.72 5.15 -4.62
C PHE E 239 21.95 6.45 -4.39
N ASN E 240 22.10 7.39 -5.32
CA ASN E 240 21.40 8.68 -5.36
C ASN E 240 19.88 8.47 -5.40
N PHE E 241 19.42 7.46 -6.12
CA PHE E 241 18.01 7.14 -6.16
C PHE E 241 17.58 6.45 -4.88
N THR E 242 18.45 5.60 -4.31
CA THR E 242 18.19 4.90 -3.05
C THR E 242 17.94 5.91 -1.92
N ILE E 243 18.76 6.97 -1.87
CA ILE E 243 18.61 8.02 -0.87
C ILE E 243 17.36 8.84 -1.08
N SER E 244 17.13 9.32 -2.33
CA SER E 244 15.96 10.13 -2.68
C SER E 244 14.60 9.51 -2.27
N SER E 245 14.53 8.17 -2.27
CA SER E 245 13.32 7.45 -1.90
C SER E 245 12.97 7.57 -0.40
N ASP E 246 13.96 7.89 0.48
CA ASP E 246 13.75 8.01 1.94
C ASP E 246 13.15 9.35 2.33
N LEU E 247 13.41 10.38 1.54
CA LEU E 247 12.99 11.73 1.87
C LEU E 247 11.91 12.31 0.97
N PRO E 248 11.24 13.43 1.38
CA PRO E 248 10.30 14.09 0.46
C PRO E 248 11.09 14.76 -0.66
N ARG E 249 10.40 15.26 -1.72
CA ARG E 249 11.10 15.92 -2.82
C ARG E 249 11.38 17.36 -2.44
N LEU E 250 12.25 17.52 -1.45
CA LEU E 250 12.65 18.80 -0.86
C LEU E 250 13.11 19.83 -1.88
N GLY E 251 12.99 21.09 -1.48
CA GLY E 251 13.42 22.21 -2.29
C GLY E 251 14.81 22.68 -1.89
N TYR E 252 15.45 21.96 -0.93
CA TYR E 252 16.79 22.27 -0.42
C TYR E 252 17.75 21.07 -0.45
N ILE E 253 19.07 21.36 -0.37
CA ILE E 253 20.13 20.34 -0.41
C ILE E 253 20.43 19.81 1.02
N THR E 254 20.51 18.49 1.07
CA THR E 254 20.78 17.66 2.23
C THR E 254 22.28 17.47 2.33
N LEU E 255 22.79 17.09 3.52
CA LEU E 255 24.20 16.73 3.70
C LEU E 255 24.45 15.47 2.87
N MET E 256 23.48 14.55 2.85
CA MET E 256 23.54 13.32 2.07
C MET E 256 23.62 13.63 0.57
N ASP E 257 22.80 14.60 0.10
CA ASP E 257 22.76 15.05 -1.30
C ASP E 257 24.08 15.59 -1.74
N ALA E 258 24.70 16.42 -0.88
CA ALA E 258 26.00 17.02 -1.13
C ALA E 258 27.06 15.93 -1.22
N PHE E 259 26.96 14.94 -0.31
CA PHE E 259 27.87 13.80 -0.29
C PHE E 259 27.81 13.01 -1.61
N LEU E 260 26.59 12.74 -2.14
CA LEU E 260 26.46 12.00 -3.40
C LEU E 260 26.89 12.80 -4.61
N VAL E 261 26.52 14.10 -4.65
CA VAL E 261 26.93 14.99 -5.73
C VAL E 261 28.47 15.11 -5.73
N GLY E 262 29.06 15.06 -4.54
CA GLY E 262 30.50 15.08 -4.35
C GLY E 262 31.17 13.89 -4.99
N THR E 263 30.65 12.67 -4.72
CA THR E 263 31.21 11.47 -5.31
C THR E 263 31.06 11.48 -6.84
N PHE E 264 29.97 12.11 -7.38
CA PHE E 264 29.79 12.24 -8.84
C PHE E 264 30.88 13.10 -9.42
N ILE E 265 31.08 14.30 -8.84
CA ILE E 265 32.08 15.24 -9.30
C ILE E 265 33.47 14.62 -9.27
N ILE E 266 33.87 13.98 -8.16
CA ILE E 266 35.20 13.36 -8.12
C ILE E 266 35.32 12.25 -9.18
N THR E 267 34.34 11.34 -9.26
CA THR E 267 34.36 10.26 -10.26
C THR E 267 34.41 10.81 -11.70
N ALA E 268 33.67 11.89 -11.99
CA ALA E 268 33.69 12.55 -13.29
C ALA E 268 35.10 13.03 -13.60
N LEU E 269 35.78 13.63 -12.59
CA LEU E 269 37.14 14.14 -12.72
C LEU E 269 38.17 13.03 -12.82
N VAL E 270 37.93 11.87 -12.15
CA VAL E 270 38.80 10.69 -12.26
C VAL E 270 38.77 10.20 -13.73
N VAL E 271 37.56 10.11 -14.35
CA VAL E 271 37.45 9.73 -15.76
C VAL E 271 38.22 10.75 -16.60
N LEU E 272 37.99 12.06 -16.37
CA LEU E 272 38.65 13.16 -17.08
C LEU E 272 40.18 13.11 -16.98
N GLY E 273 40.69 12.94 -15.76
CA GLY E 273 42.11 12.85 -15.47
C GLY E 273 42.77 11.67 -16.17
N ASN E 274 42.20 10.47 -16.01
CA ASN E 274 42.75 9.28 -16.64
C ASN E 274 42.66 9.28 -18.17
N VAL E 275 41.63 9.97 -18.74
CA VAL E 275 41.55 10.12 -20.20
C VAL E 275 42.72 11.04 -20.60
N TRP E 276 42.93 12.12 -19.82
CA TRP E 276 43.98 13.10 -20.04
C TRP E 276 45.40 12.50 -19.93
N LEU E 277 45.65 11.69 -18.89
CA LEU E 277 46.91 10.99 -18.70
C LEU E 277 47.20 9.97 -19.80
N ARG E 278 46.17 9.26 -20.30
CA ARG E 278 46.33 8.32 -21.41
C ARG E 278 46.61 9.12 -22.67
N ARG E 279 46.02 10.34 -22.80
CA ARG E 279 46.25 11.20 -23.95
C ARG E 279 47.67 11.71 -23.91
N LEU E 280 48.26 11.95 -22.71
CA LEU E 280 49.67 12.37 -22.54
C LEU E 280 50.64 11.27 -22.92
N GLU E 281 50.36 9.99 -22.51
CA GLU E 281 51.15 8.82 -22.88
C GLU E 281 51.26 8.78 -24.41
N ASN E 282 50.09 8.85 -25.09
CA ASN E 282 49.97 8.80 -26.54
C ASN E 282 50.67 9.94 -27.25
N HIS E 283 50.94 11.07 -26.57
CA HIS E 283 51.60 12.22 -27.17
C HIS E 283 53.01 12.40 -26.70
N GLY E 284 53.75 11.32 -26.59
CA GLY E 284 55.14 11.47 -26.21
C GLY E 284 55.64 10.50 -25.21
N GLN E 286 58.07 5.19 -21.53
CA GLN E 286 58.57 4.08 -20.70
C GLN E 286 58.85 4.61 -19.30
N ALA E 287 59.87 5.49 -19.12
CA ALA E 287 60.10 6.15 -17.84
C ALA E 287 59.04 7.25 -17.67
N LEU E 288 58.51 7.80 -18.81
CA LEU E 288 57.43 8.81 -18.81
C LEU E 288 56.18 8.11 -18.42
N ALA E 289 55.94 6.94 -19.04
CA ALA E 289 54.75 6.14 -18.82
C ALA E 289 54.56 5.87 -17.34
N ARG E 290 55.63 5.36 -16.71
CA ARG E 290 55.66 5.02 -15.30
C ARG E 290 55.68 6.26 -14.41
N LYS E 291 56.18 7.40 -14.92
CA LYS E 291 56.15 8.68 -14.18
C LYS E 291 54.73 9.20 -14.12
N LEU E 292 54.00 9.17 -15.25
CA LEU E 292 52.61 9.65 -15.30
C LEU E 292 51.71 8.81 -14.43
N ASP E 293 51.97 7.50 -14.39
CA ASP E 293 51.24 6.50 -13.62
C ASP E 293 51.14 6.86 -12.11
N ILE E 294 52.22 7.45 -11.55
CA ILE E 294 52.34 7.92 -10.18
C ILE E 294 51.32 8.99 -9.91
N TYR E 295 51.11 9.91 -10.88
CA TYR E 295 50.11 10.96 -10.74
C TYR E 295 48.75 10.35 -10.70
N ALA E 296 48.43 9.45 -11.65
CA ALA E 296 47.14 8.77 -11.72
C ALA E 296 46.78 8.05 -10.42
N ILE E 297 47.74 7.30 -9.85
CA ILE E 297 47.57 6.55 -8.60
C ILE E 297 47.44 7.47 -7.40
N THR E 298 48.24 8.55 -7.31
CA THR E 298 48.13 9.44 -6.16
C THR E 298 47.00 10.50 -6.31
N SER E 299 46.50 10.74 -7.53
CA SER E 299 45.40 11.67 -7.81
C SER E 299 44.16 11.22 -7.07
N TYR E 300 43.74 9.96 -7.34
CA TYR E 300 42.56 9.30 -6.81
C TYR E 300 42.33 9.54 -5.30
N PRO E 301 43.26 9.15 -4.37
CA PRO E 301 43.03 9.42 -2.94
C PRO E 301 42.97 10.90 -2.59
N LEU E 302 43.80 11.74 -3.23
CA LEU E 302 43.82 13.18 -2.99
C LEU E 302 42.52 13.87 -3.39
N ALA E 303 41.90 13.42 -4.51
CA ALA E 303 40.64 13.96 -5.02
C ALA E 303 39.48 13.70 -4.05
N TYR E 304 39.37 12.45 -3.53
CA TYR E 304 38.36 12.06 -2.53
C TYR E 304 38.62 12.72 -1.17
N LEU E 305 39.89 12.85 -0.78
CA LEU E 305 40.23 13.52 0.47
C LEU E 305 39.98 15.02 0.40
N LEU E 306 40.09 15.63 -0.81
CA LEU E 306 39.80 17.04 -1.05
C LEU E 306 38.28 17.29 -1.03
N GLY E 307 37.54 16.33 -1.58
CA GLY E 307 36.08 16.41 -1.62
C GLY E 307 35.46 16.34 -0.24
N ALA E 308 35.98 15.40 0.58
CA ALA E 308 35.57 15.16 1.97
C ALA E 308 35.79 16.41 2.82
N LEU E 309 36.93 17.12 2.60
CA LEU E 309 37.24 18.36 3.30
C LEU E 309 36.34 19.50 2.86
N THR E 310 35.85 19.48 1.61
CA THR E 310 34.95 20.49 1.07
C THR E 310 33.56 20.43 1.73
N LEU E 311 32.92 19.24 1.78
CA LEU E 311 31.61 19.06 2.41
C LEU E 311 31.67 19.34 3.89
N TRP E 312 32.67 18.74 4.58
CA TRP E 312 32.88 18.88 6.01
C TRP E 312 33.04 20.36 6.40
N LEU E 313 33.59 21.19 5.48
CA LEU E 313 33.70 22.63 5.71
C LEU E 313 32.36 23.31 5.43
N LEU E 314 31.74 23.01 4.26
CA LEU E 314 30.45 23.56 3.84
C LEU E 314 29.25 23.28 4.77
N PHE E 315 29.31 22.19 5.58
CA PHE E 315 28.25 21.81 6.52
C PHE E 315 28.63 21.92 8.00
N PHE E 316 29.94 22.13 8.32
CA PHE E 316 30.43 22.25 9.70
C PHE E 316 31.56 23.28 9.82
O1 PG4 F . -17.86 -3.80 29.82
C1 PG4 F . -17.39 -3.95 28.47
C2 PG4 F . -16.56 -2.80 27.93
O2 PG4 F . -17.19 -2.37 26.72
C3 PG4 F . -16.61 -1.32 25.97
C4 PG4 F . -17.72 -0.59 25.29
O3 PG4 F . -17.35 0.11 24.10
C5 PG4 F . -18.28 1.13 23.75
C6 PG4 F . -17.84 2.50 24.23
O4 PG4 F . -17.65 2.55 25.64
C7 PG4 F . -16.45 3.21 26.03
C8 PG4 F . -15.67 2.39 27.02
O5 PG4 F . -14.43 3.00 27.35
O1 PG4 G . -29.61 -12.14 14.20
C1 PG4 G . -28.63 -11.50 13.33
C2 PG4 G . -27.25 -11.21 13.93
O2 PG4 G . -27.02 -9.80 13.80
C3 PG4 G . -25.78 -9.27 14.24
C4 PG4 G . -26.06 -7.86 14.70
O3 PG4 G . -24.92 -7.00 14.63
C5 PG4 G . -25.07 -5.85 15.47
C6 PG4 G . -24.42 -6.02 16.83
O4 PG4 G . -24.95 -7.12 17.58
C7 PG4 G . -23.95 -7.90 18.25
C8 PG4 G . -24.00 -9.35 17.83
O5 PG4 G . -22.86 -10.12 18.28
C1 BNG H . 33.41 -4.13 -12.81
C2 BNG H . 32.46 -4.61 -13.90
C3 BNG H . 32.25 -3.48 -14.91
C4 BNG H . 31.83 -2.17 -14.23
C5 BNG H . 32.78 -1.84 -13.07
C6 BNG H . 32.37 -0.64 -12.23
C1' BNG H . 34.66 -4.95 -10.96
C2' BNG H . 36.05 -5.22 -11.51
C3' BNG H . 37.14 -5.37 -10.46
C4' BNG H . 37.73 -4.10 -9.90
C5' BNG H . 37.46 -3.87 -8.42
C6' BNG H . 36.49 -2.73 -8.12
C7' BNG H . 35.07 -3.19 -7.91
C8' BNG H . 34.06 -2.11 -8.08
C9' BNG H . 32.94 -2.58 -8.87
O1 BNG H . 33.62 -5.18 -11.91
O2 BNG H . 32.97 -5.80 -14.53
O3 BNG H . 31.29 -3.85 -15.91
O4 BNG H . 31.80 -1.11 -15.19
O5 BNG H . 32.89 -2.96 -12.17
O6 BNG H . 31.25 -0.92 -11.41
C1 BNG I . 30.66 -12.23 -13.86
C2 BNG I . 31.68 -11.40 -14.65
C3 BNG I . 32.36 -10.36 -13.75
C4 BNG I . 31.32 -9.53 -13.01
C5 BNG I . 30.34 -10.44 -12.25
C6 BNG I . 29.21 -9.71 -11.54
C1' BNG I . 30.20 -14.50 -14.45
C2' BNG I . 31.47 -15.08 -15.07
C3' BNG I . 31.80 -16.56 -14.84
C4' BNG I . 32.29 -16.97 -13.46
C5' BNG I . 31.21 -17.48 -12.52
C6' BNG I . 30.87 -16.55 -11.36
C7' BNG I . 29.40 -16.18 -11.22
C8' BNG I . 29.14 -15.13 -10.17
C9' BNG I . 29.41 -13.70 -10.62
O1 BNG I . 30.02 -13.11 -14.75
O2 BNG I . 32.68 -12.25 -15.23
O3 BNG I . 33.24 -9.51 -14.50
O4 BNG I . 31.98 -8.59 -12.16
O5 BNG I . 29.73 -11.39 -13.17
O6 BNG I . 28.47 -8.85 -12.38
O1 PG4 J . -34.66 3.56 0.99
C1 PG4 J . -33.26 3.82 0.95
C2 PG4 J . -32.35 2.66 1.32
O2 PG4 J . -31.56 3.12 2.43
C3 PG4 J . -30.58 2.24 2.96
C4 PG4 J . -30.45 2.54 4.42
O3 PG4 J . -29.18 2.21 4.98
C5 PG4 J . -29.22 2.07 6.40
C6 PG4 J . -29.38 0.63 6.82
O4 PG4 J . -30.58 0.03 6.33
C7 PG4 J . -30.37 -1.30 5.83
C8 PG4 J . -30.90 -1.44 4.42
O5 PG4 J . -30.57 -2.71 3.83
C1 BNG K . 25.72 -12.39 -21.70
C2 BNG K . 27.24 -12.39 -21.50
C3 BNG K . 27.60 -12.80 -20.07
C4 BNG K . 26.86 -11.93 -19.07
C5 BNG K . 25.35 -12.01 -19.32
C6 BNG K . 24.55 -11.07 -18.45
C1' BNG K . 24.82 -12.75 -23.91
C2' BNG K . 25.83 -13.32 -24.90
C3' BNG K . 25.29 -14.05 -26.13
C4' BNG K . 24.78 -15.48 -25.96
C5' BNG K . 23.30 -15.63 -25.66
C6' BNG K . 22.97 -15.88 -24.20
C7' BNG K . 21.83 -15.04 -23.66
C8' BNG K . 21.70 -15.06 -22.16
C9' BNG K . 22.70 -14.22 -21.48
O1 BNG K . 25.43 -11.84 -22.99
O2 BNG K . 27.89 -13.26 -22.44
O3 BNG K . 29.01 -12.71 -19.86
O4 BNG K . 27.20 -12.31 -17.74
O5 BNG K . 25.06 -11.63 -20.70
O6 BNG K . 24.46 -11.50 -17.10
O1 PG4 L . -26.28 21.60 8.32
C1 PG4 L . -25.05 20.80 8.37
C2 PG4 L . -24.89 19.68 7.31
O2 PG4 L . -25.41 18.40 7.68
C3 PG4 L . -24.50 17.29 7.65
C4 PG4 L . -24.97 16.22 8.61
O3 PG4 L . -24.38 14.95 8.44
C5 PG4 L . -25.13 13.89 9.03
C6 PG4 L . -26.06 13.17 8.06
O4 PG4 L . -26.94 14.06 7.39
C7 PG4 L . -26.97 13.87 5.97
C8 PG4 L . -26.92 15.18 5.24
O5 PG4 L . -26.85 15.02 3.83
C1 BNG M . 25.45 -3.77 -25.17
C2 BNG M . 26.59 -4.80 -25.15
C3 BNG M . 25.99 -6.18 -25.40
C4 BNG M . 24.91 -6.49 -24.38
C5 BNG M . 23.84 -5.39 -24.41
C6 BNG M . 22.74 -5.55 -23.37
C1' BNG M . 25.68 -1.62 -26.15
C2' BNG M . 26.73 -1.68 -27.25
C3' BNG M . 26.47 -0.83 -28.49
C4' BNG M . 25.60 -1.46 -29.56
C5' BNG M . 24.36 -0.66 -29.91
C6' BNG M . 23.06 -1.35 -29.56
C7' BNG M . 22.54 -0.99 -28.19
C8' BNG M . 21.61 -2.02 -27.60
C9' BNG M . 21.90 -2.26 -26.16
O1 BNG M . 25.99 -2.48 -25.05
O2 BNG M . 27.60 -4.48 -26.10
O3 BNG M . 26.99 -7.21 -25.44
O4 BNG M . 24.35 -7.77 -24.65
O5 BNG M . 24.44 -4.08 -24.22
O6 BNG M . 23.23 -5.56 -22.03
O1 PG4 N . -15.75 17.02 26.21
C1 PG4 N . -15.16 16.01 25.31
C2 PG4 N . -15.01 16.36 23.77
O2 PG4 N . -16.09 15.99 22.91
C3 PG4 N . -15.83 15.05 21.87
C4 PG4 N . -17.07 14.24 21.55
O3 PG4 N . -17.05 13.55 20.30
C5 PG4 N . -18.36 13.15 19.86
C6 PG4 N . -19.03 14.11 18.90
O4 PG4 N . -19.14 15.43 19.44
C7 PG4 N . -18.74 16.46 18.54
C8 PG4 N . -17.70 17.37 19.16
O5 PG4 N . -17.11 18.23 18.17
C1 BNG O . 29.95 1.56 -19.58
C2 BNG O . 30.41 0.42 -20.49
C3 BNG O . 29.33 0.07 -21.52
C4 BNG O . 28.04 -0.27 -20.80
C5 BNG O . 27.60 0.90 -19.92
C6 BNG O . 26.41 0.57 -19.03
C1' BNG O . 31.56 2.97 -18.50
C2' BNG O . 32.88 2.95 -19.25
C3' BNG O . 33.84 4.11 -18.98
C4' BNG O . 33.52 5.44 -19.66
C5' BNG O . 32.85 6.46 -18.76
C6' BNG O . 31.41 6.77 -19.14
C7' BNG O . 30.36 6.26 -18.17
C8' BNG O . 29.05 5.95 -18.84
C9' BNG O . 28.33 4.84 -18.23
O1 BNG O . 30.90 1.70 -18.55
O2 BNG O . 31.64 0.76 -21.14
O3 BNG O . 29.74 -1.01 -22.35
O4 BNG O . 27.06 -0.68 -21.75
O5 BNG O . 28.67 1.29 -19.02
O6 BNG O . 25.21 0.29 -19.73
#